data_4R74
#
_entry.id   4R74
#
_cell.length_a   43.202
_cell.length_b   96.988
_cell.length_c   145.075
_cell.angle_alpha   90.00
_cell.angle_beta   95.93
_cell.angle_gamma   90.00
#
_symmetry.space_group_name_H-M   'P 1 21 1'
#
loop_
_entity.id
_entity.type
_entity.pdbx_description
1 polymer 'ABC-type Fe3+ transport system, periplasmic component'
2 non-polymer 6-O-phosphono-beta-D-fructofuranose
3 non-polymer GLYCEROL
4 non-polymer 2-AMINO-2-HYDROXYMETHYL-PROPANE-1,3-DIOL
5 non-polymer 'MAGNESIUM ION'
6 water water
#
_entity_poly.entity_id   1
_entity_poly.type   'polypeptide(L)'
_entity_poly.pdbx_seq_one_letter_code
;GSKGRLVIYCSATNVMCENAAKTFEQKYDVKTSFIRNGSGSTFAKIEAEKNNPQADVWYGGTLDPQSQAGELGLLEAYRS
PNIDQIMPKFQDPAKVKGNLSSAVYIGILGFAVNTERLKKLGIEKIPQCWNDLTDPKLKGEIQIADPQSSGTAYTAIATF
AQLWGEDKAFDYFKHLHPNISQYTKSGITPARNAARGETTVGIGFLHDYALEKEQGAPLEMVVPCEGTGYELGGVSILKG
ARNLDNAKLFVDFALSKEGQETAWKKGQALQTLTNTTAEQSPLAFDLTKLKLIDYDFEKYGASDERKRLINKWVDEIKLA
K
;
_entity_poly.pdbx_strand_id   A,B,C,D
#
loop_
_chem_comp.id
_chem_comp.type
_chem_comp.name
_chem_comp.formula
F6P D-saccharide, beta linking 6-O-phosphono-beta-D-fructofuranose 'C6 H13 O9 P'
GOL non-polymer GLYCEROL 'C3 H8 O3'
MG non-polymer 'MAGNESIUM ION' 'Mg 2'
TRS non-polymer 2-AMINO-2-HYDROXYMETHYL-PROPANE-1,3-DIOL 'C4 H12 N O3 1'
#
# COMPACT_ATOMS: atom_id res chain seq x y z
N SER A 2 3.10 -11.46 -16.59
CA SER A 2 1.87 -11.62 -15.79
C SER A 2 0.55 -11.69 -16.54
N LYS A 3 0.05 -12.87 -16.75
CA LYS A 3 -1.15 -13.10 -17.47
C LYS A 3 -2.45 -12.65 -16.73
N GLY A 4 -2.53 -11.36 -16.44
CA GLY A 4 -3.72 -10.81 -15.84
C GLY A 4 -3.66 -10.69 -14.33
N ARG A 5 -4.81 -10.39 -13.73
CA ARG A 5 -4.93 -10.21 -12.28
C ARG A 5 -6.10 -11.01 -11.72
N LEU A 6 -6.11 -11.17 -10.40
CA LEU A 6 -7.19 -11.86 -9.71
C LEU A 6 -7.30 -11.35 -8.27
N VAL A 7 -8.50 -10.98 -7.84
CA VAL A 7 -8.72 -10.58 -6.45
C VAL A 7 -9.63 -11.60 -5.79
N ILE A 8 -9.16 -12.15 -4.67
CA ILE A 8 -9.89 -13.21 -3.99
C ILE A 8 -10.49 -12.70 -2.67
N TYR A 9 -11.77 -12.92 -2.44
CA TYR A 9 -12.28 -12.84 -1.07
C TYR A 9 -12.15 -14.23 -0.48
N CYS A 10 -11.26 -14.39 0.50
CA CYS A 10 -11.01 -15.69 1.08
C CYS A 10 -11.64 -15.81 2.47
N SER A 11 -12.26 -16.96 2.76
CA SER A 11 -12.85 -17.17 4.08
C SER A 11 -12.26 -18.37 4.81
N ALA A 12 -11.16 -18.92 4.30
CA ALA A 12 -10.42 -19.95 5.03
C ALA A 12 -9.39 -19.25 5.93
N THR A 13 -8.44 -19.99 6.48
CA THR A 13 -7.41 -19.35 7.30
C THR A 13 -6.42 -18.58 6.43
N ASN A 14 -5.81 -17.56 6.99
CA ASN A 14 -4.79 -16.78 6.28
C ASN A 14 -3.73 -17.66 5.61
N VAL A 15 -3.26 -18.66 6.35
CA VAL A 15 -2.19 -19.51 5.85
C VAL A 15 -2.66 -20.32 4.62
N MET A 16 -3.90 -20.80 4.65
CA MET A 16 -4.44 -21.56 3.52
CA MET A 16 -4.43 -21.56 3.53
C MET A 16 -4.65 -20.66 2.31
N CYS A 17 -5.25 -19.49 2.56
CA CYS A 17 -5.53 -18.48 1.53
C CYS A 17 -4.23 -18.00 0.85
N GLU A 18 -3.24 -17.66 1.66
CA GLU A 18 -1.94 -17.24 1.15
C GLU A 18 -1.26 -18.30 0.31
N ASN A 19 -1.30 -19.55 0.77
CA ASN A 19 -0.72 -20.62 -0.02
C ASN A 19 -1.47 -20.85 -1.33
N ALA A 20 -2.79 -20.74 -1.30
CA ALA A 20 -3.57 -20.88 -2.54
C ALA A 20 -3.26 -19.76 -3.52
N ALA A 21 -3.22 -18.52 -3.02
CA ALA A 21 -3.00 -17.36 -3.88
C ALA A 21 -1.60 -17.40 -4.48
N LYS A 22 -0.61 -17.77 -3.66
CA LYS A 22 0.77 -17.87 -4.14
C LYS A 22 0.96 -19.02 -5.13
N THR A 23 0.35 -20.15 -4.86
CA THR A 23 0.47 -21.31 -5.74
C THR A 23 -0.20 -21.05 -7.10
N PHE A 24 -1.34 -20.38 -7.07
CA PHE A 24 -2.04 -19.97 -8.29
C PHE A 24 -1.20 -18.98 -9.10
N GLU A 25 -0.72 -17.94 -8.43
CA GLU A 25 0.13 -16.93 -9.07
C GLU A 25 1.37 -17.54 -9.71
N GLN A 26 1.98 -18.51 -9.03
CA GLN A 26 3.20 -19.11 -9.55
C GLN A 26 2.89 -20.09 -10.67
N LYS A 27 1.78 -20.80 -10.57
CA LYS A 27 1.42 -21.77 -11.59
C LYS A 27 0.99 -21.08 -12.87
N TYR A 28 0.23 -19.99 -12.76
CA TYR A 28 -0.45 -19.41 -13.91
C TYR A 28 -0.04 -17.98 -14.26
N ASP A 29 0.93 -17.45 -13.52
CA ASP A 29 1.43 -16.08 -13.73
C ASP A 29 0.40 -14.98 -13.55
N VAL A 30 -0.63 -15.24 -12.77
CA VAL A 30 -1.65 -14.22 -12.49
C VAL A 30 -1.29 -13.44 -11.23
N LYS A 31 -1.29 -12.12 -11.33
CA LYS A 31 -1.08 -11.25 -10.17
C LYS A 31 -2.23 -11.39 -9.18
N THR A 32 -2.02 -12.21 -8.16
CA THR A 32 -3.13 -12.62 -7.28
C THR A 32 -3.02 -12.00 -5.89
N SER A 33 -4.13 -11.45 -5.41
CA SER A 33 -4.20 -10.93 -4.05
C SER A 33 -5.47 -11.44 -3.39
N PHE A 34 -5.51 -11.43 -2.05
CA PHE A 34 -6.71 -11.83 -1.33
C PHE A 34 -6.98 -10.94 -0.15
N ILE A 35 -8.24 -10.88 0.23
CA ILE A 35 -8.66 -10.26 1.48
C ILE A 35 -9.41 -11.32 2.30
N ARG A 36 -8.99 -11.53 3.54
CA ARG A 36 -9.55 -12.61 4.33
C ARG A 36 -10.62 -12.11 5.30
N ASN A 37 -11.79 -12.75 5.28
CA ASN A 37 -12.82 -12.44 6.25
C ASN A 37 -13.73 -13.64 6.43
N GLY A 38 -14.49 -13.63 7.52
CA GLY A 38 -15.42 -14.73 7.79
C GLY A 38 -16.44 -14.95 6.69
N SER A 39 -17.01 -16.14 6.66
CA SER A 39 -18.00 -16.51 5.64
C SER A 39 -19.21 -15.59 5.67
N GLY A 40 -19.75 -15.33 6.86
CA GLY A 40 -20.85 -14.40 7.01
C GLY A 40 -20.45 -12.95 6.73
N SER A 41 -19.32 -12.53 7.29
CA SER A 41 -18.80 -11.18 7.04
C SER A 41 -18.56 -10.94 5.55
N THR A 42 -18.11 -11.98 4.85
CA THR A 42 -17.77 -11.85 3.42
C THR A 42 -19.04 -11.75 2.57
N PHE A 43 -20.06 -12.53 2.93
CA PHE A 43 -21.37 -12.40 2.29
C PHE A 43 -21.95 -11.00 2.38
N ALA A 44 -21.89 -10.41 3.57
CA ALA A 44 -22.47 -9.10 3.80
C ALA A 44 -21.76 -8.08 2.93
N LYS A 45 -20.46 -8.26 2.80
CA LYS A 45 -19.60 -7.36 2.04
C LYS A 45 -19.90 -7.47 0.55
N ILE A 46 -20.04 -8.70 0.06
CA ILE A 46 -20.36 -8.92 -1.34
C ILE A 46 -21.74 -8.36 -1.66
N GLU A 47 -22.69 -8.60 -0.78
CA GLU A 47 -24.05 -8.09 -0.98
C GLU A 47 -24.03 -6.58 -1.03
N ALA A 48 -23.24 -5.96 -0.15
CA ALA A 48 -23.13 -4.51 -0.11
C ALA A 48 -22.47 -3.96 -1.36
N GLU A 49 -21.56 -4.73 -1.95
CA GLU A 49 -20.82 -4.27 -3.11
C GLU A 49 -21.45 -4.69 -4.44
N LYS A 50 -22.69 -5.18 -4.40
CA LYS A 50 -23.27 -5.85 -5.58
C LYS A 50 -23.35 -4.98 -6.84
N ASN A 51 -23.42 -3.67 -6.67
CA ASN A 51 -23.48 -2.78 -7.83
C ASN A 51 -22.12 -2.57 -8.49
N ASN A 52 -21.04 -2.76 -7.73
CA ASN A 52 -19.70 -2.53 -8.24
C ASN A 52 -18.70 -3.47 -7.56
N PRO A 53 -18.76 -4.77 -7.91
CA PRO A 53 -18.02 -5.83 -7.22
C PRO A 53 -16.52 -5.55 -7.15
N GLN A 54 -15.94 -5.85 -5.99
CA GLN A 54 -14.55 -5.49 -5.73
C GLN A 54 -13.62 -6.70 -5.76
N ALA A 55 -14.21 -7.89 -5.77
CA ALA A 55 -13.42 -9.12 -5.89
C ALA A 55 -13.88 -9.91 -7.11
N ASP A 56 -13.10 -10.91 -7.50
CA ASP A 56 -13.46 -11.77 -8.61
C ASP A 56 -14.02 -13.12 -8.15
N VAL A 57 -13.39 -13.70 -7.13
CA VAL A 57 -13.81 -15.00 -6.62
CA VAL A 57 -13.74 -15.03 -6.62
C VAL A 57 -13.92 -14.99 -5.11
N TRP A 58 -14.79 -15.85 -4.60
CA TRP A 58 -14.98 -16.07 -3.17
C TRP A 58 -14.47 -17.47 -2.91
N TYR A 59 -13.42 -17.61 -2.11
CA TYR A 59 -12.79 -18.92 -1.92
C TYR A 59 -12.74 -19.31 -0.44
N GLY A 60 -13.25 -20.50 -0.13
CA GLY A 60 -13.22 -21.03 1.22
C GLY A 60 -14.35 -20.52 2.10
N GLY A 61 -14.33 -20.87 3.38
CA GLY A 61 -15.45 -20.57 4.25
C GLY A 61 -16.55 -21.55 3.92
N THR A 62 -17.66 -21.46 4.64
CA THR A 62 -18.70 -22.47 4.52
C THR A 62 -19.58 -22.23 3.30
N LEU A 63 -20.25 -23.29 2.85
CA LEU A 63 -21.07 -23.20 1.64
C LEU A 63 -22.34 -22.37 1.81
N ASP A 64 -22.96 -22.44 3.00
CA ASP A 64 -24.30 -21.86 3.19
C ASP A 64 -24.40 -20.39 2.75
N PRO A 65 -23.43 -19.53 3.12
CA PRO A 65 -23.51 -18.13 2.67
C PRO A 65 -23.29 -17.97 1.17
N GLN A 66 -22.46 -18.83 0.58
CA GLN A 66 -22.25 -18.78 -0.87
C GLN A 66 -23.54 -19.24 -1.60
N SER A 67 -24.18 -20.27 -1.07
CA SER A 67 -25.47 -20.72 -1.61
C SER A 67 -26.49 -19.57 -1.55
N GLN A 68 -26.48 -18.87 -0.41
CA GLN A 68 -27.38 -17.75 -0.24
C GLN A 68 -27.06 -16.63 -1.23
N ALA A 69 -25.79 -16.34 -1.43
CA ALA A 69 -25.38 -15.37 -2.44
C ALA A 69 -25.84 -15.81 -3.84
N GLY A 70 -25.78 -17.11 -4.12
CA GLY A 70 -26.26 -17.63 -5.40
C GLY A 70 -27.73 -17.32 -5.59
N GLU A 71 -28.51 -17.55 -4.55
CA GLU A 71 -29.95 -17.34 -4.54
C GLU A 71 -30.28 -15.87 -4.81
N LEU A 72 -29.44 -14.98 -4.28
CA LEU A 72 -29.71 -13.55 -4.36
C LEU A 72 -29.16 -12.90 -5.62
N GLY A 73 -28.61 -13.70 -6.54
CA GLY A 73 -28.12 -13.17 -7.80
C GLY A 73 -26.75 -12.52 -7.73
N LEU A 74 -25.97 -12.86 -6.71
CA LEU A 74 -24.66 -12.22 -6.48
C LEU A 74 -23.51 -12.94 -7.19
N LEU A 75 -23.81 -14.12 -7.75
CA LEU A 75 -22.78 -15.00 -8.30
C LEU A 75 -22.90 -15.22 -9.81
N GLU A 76 -21.81 -15.65 -10.41
CA GLU A 76 -21.75 -15.96 -11.83
C GLU A 76 -21.57 -17.46 -12.05
N ALA A 77 -22.55 -18.12 -12.67
CA ALA A 77 -22.49 -19.57 -12.88
C ALA A 77 -21.31 -20.00 -13.75
N TYR A 78 -20.54 -20.98 -13.29
CA TYR A 78 -19.48 -21.57 -14.10
C TYR A 78 -19.17 -22.97 -13.63
N ARG A 79 -19.39 -23.94 -14.51
CA ARG A 79 -19.08 -25.33 -14.19
C ARG A 79 -17.73 -25.70 -14.75
N SER A 80 -16.78 -25.87 -13.87
CA SER A 80 -15.45 -26.27 -14.25
C SER A 80 -15.47 -27.72 -14.75
N PRO A 81 -14.67 -28.02 -15.77
CA PRO A 81 -14.54 -29.43 -16.20
C PRO A 81 -14.01 -30.32 -15.09
N ASN A 82 -13.38 -29.73 -14.08
CA ASN A 82 -12.90 -30.49 -12.94
C ASN A 82 -14.02 -30.99 -12.01
N ILE A 83 -15.23 -30.47 -12.19
CA ILE A 83 -16.39 -30.95 -11.42
C ILE A 83 -16.59 -32.46 -11.60
N ASP A 84 -16.25 -32.96 -12.77
CA ASP A 84 -16.33 -34.41 -13.05
C ASP A 84 -15.52 -35.25 -12.06
N GLN A 85 -14.47 -34.67 -11.47
CA GLN A 85 -13.63 -35.38 -10.51
C GLN A 85 -14.09 -35.23 -9.05
N ILE A 86 -15.06 -34.36 -8.84
CA ILE A 86 -15.54 -34.10 -7.49
C ILE A 86 -16.49 -35.23 -7.08
N MET A 87 -16.47 -35.62 -5.81
CA MET A 87 -17.47 -36.56 -5.27
C MET A 87 -18.85 -36.23 -5.84
N PRO A 88 -19.50 -37.21 -6.51
CA PRO A 88 -20.77 -36.92 -7.20
C PRO A 88 -21.85 -36.31 -6.29
N LYS A 89 -21.90 -36.74 -5.03
CA LYS A 89 -22.81 -36.20 -4.04
C LYS A 89 -22.67 -34.67 -3.91
N PHE A 90 -21.45 -34.18 -4.10
CA PHE A 90 -21.17 -32.76 -3.87
C PHE A 90 -20.79 -31.98 -5.13
N GLN A 91 -21.11 -32.53 -6.31
CA GLN A 91 -20.71 -31.87 -7.55
C GLN A 91 -21.45 -30.53 -7.78
N ASP A 92 -22.68 -30.42 -7.31
CA ASP A 92 -23.47 -29.19 -7.50
C ASP A 92 -24.43 -29.01 -6.32
N PRO A 93 -23.87 -28.80 -5.12
CA PRO A 93 -24.61 -28.99 -3.87
C PRO A 93 -25.50 -27.81 -3.39
N ALA A 94 -25.31 -26.62 -3.95
CA ALA A 94 -25.99 -25.44 -3.41
C ALA A 94 -27.48 -25.37 -3.79
N LYS A 95 -28.17 -24.34 -3.30
CA LYS A 95 -29.61 -24.19 -3.51
CA LYS A 95 -29.61 -24.20 -3.51
C LYS A 95 -29.95 -24.04 -4.98
N VAL A 96 -29.31 -23.07 -5.63
CA VAL A 96 -29.52 -22.82 -7.05
C VAL A 96 -28.51 -23.66 -7.84
N LYS A 97 -29.00 -24.56 -8.67
CA LYS A 97 -28.12 -25.44 -9.43
C LYS A 97 -27.49 -24.74 -10.64
N GLY A 98 -26.46 -25.35 -11.22
CA GLY A 98 -25.73 -24.71 -12.30
C GLY A 98 -24.32 -24.28 -11.91
N ASN A 99 -23.88 -24.68 -10.72
CA ASN A 99 -22.54 -24.36 -10.22
C ASN A 99 -22.26 -22.86 -10.18
N LEU A 100 -23.12 -22.12 -9.49
CA LEU A 100 -22.81 -20.77 -9.04
C LEU A 100 -21.78 -20.91 -7.91
N SER A 101 -21.85 -22.05 -7.22
CA SER A 101 -20.91 -22.39 -6.15
C SER A 101 -20.50 -23.85 -6.32
N SER A 102 -19.24 -24.16 -5.98
CA SER A 102 -18.75 -25.54 -6.01
C SER A 102 -18.08 -25.90 -4.69
N ALA A 103 -17.94 -27.19 -4.42
CA ALA A 103 -17.43 -27.66 -3.12
C ALA A 103 -15.96 -28.05 -3.20
N VAL A 104 -15.11 -27.38 -2.42
CA VAL A 104 -13.67 -27.63 -2.51
C VAL A 104 -13.13 -28.44 -1.35
N TYR A 105 -13.88 -28.52 -0.24
CA TYR A 105 -13.46 -29.35 0.87
C TYR A 105 -14.62 -29.66 1.81
N ILE A 106 -14.34 -30.52 2.79
CA ILE A 106 -15.33 -30.91 3.79
C ILE A 106 -14.75 -30.72 5.17
N GLY A 107 -15.53 -30.17 6.10
CA GLY A 107 -15.05 -30.00 7.46
C GLY A 107 -16.06 -30.53 8.45
N ILE A 108 -15.63 -31.32 9.42
CA ILE A 108 -16.56 -31.95 10.36
C ILE A 108 -16.82 -31.06 11.57
N LEU A 109 -18.09 -30.78 11.86
CA LEU A 109 -18.44 -30.05 13.07
C LEU A 109 -18.28 -30.94 14.30
N GLY A 110 -17.64 -30.42 15.34
CA GLY A 110 -17.53 -31.16 16.58
C GLY A 110 -16.99 -30.23 17.65
N PHE A 111 -16.35 -30.82 18.66
CA PHE A 111 -15.62 -29.99 19.59
C PHE A 111 -14.35 -30.72 20.01
N ALA A 112 -13.46 -29.99 20.68
CA ALA A 112 -12.28 -30.62 21.23
C ALA A 112 -12.01 -30.06 22.61
N VAL A 113 -11.26 -30.82 23.39
CA VAL A 113 -11.09 -30.52 24.80
C VAL A 113 -9.61 -30.40 25.15
N ASN A 114 -9.26 -29.35 25.88
CA ASN A 114 -7.92 -29.21 26.42
C ASN A 114 -7.84 -30.07 27.66
N THR A 115 -7.19 -31.22 27.53
CA THR A 115 -7.20 -32.24 28.58
C THR A 115 -6.40 -31.83 29.80
N GLU A 116 -5.42 -30.96 29.59
CA GLU A 116 -4.64 -30.42 30.70
C GLU A 116 -5.45 -29.41 31.51
N ARG A 117 -6.23 -28.57 30.84
CA ARG A 117 -7.03 -27.59 31.56
C ARG A 117 -8.23 -28.26 32.19
N LEU A 118 -8.74 -29.29 31.52
CA LEU A 118 -9.85 -30.08 32.06
C LEU A 118 -9.48 -30.59 33.45
N LYS A 119 -8.29 -31.16 33.53
CA LYS A 119 -7.75 -31.71 34.77
C LYS A 119 -7.67 -30.64 35.86
N LYS A 120 -7.28 -29.43 35.48
CA LYS A 120 -7.20 -28.30 36.42
C LYS A 120 -8.56 -27.87 36.93
N LEU A 121 -9.58 -28.00 36.10
CA LEU A 121 -10.97 -27.74 36.49
C LEU A 121 -11.51 -28.79 37.47
N GLY A 122 -10.73 -29.85 37.67
CA GLY A 122 -11.15 -30.94 38.53
C GLY A 122 -12.17 -31.83 37.86
N ILE A 123 -12.19 -31.85 36.53
CA ILE A 123 -13.09 -32.71 35.79
C ILE A 123 -12.30 -33.89 35.22
N GLU A 124 -12.79 -35.10 35.45
CA GLU A 124 -12.02 -36.27 35.04
C GLU A 124 -12.55 -36.86 33.73
N LYS A 125 -13.86 -36.73 33.50
CA LYS A 125 -14.44 -37.26 32.27
C LYS A 125 -14.33 -36.28 31.11
N ILE A 126 -13.74 -36.71 30.00
CA ILE A 126 -13.77 -35.92 28.78
C ILE A 126 -15.18 -35.95 28.21
N PRO A 127 -15.80 -34.77 28.04
CA PRO A 127 -17.14 -34.69 27.42
C PRO A 127 -17.21 -35.46 26.10
N GLN A 128 -18.29 -36.20 25.87
CA GLN A 128 -18.42 -37.03 24.67
C GLN A 128 -19.62 -36.67 23.79
N CYS A 129 -20.52 -35.86 24.33
CA CYS A 129 -21.80 -35.51 23.68
C CYS A 129 -22.02 -34.02 23.70
N TRP A 130 -22.84 -33.52 22.77
CA TRP A 130 -23.25 -32.11 22.82
C TRP A 130 -23.88 -31.78 24.16
N ASN A 131 -24.68 -32.73 24.68
CA ASN A 131 -25.34 -32.51 25.96
C ASN A 131 -24.35 -32.23 27.10
N ASP A 132 -23.15 -32.81 27.03
CA ASP A 132 -22.17 -32.69 28.12
C ASP A 132 -21.72 -31.26 28.30
N LEU A 133 -21.79 -30.49 27.22
CA LEU A 133 -21.31 -29.13 27.22
C LEU A 133 -22.21 -28.17 27.98
N THR A 134 -23.33 -28.67 28.48
CA THR A 134 -24.23 -27.83 29.28
C THR A 134 -23.99 -28.02 30.77
N ASP A 135 -23.06 -28.90 31.13
CA ASP A 135 -22.75 -29.12 32.54
C ASP A 135 -22.25 -27.85 33.21
N PRO A 136 -22.76 -27.56 34.43
CA PRO A 136 -22.41 -26.31 35.12
C PRO A 136 -20.93 -26.18 35.44
N LYS A 137 -20.20 -27.30 35.55
CA LYS A 137 -18.77 -27.21 35.86
C LYS A 137 -17.97 -26.60 34.71
N LEU A 138 -18.62 -26.38 33.56
CA LEU A 138 -17.94 -25.78 32.41
C LEU A 138 -18.29 -24.29 32.24
N LYS A 139 -18.73 -23.68 33.35
CA LYS A 139 -19.10 -22.27 33.35
C LYS A 139 -17.91 -21.43 32.91
N GLY A 140 -18.13 -20.59 31.90
CA GLY A 140 -17.08 -19.76 31.35
C GLY A 140 -15.91 -20.50 30.72
N GLU A 141 -16.09 -21.77 30.36
CA GLU A 141 -14.98 -22.57 29.86
C GLU A 141 -15.17 -23.12 28.44
N ILE A 142 -16.09 -22.52 27.70
CA ILE A 142 -16.38 -22.96 26.31
C ILE A 142 -16.43 -21.75 25.39
N GLN A 143 -16.02 -21.95 24.14
CA GLN A 143 -16.19 -20.91 23.13
C GLN A 143 -16.79 -21.47 21.85
N ILE A 144 -17.59 -20.64 21.18
CA ILE A 144 -18.13 -20.94 19.87
C ILE A 144 -18.23 -19.61 19.13
N ALA A 145 -18.18 -19.64 17.81
CA ALA A 145 -18.26 -18.38 17.06
C ALA A 145 -19.68 -17.80 17.00
N ASP A 146 -19.76 -16.59 16.48
CA ASP A 146 -20.98 -15.79 16.32
C ASP A 146 -21.45 -15.88 14.86
N PRO A 147 -22.71 -16.30 14.63
CA PRO A 147 -23.17 -16.53 13.24
C PRO A 147 -23.35 -15.26 12.41
N GLN A 148 -23.29 -14.11 13.07
CA GLN A 148 -23.32 -12.84 12.35
C GLN A 148 -22.08 -12.71 11.48
N SER A 149 -20.95 -13.27 11.91
CA SER A 149 -19.72 -13.20 11.12
C SER A 149 -19.29 -14.56 10.60
N SER A 150 -19.56 -15.60 11.39
CA SER A 150 -18.94 -16.91 11.18
C SER A 150 -19.85 -17.94 10.52
N GLY A 151 -19.38 -18.53 9.43
CA GLY A 151 -20.08 -19.64 8.81
C GLY A 151 -20.13 -20.87 9.72
N THR A 152 -19.05 -21.10 10.47
CA THR A 152 -18.99 -22.21 11.41
C THR A 152 -20.16 -22.18 12.39
N ALA A 153 -20.40 -21.00 12.93
CA ALA A 153 -21.46 -20.83 13.91
C ALA A 153 -22.82 -21.13 13.27
N TYR A 154 -22.98 -20.79 11.99
CA TYR A 154 -24.25 -21.08 11.32
C TYR A 154 -24.40 -22.57 11.03
N THR A 155 -23.30 -23.19 10.64
CA THR A 155 -23.32 -24.63 10.42
C THR A 155 -23.77 -25.39 11.67
N ALA A 156 -23.30 -24.93 12.84
CA ALA A 156 -23.75 -25.49 14.11
C ALA A 156 -25.25 -25.27 14.34
N ILE A 157 -25.71 -24.04 14.19
CA ILE A 157 -27.13 -23.75 14.37
C ILE A 157 -27.99 -24.64 13.50
N ALA A 158 -27.63 -24.74 12.21
CA ALA A 158 -28.38 -25.59 11.28
C ALA A 158 -28.25 -27.08 11.62
N THR A 159 -27.08 -27.49 12.09
CA THR A 159 -26.92 -28.89 12.49
C THR A 159 -27.84 -29.21 13.66
N PHE A 160 -27.92 -28.30 14.63
CA PHE A 160 -28.73 -28.54 15.82
C PHE A 160 -30.23 -28.52 15.49
N ALA A 161 -30.61 -27.64 14.57
CA ALA A 161 -32.01 -27.56 14.13
C ALA A 161 -32.42 -28.86 13.45
N GLN A 162 -31.51 -29.43 12.65
CA GLN A 162 -31.78 -30.66 11.94
C GLN A 162 -31.77 -31.85 12.90
N LEU A 163 -30.87 -31.82 13.89
CA LEU A 163 -30.77 -32.89 14.87
C LEU A 163 -31.98 -32.98 15.80
N TRP A 164 -32.28 -31.86 16.45
CA TRP A 164 -33.23 -31.84 17.56
C TRP A 164 -34.55 -31.20 17.19
N GLY A 165 -34.60 -30.50 16.05
CA GLY A 165 -35.72 -29.65 15.74
C GLY A 165 -35.34 -28.26 16.18
N GLU A 166 -35.87 -27.25 15.52
CA GLU A 166 -35.45 -25.88 15.76
C GLU A 166 -35.66 -25.39 17.20
N ASP A 167 -36.82 -25.65 17.79
CA ASP A 167 -37.09 -25.16 19.13
C ASP A 167 -36.12 -25.74 20.16
N LYS A 168 -35.86 -27.05 20.05
CA LYS A 168 -34.91 -27.68 20.98
C LYS A 168 -33.48 -27.21 20.73
N ALA A 169 -33.19 -26.85 19.48
CA ALA A 169 -31.88 -26.27 19.15
C ALA A 169 -31.67 -24.96 19.91
N PHE A 170 -32.68 -24.10 19.90
CA PHE A 170 -32.55 -22.82 20.59
C PHE A 170 -32.53 -23.01 22.11
N ASP A 171 -33.31 -23.96 22.61
CA ASP A 171 -33.17 -24.38 24.00
C ASP A 171 -31.74 -24.81 24.33
N TYR A 172 -31.10 -25.55 23.42
CA TYR A 172 -29.71 -25.93 23.64
C TYR A 172 -28.80 -24.72 23.74
N PHE A 173 -28.97 -23.77 22.81
CA PHE A 173 -28.19 -22.53 22.83
C PHE A 173 -28.33 -21.85 24.18
N LYS A 174 -29.55 -21.81 24.70
CA LYS A 174 -29.78 -21.12 25.97
C LYS A 174 -29.13 -21.83 27.16
N HIS A 175 -29.11 -23.17 27.14
CA HIS A 175 -28.48 -23.90 28.23
C HIS A 175 -26.95 -23.89 28.07
N LEU A 176 -26.49 -23.76 26.84
CA LEU A 176 -25.05 -23.67 26.55
C LEU A 176 -24.50 -22.30 26.95
N HIS A 177 -25.34 -21.28 26.77
CA HIS A 177 -24.96 -19.89 26.95
C HIS A 177 -24.12 -19.53 28.20
N PRO A 178 -24.50 -20.01 29.39
CA PRO A 178 -23.72 -19.62 30.58
C PRO A 178 -22.29 -20.15 30.57
N ASN A 179 -22.03 -21.18 29.77
CA ASN A 179 -20.68 -21.73 29.69
C ASN A 179 -19.80 -21.07 28.64
N ILE A 180 -20.42 -20.23 27.80
CA ILE A 180 -19.70 -19.56 26.74
C ILE A 180 -19.01 -18.31 27.29
N SER A 181 -17.69 -18.28 27.25
CA SER A 181 -16.94 -17.10 27.70
C SER A 181 -16.97 -15.96 26.67
N GLN A 182 -17.02 -16.32 25.38
CA GLN A 182 -17.22 -15.33 24.33
CA GLN A 182 -17.09 -15.36 24.27
C GLN A 182 -17.72 -16.01 23.05
N TYR A 183 -18.60 -15.30 22.34
CA TYR A 183 -19.00 -15.75 21.02
C TYR A 183 -18.01 -15.11 20.05
N THR A 184 -17.17 -15.91 19.43
CA THR A 184 -15.99 -15.36 18.77
C THR A 184 -16.34 -14.87 17.37
N LYS A 185 -15.62 -13.85 16.88
CA LYS A 185 -15.89 -13.39 15.53
C LYS A 185 -15.56 -14.49 14.51
N SER A 186 -14.42 -15.15 14.69
CA SER A 186 -13.97 -16.17 13.75
C SER A 186 -14.28 -17.59 14.20
N GLY A 187 -14.60 -18.45 13.23
CA GLY A 187 -14.98 -19.84 13.53
C GLY A 187 -13.84 -20.61 14.19
N ILE A 188 -12.61 -20.24 13.85
CA ILE A 188 -11.43 -20.97 14.29
C ILE A 188 -10.92 -20.51 15.66
N THR A 189 -11.41 -19.38 16.13
CA THR A 189 -10.87 -18.85 17.37
C THR A 189 -11.04 -19.81 18.56
N PRO A 190 -12.19 -20.51 18.65
CA PRO A 190 -12.29 -21.46 19.76
C PRO A 190 -11.22 -22.56 19.73
N ALA A 191 -10.75 -22.93 18.53
CA ALA A 191 -9.67 -23.90 18.40
C ALA A 191 -8.38 -23.35 18.94
N ARG A 192 -8.11 -22.09 18.59
CA ARG A 192 -6.90 -21.44 19.04
C ARG A 192 -6.91 -21.25 20.54
N ASN A 193 -8.04 -20.80 21.10
CA ASN A 193 -8.10 -20.59 22.52
C ASN A 193 -8.10 -21.90 23.33
N ALA A 194 -8.71 -22.94 22.79
CA ALA A 194 -8.62 -24.26 23.45
C ALA A 194 -7.17 -24.70 23.47
N ALA A 195 -6.48 -24.51 22.34
CA ALA A 195 -5.08 -24.86 22.24
C ALA A 195 -4.23 -24.08 23.24
N ARG A 196 -4.54 -22.78 23.40
CA ARG A 196 -3.86 -21.93 24.39
C ARG A 196 -4.12 -22.33 25.84
N GLY A 197 -5.28 -22.95 26.08
CA GLY A 197 -5.76 -23.13 27.44
C GLY A 197 -6.44 -21.87 27.96
N GLU A 198 -6.83 -20.97 27.06
CA GLU A 198 -7.69 -19.84 27.41
C GLU A 198 -9.12 -20.31 27.66
N THR A 199 -9.42 -21.50 27.16
CA THR A 199 -10.73 -22.09 27.33
C THR A 199 -10.50 -23.59 27.38
N THR A 200 -11.51 -24.35 27.81
CA THR A 200 -11.35 -25.80 27.94
C THR A 200 -11.92 -26.53 26.74
N VAL A 201 -13.01 -26.00 26.20
CA VAL A 201 -13.70 -26.62 25.07
C VAL A 201 -13.91 -25.60 23.97
N GLY A 202 -13.56 -25.98 22.74
CA GLY A 202 -13.91 -25.17 21.60
C GLY A 202 -14.81 -25.96 20.69
N ILE A 203 -15.85 -25.30 20.17
CA ILE A 203 -16.74 -25.90 19.19
C ILE A 203 -16.41 -25.31 17.83
N GLY A 204 -16.24 -26.17 16.83
CA GLY A 204 -15.94 -25.72 15.47
C GLY A 204 -15.68 -26.89 14.54
N PHE A 205 -14.86 -26.66 13.52
CA PHE A 205 -14.55 -27.73 12.58
C PHE A 205 -13.30 -28.45 13.04
N LEU A 206 -13.37 -29.77 13.10
CA LEU A 206 -12.36 -30.57 13.80
C LEU A 206 -10.97 -30.51 13.17
N HIS A 207 -10.88 -30.33 11.86
CA HIS A 207 -9.57 -30.19 11.20
C HIS A 207 -8.74 -29.02 11.76
N ASP A 208 -9.40 -27.95 12.20
CA ASP A 208 -8.67 -26.85 12.85
C ASP A 208 -8.06 -27.33 14.16
N TYR A 209 -8.82 -28.10 14.94
CA TYR A 209 -8.31 -28.68 16.18
C TYR A 209 -7.21 -29.72 15.89
N ALA A 210 -7.37 -30.47 14.80
CA ALA A 210 -6.38 -31.47 14.41
C ALA A 210 -5.02 -30.84 14.10
N LEU A 211 -5.04 -29.65 13.52
CA LEU A 211 -3.79 -28.94 13.22
C LEU A 211 -3.12 -28.45 14.52
N GLU A 212 -3.90 -27.86 15.43
CA GLU A 212 -3.34 -27.44 16.71
C GLU A 212 -2.74 -28.64 17.46
N LYS A 213 -3.47 -29.75 17.44
CA LYS A 213 -3.01 -31.00 18.05
CA LYS A 213 -3.01 -30.99 18.06
C LYS A 213 -1.73 -31.48 17.39
N GLU A 214 -1.71 -31.45 16.06
CA GLU A 214 -0.57 -31.88 15.26
C GLU A 214 0.65 -31.05 15.58
N GLN A 215 0.43 -29.81 16.03
CA GLN A 215 1.53 -28.91 16.37
C GLN A 215 1.84 -28.86 17.87
N GLY A 216 1.27 -29.78 18.64
CA GLY A 216 1.59 -29.92 20.05
C GLY A 216 0.53 -29.61 21.09
N ALA A 217 -0.62 -29.07 20.69
CA ALA A 217 -1.63 -28.68 21.67
C ALA A 217 -2.26 -29.90 22.36
N PRO A 218 -2.55 -29.78 23.67
CA PRO A 218 -3.06 -30.92 24.43
C PRO A 218 -4.57 -31.05 24.24
N LEU A 219 -4.96 -31.42 23.03
CA LEU A 219 -6.37 -31.45 22.64
C LEU A 219 -6.84 -32.86 22.32
N GLU A 220 -8.06 -33.17 22.76
CA GLU A 220 -8.74 -34.39 22.38
C GLU A 220 -9.95 -34.01 21.55
N MET A 221 -9.99 -34.45 20.29
CA MET A 221 -11.11 -34.16 19.40
C MET A 221 -12.28 -35.12 19.61
N VAL A 222 -13.50 -34.59 19.54
CA VAL A 222 -14.73 -35.35 19.77
C VAL A 222 -15.74 -35.16 18.62
N VAL A 223 -16.17 -36.27 18.02
CA VAL A 223 -17.37 -36.32 17.19
C VAL A 223 -18.53 -36.67 18.12
N PRO A 224 -19.39 -35.69 18.41
CA PRO A 224 -20.34 -35.87 19.53
C PRO A 224 -21.28 -37.06 19.34
N CYS A 225 -21.59 -37.73 20.44
CA CYS A 225 -22.27 -39.02 20.39
C CYS A 225 -23.69 -38.96 19.78
N GLU A 226 -24.33 -37.80 19.84
CA GLU A 226 -25.66 -37.68 19.24
C GLU A 226 -25.62 -37.58 17.71
N GLY A 227 -24.43 -37.38 17.16
CA GLY A 227 -24.30 -37.13 15.74
C GLY A 227 -23.98 -35.66 15.48
N THR A 228 -23.52 -35.37 14.27
CA THR A 228 -23.11 -34.01 13.96
C THR A 228 -23.26 -33.73 12.47
N GLY A 229 -22.99 -32.49 12.09
CA GLY A 229 -23.04 -32.07 10.70
C GLY A 229 -21.66 -31.70 10.20
N TYR A 230 -21.63 -30.99 9.08
CA TYR A 230 -20.37 -30.66 8.44
C TYR A 230 -20.54 -29.48 7.49
N GLU A 231 -19.44 -28.83 7.16
CA GLU A 231 -19.42 -27.82 6.12
C GLU A 231 -18.95 -28.45 4.83
N LEU A 232 -19.39 -27.90 3.71
CA LEU A 232 -18.64 -27.95 2.47
C LEU A 232 -17.98 -26.57 2.29
N GLY A 233 -16.67 -26.55 2.00
CA GLY A 233 -15.99 -25.31 1.67
C GLY A 233 -16.43 -24.90 0.27
N GLY A 234 -16.64 -23.60 0.04
CA GLY A 234 -17.18 -23.18 -1.23
C GLY A 234 -16.23 -22.32 -2.06
N VAL A 235 -16.39 -22.42 -3.39
CA VAL A 235 -15.74 -21.45 -4.26
C VAL A 235 -16.79 -20.98 -5.27
N SER A 236 -16.83 -19.68 -5.51
CA SER A 236 -17.86 -19.06 -6.34
C SER A 236 -17.26 -17.86 -7.08
N ILE A 237 -17.70 -17.62 -8.31
CA ILE A 237 -17.29 -16.42 -9.03
C ILE A 237 -18.32 -15.33 -8.77
N LEU A 238 -17.87 -14.10 -8.49
CA LEU A 238 -18.80 -13.00 -8.27
C LEU A 238 -19.42 -12.50 -9.56
N LYS A 239 -20.73 -12.26 -9.54
CA LYS A 239 -21.38 -11.66 -10.72
C LYS A 239 -20.77 -10.27 -10.91
N GLY A 240 -20.30 -9.99 -12.11
CA GLY A 240 -19.64 -8.73 -12.36
C GLY A 240 -18.13 -8.75 -12.15
N ALA A 241 -17.57 -9.92 -11.87
CA ALA A 241 -16.12 -10.04 -11.69
C ALA A 241 -15.36 -9.33 -12.81
N ARG A 242 -14.42 -8.47 -12.44
CA ARG A 242 -13.62 -7.75 -13.43
C ARG A 242 -12.70 -8.68 -14.21
N ASN A 243 -12.11 -9.64 -13.52
CA ASN A 243 -11.20 -10.59 -14.16
C ASN A 243 -11.85 -11.94 -14.33
N LEU A 244 -12.86 -12.01 -15.18
CA LEU A 244 -13.67 -13.23 -15.30
C LEU A 244 -12.87 -14.46 -15.72
N ASP A 245 -12.06 -14.33 -16.77
CA ASP A 245 -11.31 -15.47 -17.29
C ASP A 245 -10.39 -16.06 -16.20
N ASN A 246 -9.70 -15.19 -15.50
CA ASN A 246 -8.81 -15.65 -14.43
C ASN A 246 -9.60 -16.26 -13.26
N ALA A 247 -10.79 -15.72 -13.01
CA ALA A 247 -11.69 -16.29 -12.02
C ALA A 247 -12.06 -17.73 -12.37
N LYS A 248 -12.38 -17.97 -13.65
CA LYS A 248 -12.70 -19.31 -14.08
C LYS A 248 -11.48 -20.23 -13.86
N LEU A 249 -10.30 -19.70 -14.16
CA LEU A 249 -9.06 -20.46 -14.02
C LEU A 249 -8.82 -20.80 -12.57
N PHE A 250 -9.11 -19.84 -11.68
CA PHE A 250 -8.99 -20.10 -10.26
C PHE A 250 -9.96 -21.18 -9.79
N VAL A 251 -11.21 -21.13 -10.26
CA VAL A 251 -12.17 -22.18 -9.89
C VAL A 251 -11.65 -23.56 -10.32
N ASP A 252 -11.17 -23.65 -11.56
CA ASP A 252 -10.51 -24.86 -12.04
C ASP A 252 -9.44 -25.35 -11.05
N PHE A 253 -8.55 -24.45 -10.66
CA PHE A 253 -7.43 -24.77 -9.80
C PHE A 253 -7.91 -25.25 -8.42
N ALA A 254 -8.87 -24.51 -7.86
CA ALA A 254 -9.42 -24.86 -6.55
C ALA A 254 -10.12 -26.23 -6.54
N LEU A 255 -10.63 -26.64 -7.70
CA LEU A 255 -11.30 -27.94 -7.82
C LEU A 255 -10.35 -29.03 -8.29
N SER A 256 -9.10 -28.65 -8.55
CA SER A 256 -8.12 -29.56 -9.14
C SER A 256 -7.41 -30.43 -8.10
N LYS A 257 -6.83 -31.53 -8.56
CA LYS A 257 -6.04 -32.41 -7.68
C LYS A 257 -4.94 -31.60 -6.99
N GLU A 258 -4.22 -30.80 -7.76
CA GLU A 258 -3.11 -30.01 -7.24
C GLU A 258 -3.55 -28.91 -6.26
N GLY A 259 -4.62 -28.22 -6.62
CA GLY A 259 -5.14 -27.14 -5.81
C GLY A 259 -5.68 -27.60 -4.46
N GLN A 260 -6.28 -28.78 -4.44
CA GLN A 260 -6.80 -29.32 -3.19
C GLN A 260 -5.68 -29.94 -2.34
N GLU A 261 -4.79 -30.71 -2.97
CA GLU A 261 -3.70 -31.34 -2.22
C GLU A 261 -2.80 -30.30 -1.54
N THR A 262 -2.57 -29.17 -2.21
CA THR A 262 -1.65 -28.19 -1.65
C THR A 262 -2.19 -27.55 -0.36
N ALA A 263 -3.51 -27.64 -0.13
CA ALA A 263 -4.11 -27.12 1.10
C ALA A 263 -3.50 -27.79 2.33
N TRP A 264 -3.38 -29.11 2.28
CA TRP A 264 -2.81 -29.84 3.42
C TRP A 264 -1.31 -30.09 3.25
N LYS A 265 -0.82 -30.15 2.02
CA LYS A 265 0.62 -30.36 1.85
C LYS A 265 1.43 -29.13 2.23
N LYS A 266 0.91 -27.94 1.91
CA LYS A 266 1.62 -26.68 2.14
C LYS A 266 0.81 -25.62 2.86
N GLY A 267 -0.52 -25.69 2.80
CA GLY A 267 -1.35 -24.59 3.28
C GLY A 267 -1.80 -24.73 4.73
N GLN A 268 -1.25 -25.73 5.40
CA GLN A 268 -1.60 -26.03 6.79
C GLN A 268 -3.10 -26.08 7.02
N ALA A 269 -3.81 -26.77 6.13
CA ALA A 269 -5.25 -26.84 6.23
C ALA A 269 -5.69 -28.28 5.99
N LEU A 270 -6.32 -28.88 6.99
CA LEU A 270 -6.47 -30.33 6.99
C LEU A 270 -7.91 -30.78 6.74
N GLN A 271 -8.67 -30.00 5.98
CA GLN A 271 -10.01 -30.42 5.57
C GLN A 271 -9.94 -31.66 4.68
N THR A 272 -11.05 -32.38 4.61
CA THR A 272 -11.16 -33.51 3.70
C THR A 272 -11.44 -33.00 2.29
N LEU A 273 -10.74 -33.54 1.29
CA LEU A 273 -10.81 -33.01 -0.07
C LEU A 273 -11.99 -33.60 -0.83
N THR A 274 -12.58 -32.79 -1.72
CA THR A 274 -13.74 -33.23 -2.50
C THR A 274 -13.36 -33.84 -3.85
N ASN A 275 -12.13 -33.59 -4.32
CA ASN A 275 -11.67 -34.20 -5.55
C ASN A 275 -11.23 -35.64 -5.29
N THR A 276 -11.94 -36.59 -5.91
CA THR A 276 -11.75 -38.03 -5.70
C THR A 276 -10.42 -38.57 -6.21
N THR A 277 -9.65 -37.76 -6.92
CA THR A 277 -8.36 -38.19 -7.42
C THR A 277 -7.24 -37.65 -6.54
N ALA A 278 -7.59 -36.79 -5.59
CA ALA A 278 -6.57 -36.15 -4.76
C ALA A 278 -6.17 -37.05 -3.60
N GLU A 279 -4.88 -37.02 -3.26
CA GLU A 279 -4.42 -37.66 -2.04
C GLU A 279 -4.90 -36.89 -0.80
N GLN A 280 -5.55 -37.59 0.13
CA GLN A 280 -6.03 -36.97 1.35
C GLN A 280 -4.87 -36.82 2.36
N SER A 281 -4.94 -35.81 3.21
CA SER A 281 -4.01 -35.75 4.35
C SER A 281 -4.25 -36.96 5.24
N PRO A 282 -3.19 -37.50 5.84
CA PRO A 282 -3.33 -38.63 6.76
C PRO A 282 -4.17 -38.23 7.98
N LEU A 283 -4.33 -36.93 8.20
CA LEU A 283 -5.06 -36.42 9.36
C LEU A 283 -6.50 -36.01 9.00
N ALA A 284 -6.84 -36.06 7.72
CA ALA A 284 -8.20 -35.74 7.28
C ALA A 284 -9.20 -36.76 7.80
N PHE A 285 -10.42 -36.30 8.11
CA PHE A 285 -11.48 -37.18 8.57
C PHE A 285 -12.12 -37.95 7.41
N ASP A 286 -12.49 -39.20 7.70
CA ASP A 286 -13.19 -40.04 6.73
C ASP A 286 -14.67 -40.04 7.09
N LEU A 287 -15.49 -39.50 6.20
CA LEU A 287 -16.91 -39.33 6.49
C LEU A 287 -17.65 -40.66 6.64
N THR A 288 -17.15 -41.69 5.97
CA THR A 288 -17.81 -43.00 6.01
C THR A 288 -17.69 -43.64 7.39
N LYS A 289 -16.84 -43.06 8.24
CA LYS A 289 -16.60 -43.59 9.57
C LYS A 289 -17.31 -42.81 10.66
N LEU A 290 -18.11 -41.82 10.28
CA LEU A 290 -18.66 -40.87 11.24
C LEU A 290 -20.18 -40.86 11.31
N LYS A 291 -20.71 -40.51 12.48
CA LYS A 291 -22.15 -40.39 12.69
C LYS A 291 -22.61 -39.01 12.24
N LEU A 292 -22.86 -38.86 10.94
CA LEU A 292 -23.18 -37.55 10.36
C LEU A 292 -24.63 -37.49 9.92
N ILE A 293 -25.30 -36.38 10.23
CA ILE A 293 -26.60 -36.12 9.64
C ILE A 293 -26.38 -35.87 8.14
N ASP A 294 -27.43 -36.07 7.36
CA ASP A 294 -27.41 -35.71 5.94
C ASP A 294 -27.66 -34.22 5.80
N TYR A 295 -26.63 -33.41 6.08
CA TYR A 295 -26.79 -31.97 6.13
C TYR A 295 -27.43 -31.44 4.83
N ASP A 296 -28.53 -30.73 5.00
CA ASP A 296 -29.32 -30.27 3.86
C ASP A 296 -28.84 -28.89 3.40
N PHE A 297 -27.84 -28.88 2.52
CA PHE A 297 -27.26 -27.62 2.04
C PHE A 297 -28.26 -26.79 1.24
N GLU A 298 -29.12 -27.45 0.48
CA GLU A 298 -30.11 -26.71 -0.31
C GLU A 298 -31.07 -25.94 0.57
N LYS A 299 -31.43 -26.54 1.70
CA LYS A 299 -32.39 -25.94 2.62
C LYS A 299 -31.73 -24.84 3.46
N TYR A 300 -30.58 -25.13 4.05
CA TYR A 300 -30.00 -24.12 4.95
C TYR A 300 -29.13 -23.07 4.25
N GLY A 301 -28.81 -23.31 2.98
CA GLY A 301 -28.04 -22.33 2.21
C GLY A 301 -29.01 -21.40 1.50
N ALA A 302 -29.92 -20.82 2.27
CA ALA A 302 -31.02 -20.03 1.74
C ALA A 302 -31.42 -18.96 2.73
N SER A 303 -32.02 -17.87 2.23
CA SER A 303 -32.39 -16.77 3.11
C SER A 303 -33.48 -17.14 4.14
N ASP A 304 -34.43 -17.98 3.75
CA ASP A 304 -35.53 -18.34 4.66
C ASP A 304 -35.08 -19.25 5.82
N GLU A 305 -33.80 -19.62 5.83
CA GLU A 305 -33.23 -20.27 6.99
C GLU A 305 -32.09 -19.42 7.56
N ARG A 306 -31.18 -19.00 6.68
CA ARG A 306 -29.98 -18.34 7.18
C ARG A 306 -30.26 -16.97 7.78
N LYS A 307 -30.99 -16.12 7.07
CA LYS A 307 -31.29 -14.81 7.65
C LYS A 307 -32.25 -14.93 8.83
N ARG A 308 -33.24 -15.82 8.70
CA ARG A 308 -34.21 -16.00 9.78
C ARG A 308 -33.57 -16.56 11.06
N LEU A 309 -32.75 -17.60 10.93
CA LEU A 309 -32.16 -18.24 12.12
C LEU A 309 -31.10 -17.35 12.79
N ILE A 310 -30.30 -16.67 11.99
CA ILE A 310 -29.28 -15.80 12.56
C ILE A 310 -29.94 -14.62 13.28
N ASN A 311 -30.97 -14.03 12.69
CA ASN A 311 -31.62 -12.90 13.33
C ASN A 311 -32.33 -13.37 14.61
N LYS A 312 -32.89 -14.58 14.56
CA LYS A 312 -33.50 -15.18 15.75
C LYS A 312 -32.44 -15.50 16.81
N TRP A 313 -31.27 -15.98 16.37
CA TRP A 313 -30.18 -16.24 17.31
C TRP A 313 -29.72 -14.95 17.98
N VAL A 314 -29.65 -13.87 17.23
CA VAL A 314 -29.23 -12.60 17.83
C VAL A 314 -30.24 -12.12 18.85
N ASP A 315 -31.52 -12.20 18.50
CA ASP A 315 -32.59 -11.77 19.40
C ASP A 315 -32.64 -12.55 20.72
N GLU A 316 -32.57 -13.87 20.63
CA GLU A 316 -32.84 -14.71 21.79
C GLU A 316 -31.61 -15.13 22.58
N ILE A 317 -30.44 -15.06 21.96
CA ILE A 317 -29.22 -15.58 22.60
C ILE A 317 -28.21 -14.48 22.86
N LYS A 318 -27.86 -13.73 21.82
CA LYS A 318 -26.88 -12.65 21.94
C LYS A 318 -27.41 -11.54 22.83
N LEU A 319 -28.68 -11.19 22.61
CA LEU A 319 -29.34 -10.21 23.46
C LEU A 319 -30.03 -10.96 24.60
N ALA A 320 -31.34 -11.18 24.47
CA ALA A 320 -32.11 -11.92 25.47
C ALA A 320 -33.48 -12.30 24.92
N GLY B 1 2.47 -22.62 12.60
CA GLY B 1 2.55 -21.18 12.58
C GLY B 1 1.89 -20.54 13.79
N SER B 2 1.59 -19.25 13.70
CA SER B 2 0.99 -18.53 14.81
C SER B 2 -0.53 -18.63 14.81
N LYS B 3 -1.13 -18.36 15.97
CA LYS B 3 -2.57 -18.37 16.10
C LYS B 3 -3.16 -17.01 15.70
N GLY B 4 -3.06 -16.68 14.43
CA GLY B 4 -3.61 -15.43 13.94
C GLY B 4 -2.68 -14.26 14.15
N ARG B 5 -3.21 -13.06 13.89
CA ARG B 5 -2.40 -11.84 13.88
C ARG B 5 -3.05 -10.76 14.73
N LEU B 6 -2.29 -9.69 14.97
CA LEU B 6 -2.80 -8.52 15.70
C LEU B 6 -2.06 -7.27 15.24
N VAL B 7 -2.81 -6.22 14.91
CA VAL B 7 -2.16 -4.97 14.54
C VAL B 7 -2.52 -3.90 15.56
N ILE B 8 -1.51 -3.34 16.23
CA ILE B 8 -1.76 -2.38 17.29
C ILE B 8 -1.47 -0.96 16.85
N TYR B 9 -2.43 -0.06 17.04
CA TYR B 9 -2.13 1.38 17.02
C TYR B 9 -1.68 1.75 18.43
N CYS B 10 -0.39 2.03 18.61
CA CYS B 10 0.12 2.33 19.94
C CYS B 10 0.38 3.81 20.14
N SER B 11 0.08 4.34 21.33
CA SER B 11 0.29 5.78 21.57
C SER B 11 1.17 6.06 22.80
N ALA B 12 1.73 5.01 23.36
CA ALA B 12 2.72 5.19 24.42
C ALA B 12 4.10 5.33 23.77
N THR B 13 5.18 5.17 24.53
CA THR B 13 6.52 5.30 23.93
C THR B 13 6.85 4.07 23.12
N ASN B 14 7.78 4.20 22.18
CA ASN B 14 8.22 3.05 21.37
C ASN B 14 8.65 1.86 22.21
N VAL B 15 9.46 2.13 23.23
CA VAL B 15 9.98 1.08 24.09
C VAL B 15 8.88 0.31 24.81
N MET B 16 7.88 1.01 25.33
CA MET B 16 6.79 0.34 26.03
CA MET B 16 6.84 0.31 26.04
C MET B 16 5.93 -0.45 25.06
N CYS B 17 5.63 0.17 23.90
CA CYS B 17 4.82 -0.47 22.86
C CYS B 17 5.45 -1.79 22.40
N GLU B 18 6.75 -1.73 22.14
CA GLU B 18 7.51 -2.87 21.63
C GLU B 18 7.52 -4.02 22.64
N ASN B 19 7.78 -3.69 23.91
CA ASN B 19 7.76 -4.69 24.96
C ASN B 19 6.37 -5.32 25.09
N ALA B 20 5.33 -4.49 25.04
CA ALA B 20 3.97 -5.02 25.10
C ALA B 20 3.69 -5.94 23.93
N ALA B 21 4.04 -5.51 22.73
CA ALA B 21 3.76 -6.30 21.53
C ALA B 21 4.51 -7.64 21.56
N LYS B 22 5.80 -7.58 21.86
CA LYS B 22 6.64 -8.78 21.97
C LYS B 22 6.14 -9.75 23.03
N THR B 23 5.84 -9.24 24.22
CA THR B 23 5.41 -10.08 25.32
C THR B 23 4.07 -10.75 24.98
N PHE B 24 3.15 -9.98 24.41
CA PHE B 24 1.86 -10.53 23.96
C PHE B 24 2.06 -11.61 22.88
N GLU B 25 2.83 -11.29 21.85
CA GLU B 25 3.16 -12.27 20.82
C GLU B 25 3.67 -13.58 21.41
N GLN B 26 4.68 -13.50 22.29
CA GLN B 26 5.25 -14.69 22.89
C GLN B 26 4.26 -15.46 23.78
N LYS B 27 3.45 -14.73 24.55
CA LYS B 27 2.54 -15.36 25.49
C LYS B 27 1.34 -16.02 24.80
N TYR B 28 0.84 -15.40 23.74
CA TYR B 28 -0.38 -15.85 23.10
C TYR B 28 -0.21 -16.44 21.70
N ASP B 29 1.02 -16.46 21.21
CA ASP B 29 1.36 -17.04 19.90
C ASP B 29 0.63 -16.28 18.78
N VAL B 30 0.66 -14.96 18.85
CA VAL B 30 -0.03 -14.12 17.86
C VAL B 30 0.98 -13.27 17.11
N LYS B 31 0.95 -13.31 15.78
CA LYS B 31 1.86 -12.46 15.01
C LYS B 31 1.46 -10.99 15.19
N THR B 32 2.24 -10.28 15.98
CA THR B 32 1.84 -8.96 16.45
C THR B 32 2.76 -7.88 15.88
N SER B 33 2.16 -6.77 15.46
CA SER B 33 2.90 -5.58 15.04
C SER B 33 2.25 -4.33 15.62
N PHE B 34 3.01 -3.24 15.69
CA PHE B 34 2.41 -1.99 16.15
C PHE B 34 2.91 -0.82 15.30
N ILE B 35 2.08 0.22 15.28
CA ILE B 35 2.40 1.49 14.67
C ILE B 35 2.24 2.55 15.75
N ARG B 36 3.28 3.36 16.00
CA ARG B 36 3.23 4.34 17.09
CA ARG B 36 3.29 4.34 17.08
C ARG B 36 2.86 5.73 16.58
N ASN B 37 1.94 6.36 17.29
CA ASN B 37 1.54 7.73 16.98
C ASN B 37 0.86 8.36 18.18
N GLY B 38 0.79 9.69 18.19
CA GLY B 38 0.20 10.42 19.31
C GLY B 38 -1.26 10.06 19.52
N SER B 39 -1.80 10.39 20.70
CA SER B 39 -3.20 10.06 21.00
C SER B 39 -4.16 10.79 20.04
N GLY B 40 -3.91 12.07 19.80
CA GLY B 40 -4.74 12.85 18.90
C GLY B 40 -4.57 12.43 17.45
N SER B 41 -3.32 12.23 17.03
CA SER B 41 -3.03 11.79 15.68
C SER B 41 -3.70 10.44 15.39
N THR B 42 -3.65 9.56 16.38
CA THR B 42 -4.18 8.22 16.20
C THR B 42 -5.70 8.30 16.05
N PHE B 43 -6.35 9.10 16.89
CA PHE B 43 -7.78 9.34 16.72
C PHE B 43 -8.10 9.75 15.28
N ALA B 44 -7.33 10.70 14.74
CA ALA B 44 -7.60 11.21 13.40
C ALA B 44 -7.43 10.13 12.35
N LYS B 45 -6.41 9.29 12.53
CA LYS B 45 -6.18 8.16 11.64
C LYS B 45 -7.35 7.18 11.68
N ILE B 46 -7.79 6.84 12.89
CA ILE B 46 -8.87 5.87 13.05
C ILE B 46 -10.19 6.37 12.45
N GLU B 47 -10.48 7.64 12.68
CA GLU B 47 -11.68 8.27 12.13
C GLU B 47 -11.64 8.26 10.62
N ALA B 48 -10.48 8.57 10.06
CA ALA B 48 -10.32 8.63 8.62
C ALA B 48 -10.46 7.26 7.97
N GLU B 49 -10.09 6.22 8.73
CA GLU B 49 -10.03 4.86 8.22
C GLU B 49 -11.26 4.01 8.57
N LYS B 50 -12.30 4.65 9.11
CA LYS B 50 -13.41 3.94 9.74
C LYS B 50 -14.19 2.97 8.84
N ASN B 51 -14.26 3.27 7.55
CA ASN B 51 -14.95 2.36 6.62
C ASN B 51 -14.12 1.12 6.30
N ASN B 52 -12.81 1.19 6.49
CA ASN B 52 -11.93 0.06 6.25
C ASN B 52 -10.76 0.07 7.25
N PRO B 53 -11.05 -0.25 8.52
CA PRO B 53 -10.07 -0.12 9.61
C PRO B 53 -8.77 -0.86 9.35
N GLN B 54 -7.65 -0.24 9.70
CA GLN B 54 -6.34 -0.78 9.34
C GLN B 54 -5.59 -1.35 10.54
N ALA B 55 -6.21 -1.31 11.71
CA ALA B 55 -5.64 -1.86 12.92
C ALA B 55 -6.75 -2.52 13.71
N ASP B 56 -6.37 -3.22 14.78
CA ASP B 56 -7.33 -4.00 15.55
C ASP B 56 -7.60 -3.40 16.92
N VAL B 57 -6.56 -2.84 17.51
CA VAL B 57 -6.63 -2.37 18.89
C VAL B 57 -5.76 -1.11 19.03
N TRP B 58 -6.20 -0.22 19.90
CA TRP B 58 -5.54 1.05 20.18
C TRP B 58 -5.04 0.95 21.63
N TYR B 59 -3.72 1.04 21.82
CA TYR B 59 -3.12 0.78 23.12
C TYR B 59 -2.29 1.95 23.57
N GLY B 60 -2.55 2.45 24.75
CA GLY B 60 -1.74 3.54 25.28
C GLY B 60 -2.18 4.91 24.80
N GLY B 61 -1.45 5.94 25.23
CA GLY B 61 -1.89 7.31 25.00
C GLY B 61 -3.01 7.65 25.98
N THR B 62 -3.53 8.86 25.91
CA THR B 62 -4.53 9.31 26.88
C THR B 62 -5.94 8.79 26.53
N LEU B 63 -6.80 8.75 27.54
CA LEU B 63 -8.14 8.20 27.38
C LEU B 63 -9.07 9.11 26.57
N ASP B 64 -8.91 10.43 26.70
CA ASP B 64 -9.88 11.36 26.11
C ASP B 64 -10.16 11.14 24.61
N PRO B 65 -9.11 10.99 23.78
CA PRO B 65 -9.41 10.73 22.37
C PRO B 65 -10.04 9.35 22.15
N GLN B 66 -9.78 8.39 23.05
CA GLN B 66 -10.37 7.07 22.88
C GLN B 66 -11.84 7.16 23.29
N SER B 67 -12.13 7.91 24.34
CA SER B 67 -13.51 8.15 24.75
C SER B 67 -14.28 8.83 23.60
N GLN B 68 -13.63 9.78 22.94
CA GLN B 68 -14.24 10.47 21.81
C GLN B 68 -14.52 9.48 20.67
N ALA B 69 -13.58 8.58 20.39
CA ALA B 69 -13.77 7.56 19.38
C ALA B 69 -14.97 6.67 19.73
N GLY B 70 -15.09 6.32 21.02
CA GLY B 70 -16.22 5.54 21.48
C GLY B 70 -17.54 6.24 21.22
N GLU B 71 -17.57 7.54 21.49
CA GLU B 71 -18.77 8.34 21.29
C GLU B 71 -19.17 8.35 19.82
N LEU B 72 -18.17 8.35 18.94
CA LEU B 72 -18.43 8.47 17.50
C LEU B 72 -18.66 7.13 16.80
N GLY B 73 -18.77 6.05 17.56
CA GLY B 73 -19.03 4.74 16.96
C GLY B 73 -17.85 4.06 16.27
N LEU B 74 -16.64 4.39 16.70
CA LEU B 74 -15.43 3.88 16.06
C LEU B 74 -14.82 2.68 16.77
N LEU B 75 -15.39 2.34 17.92
CA LEU B 75 -14.88 1.27 18.79
C LEU B 75 -15.85 0.10 18.94
N GLU B 76 -15.30 -1.04 19.32
CA GLU B 76 -16.07 -2.25 19.63
C GLU B 76 -16.07 -2.54 21.14
N ALA B 77 -17.25 -2.58 21.77
CA ALA B 77 -17.31 -2.79 23.22
C ALA B 77 -16.82 -4.19 23.63
N TYR B 78 -16.06 -4.26 24.72
CA TYR B 78 -15.62 -5.54 25.25
C TYR B 78 -15.11 -5.38 26.68
N ARG B 79 -15.82 -5.99 27.63
CA ARG B 79 -15.40 -5.94 29.03
C ARG B 79 -14.59 -7.18 29.38
N SER B 80 -13.28 -7.01 29.50
CA SER B 80 -12.43 -8.11 29.92
C SER B 80 -12.82 -8.57 31.31
N PRO B 81 -12.70 -9.89 31.56
CA PRO B 81 -12.92 -10.32 32.95
C PRO B 81 -11.91 -9.67 33.92
N ASN B 82 -10.77 -9.22 33.42
CA ASN B 82 -9.78 -8.57 34.27
C ASN B 82 -10.21 -7.18 34.75
N ILE B 83 -11.30 -6.66 34.20
CA ILE B 83 -11.85 -5.40 34.68
C ILE B 83 -12.20 -5.54 36.18
N ASP B 84 -12.52 -6.75 36.63
CA ASP B 84 -12.79 -6.99 38.06
C ASP B 84 -11.60 -6.61 38.95
N GLN B 85 -10.39 -6.63 38.40
CA GLN B 85 -9.16 -6.35 39.14
C GLN B 85 -8.75 -4.89 39.06
N ILE B 86 -9.43 -4.14 38.21
CA ILE B 86 -9.12 -2.73 37.99
C ILE B 86 -9.71 -1.90 39.14
N MET B 87 -8.98 -0.88 39.57
CA MET B 87 -9.49 0.10 40.54
C MET B 87 -10.92 0.45 40.18
N PRO B 88 -11.85 0.23 41.13
CA PRO B 88 -13.28 0.45 40.91
C PRO B 88 -13.59 1.78 40.25
N LYS B 89 -12.92 2.84 40.69
CA LYS B 89 -13.13 4.17 40.13
C LYS B 89 -12.87 4.24 38.62
N PHE B 90 -11.97 3.39 38.13
CA PHE B 90 -11.53 3.48 36.74
C PHE B 90 -11.92 2.28 35.86
N GLN B 91 -12.93 1.51 36.27
CA GLN B 91 -13.30 0.27 35.57
C GLN B 91 -13.99 0.53 34.24
N ASP B 92 -14.69 1.66 34.15
CA ASP B 92 -15.44 1.98 32.94
C ASP B 92 -15.58 3.49 32.82
N PRO B 93 -14.45 4.18 32.61
CA PRO B 93 -14.38 5.63 32.87
C PRO B 93 -14.78 6.55 31.72
N ALA B 94 -14.93 6.03 30.52
CA ALA B 94 -15.14 6.90 29.36
C ALA B 94 -16.58 7.36 29.25
N LYS B 95 -16.86 8.19 28.27
CA LYS B 95 -18.18 8.80 28.13
C LYS B 95 -19.25 7.76 27.82
N VAL B 96 -19.01 6.89 26.85
CA VAL B 96 -19.94 5.80 26.56
C VAL B 96 -19.59 4.57 27.37
N LYS B 97 -20.50 4.15 28.25
CA LYS B 97 -20.23 3.04 29.15
C LYS B 97 -20.35 1.70 28.43
N GLY B 98 -19.78 0.65 29.00
CA GLY B 98 -19.79 -0.65 28.37
C GLY B 98 -18.41 -1.11 27.94
N ASN B 99 -17.39 -0.38 28.40
CA ASN B 99 -15.99 -0.69 28.12
C ASN B 99 -15.65 -0.76 26.62
N LEU B 100 -16.02 0.30 25.93
CA LEU B 100 -15.49 0.58 24.60
C LEU B 100 -14.03 0.95 24.76
N SER B 101 -13.72 1.55 25.91
CA SER B 101 -12.35 1.86 26.31
C SER B 101 -12.15 1.41 27.75
N SER B 102 -10.93 1.00 28.11
CA SER B 102 -10.61 0.65 29.48
C SER B 102 -9.31 1.34 29.89
N ALA B 103 -9.08 1.47 31.19
CA ALA B 103 -7.92 2.17 31.73
C ALA B 103 -6.80 1.21 32.12
N VAL B 104 -5.61 1.40 31.51
CA VAL B 104 -4.49 0.50 31.74
C VAL B 104 -3.37 1.12 32.58
N TYR B 105 -3.39 2.44 32.71
CA TYR B 105 -2.48 3.09 33.65
C TYR B 105 -2.91 4.51 33.98
N ILE B 106 -2.23 5.13 34.95
CA ILE B 106 -2.48 6.52 35.31
C ILE B 106 -1.19 7.30 35.15
N GLY B 107 -1.27 8.50 34.55
CA GLY B 107 -0.10 9.36 34.45
C GLY B 107 -0.40 10.73 35.04
N ILE B 108 0.45 11.21 35.94
CA ILE B 108 0.19 12.48 36.64
C ILE B 108 0.65 13.68 35.82
N LEU B 109 -0.24 14.64 35.59
CA LEU B 109 0.14 15.86 34.87
C LEU B 109 0.91 16.80 35.78
N GLY B 110 2.04 17.31 35.32
CA GLY B 110 2.70 18.37 36.06
C GLY B 110 3.74 19.03 35.19
N PHE B 111 4.81 19.49 35.83
CA PHE B 111 5.97 19.92 35.06
C PHE B 111 7.25 19.61 35.82
N ALA B 112 8.37 19.70 35.12
CA ALA B 112 9.62 19.50 35.80
C ALA B 112 10.59 20.56 35.31
N VAL B 113 11.58 20.85 36.14
CA VAL B 113 12.52 21.93 35.92
C VAL B 113 13.95 21.41 35.81
N ASN B 114 14.66 21.80 34.76
CA ASN B 114 16.09 21.52 34.68
C ASN B 114 16.78 22.55 35.57
N THR B 115 17.31 22.11 36.70
CA THR B 115 17.82 23.04 37.71
C THR B 115 19.17 23.64 37.29
N GLU B 116 19.92 22.93 36.45
CA GLU B 116 21.15 23.45 35.90
C GLU B 116 20.85 24.62 34.98
N ARG B 117 19.89 24.43 34.08
CA ARG B 117 19.54 25.49 33.16
C ARG B 117 18.85 26.63 33.89
N LEU B 118 18.07 26.32 34.92
CA LEU B 118 17.38 27.35 35.67
C LEU B 118 18.41 28.28 36.32
N LYS B 119 19.52 27.70 36.78
CA LYS B 119 20.61 28.45 37.38
C LYS B 119 21.24 29.39 36.36
N LYS B 120 21.47 28.92 35.14
CA LYS B 120 22.02 29.75 34.07
C LYS B 120 21.12 30.94 33.76
N LEU B 121 19.83 30.81 34.03
CA LEU B 121 18.87 31.89 33.80
C LEU B 121 18.91 32.93 34.93
N GLY B 122 19.54 32.58 36.05
CA GLY B 122 19.58 33.47 37.20
C GLY B 122 18.31 33.42 38.02
N ILE B 123 17.40 32.52 37.66
CA ILE B 123 16.18 32.34 38.44
C ILE B 123 16.50 31.47 39.65
N GLU B 124 16.31 32.03 40.84
CA GLU B 124 16.72 31.31 42.04
C GLU B 124 15.63 30.39 42.61
N LYS B 125 14.37 30.80 42.48
CA LYS B 125 13.24 30.00 42.96
C LYS B 125 12.80 28.98 41.92
N ILE B 126 12.75 27.69 42.29
CA ILE B 126 12.17 26.71 41.40
C ILE B 126 10.65 26.93 41.37
N PRO B 127 10.09 27.11 40.16
CA PRO B 127 8.64 27.28 40.02
C PRO B 127 7.87 26.15 40.71
N GLN B 128 6.81 26.50 41.44
CA GLN B 128 6.08 25.53 42.23
C GLN B 128 4.61 25.49 41.85
N CYS B 129 4.21 26.44 41.01
CA CYS B 129 2.81 26.62 40.63
CA CYS B 129 2.82 26.52 40.58
C CYS B 129 2.69 26.80 39.12
N TRP B 130 1.49 26.51 38.60
CA TRP B 130 1.19 26.82 37.20
C TRP B 130 1.45 28.30 36.98
N ASN B 131 1.04 29.09 37.97
CA ASN B 131 1.12 30.54 37.88
C ASN B 131 2.56 31.05 37.74
N ASP B 132 3.52 30.28 38.21
CA ASP B 132 4.93 30.68 38.15
C ASP B 132 5.48 30.58 36.73
N LEU B 133 4.85 29.76 35.90
CA LEU B 133 5.36 29.51 34.56
C LEU B 133 5.18 30.71 33.63
N THR B 134 4.43 31.72 34.05
CA THR B 134 4.22 32.91 33.21
C THR B 134 5.28 33.98 33.43
N ASP B 135 6.18 33.70 34.38
CA ASP B 135 7.37 34.51 34.63
C ASP B 135 8.08 34.85 33.32
N PRO B 136 8.23 36.15 33.01
CA PRO B 136 8.89 36.53 31.76
C PRO B 136 10.36 36.09 31.67
N LYS B 137 11.01 35.78 32.79
CA LYS B 137 12.37 35.26 32.72
C LYS B 137 12.43 33.84 32.10
N LEU B 138 11.27 33.19 31.97
CA LEU B 138 11.21 31.89 31.30
C LEU B 138 10.86 32.01 29.81
N LYS B 139 11.01 33.20 29.24
CA LYS B 139 10.71 33.38 27.83
C LYS B 139 11.51 32.42 26.97
N GLY B 140 10.82 31.62 26.17
CA GLY B 140 11.48 30.63 25.35
C GLY B 140 12.17 29.52 26.14
N GLU B 141 11.70 29.28 27.35
CA GLU B 141 12.35 28.28 28.21
C GLU B 141 11.38 27.17 28.67
N ILE B 142 10.18 27.18 28.10
CA ILE B 142 9.16 26.18 28.43
C ILE B 142 8.70 25.43 27.18
N GLN B 143 8.44 24.13 27.31
CA GLN B 143 7.82 23.39 26.21
C GLN B 143 6.63 22.54 26.69
N ILE B 144 5.67 22.40 25.80
CA ILE B 144 4.49 21.57 26.00
C ILE B 144 4.09 21.08 24.61
N ALA B 145 3.39 19.95 24.54
CA ALA B 145 3.04 19.43 23.24
C ALA B 145 1.86 20.20 22.63
N ASP B 146 1.58 19.87 21.37
CA ASP B 146 0.49 20.42 20.55
C ASP B 146 -0.74 19.51 20.65
N PRO B 147 -1.89 20.04 21.10
CA PRO B 147 -3.07 19.17 21.31
C PRO B 147 -3.75 18.68 20.04
N GLN B 148 -3.33 19.17 18.87
CA GLN B 148 -3.85 18.62 17.63
C GLN B 148 -3.32 17.19 17.45
N SER B 149 -2.14 16.92 18.03
CA SER B 149 -1.52 15.60 17.88
C SER B 149 -1.46 14.87 19.22
N SER B 150 -1.22 15.62 20.28
CA SER B 150 -0.86 15.05 21.59
C SER B 150 -2.03 14.96 22.59
N GLY B 151 -2.24 13.77 23.16
CA GLY B 151 -3.15 13.64 24.27
C GLY B 151 -2.72 14.39 25.53
N THR B 152 -1.43 14.37 25.83
CA THR B 152 -0.90 15.06 27.00
C THR B 152 -1.33 16.53 27.04
N ALA B 153 -1.18 17.18 25.89
CA ALA B 153 -1.45 18.60 25.77
C ALA B 153 -2.94 18.88 26.01
N TYR B 154 -3.79 17.98 25.52
CA TYR B 154 -5.23 18.10 25.76
C TYR B 154 -5.55 17.90 27.24
N THR B 155 -4.91 16.90 27.87
CA THR B 155 -5.08 16.69 29.31
C THR B 155 -4.70 17.96 30.09
N ALA B 156 -3.66 18.65 29.65
CA ALA B 156 -3.28 19.92 30.29
C ALA B 156 -4.36 21.00 30.15
N ILE B 157 -4.79 21.25 28.92
CA ILE B 157 -5.79 22.28 28.69
C ILE B 157 -7.10 21.93 29.42
N ALA B 158 -7.50 20.67 29.36
CA ALA B 158 -8.71 20.23 30.08
C ALA B 158 -8.54 20.37 31.59
N THR B 159 -7.34 20.15 32.08
CA THR B 159 -7.07 20.32 33.49
C THR B 159 -7.21 21.79 33.86
N PHE B 160 -6.65 22.66 33.03
CA PHE B 160 -6.74 24.10 33.27
C PHE B 160 -8.21 24.54 33.31
N ALA B 161 -8.99 24.06 32.34
CA ALA B 161 -10.42 24.40 32.27
C ALA B 161 -11.17 23.96 33.53
N GLN B 162 -10.80 22.81 34.07
CA GLN B 162 -11.43 22.32 35.28
C GLN B 162 -10.97 23.08 36.51
N LEU B 163 -9.70 23.51 36.53
CA LEU B 163 -9.19 24.27 37.68
C LEU B 163 -9.84 25.63 37.80
N TRP B 164 -9.97 26.32 36.67
CA TRP B 164 -10.22 27.77 36.71
C TRP B 164 -11.41 28.19 35.86
N GLY B 165 -11.97 27.26 35.09
CA GLY B 165 -12.96 27.63 34.09
C GLY B 165 -12.29 27.89 32.74
N GLU B 166 -13.02 27.65 31.66
CA GLU B 166 -12.42 27.73 30.33
C GLU B 166 -11.91 29.14 29.98
N ASP B 167 -12.68 30.16 30.32
CA ASP B 167 -12.27 31.53 30.05
C ASP B 167 -10.95 31.86 30.74
N LYS B 168 -10.83 31.50 32.01
CA LYS B 168 -9.61 31.80 32.75
C LYS B 168 -8.48 30.86 32.35
N ALA B 169 -8.83 29.64 31.93
CA ALA B 169 -7.81 28.70 31.46
C ALA B 169 -7.09 29.26 30.22
N PHE B 170 -7.84 29.86 29.31
CA PHE B 170 -7.21 30.37 28.10
C PHE B 170 -6.60 31.76 28.31
N ASP B 171 -7.02 32.45 29.36
CA ASP B 171 -6.35 33.68 29.78
C ASP B 171 -4.97 33.30 30.31
N TYR B 172 -4.93 32.22 31.09
CA TYR B 172 -3.66 31.66 31.55
C TYR B 172 -2.80 31.28 30.36
N PHE B 173 -3.41 30.57 29.39
CA PHE B 173 -2.62 30.10 28.27
C PHE B 173 -2.12 31.29 27.45
N LYS B 174 -2.93 32.35 27.35
CA LYS B 174 -2.50 33.59 26.73
C LYS B 174 -1.19 34.14 27.34
N HIS B 175 -1.07 34.05 28.67
CA HIS B 175 0.14 34.53 29.36
C HIS B 175 1.28 33.49 29.36
N LEU B 176 0.95 32.22 29.14
CA LEU B 176 1.94 31.14 29.09
C LEU B 176 2.61 31.01 27.72
N HIS B 177 1.81 31.18 26.67
CA HIS B 177 2.23 31.04 25.29
C HIS B 177 3.50 31.82 24.92
N PRO B 178 3.65 33.09 25.36
CA PRO B 178 4.90 33.79 25.06
C PRO B 178 6.19 33.09 25.55
N ASN B 179 6.08 32.21 26.54
CA ASN B 179 7.25 31.55 27.11
C ASN B 179 7.56 30.21 26.44
N ILE B 180 6.64 29.74 25.61
CA ILE B 180 6.79 28.44 24.97
C ILE B 180 7.73 28.54 23.76
N SER B 181 8.86 27.83 23.79
CA SER B 181 9.78 27.84 22.65
C SER B 181 9.29 26.99 21.49
N GLN B 182 8.64 25.87 21.79
CA GLN B 182 8.12 24.96 20.77
C GLN B 182 6.90 24.20 21.28
N TYR B 183 5.86 24.09 20.45
CA TYR B 183 4.79 23.12 20.71
C TYR B 183 5.19 21.84 20.02
N THR B 184 5.50 20.82 20.81
CA THR B 184 6.06 19.60 20.26
C THR B 184 4.94 18.70 19.72
N LYS B 185 5.26 17.83 18.78
CA LYS B 185 4.25 16.90 18.28
C LYS B 185 3.91 15.87 19.33
N SER B 186 4.93 15.35 20.01
CA SER B 186 4.73 14.27 20.98
C SER B 186 4.68 14.80 22.40
N GLY B 187 3.85 14.17 23.22
CA GLY B 187 3.71 14.57 24.61
C GLY B 187 5.01 14.50 25.38
N ILE B 188 5.85 13.52 25.08
CA ILE B 188 7.01 13.21 25.90
C ILE B 188 8.21 14.11 25.56
N THR B 189 8.15 14.77 24.40
CA THR B 189 9.30 15.55 23.94
C THR B 189 9.76 16.63 24.93
N PRO B 190 8.82 17.37 25.57
CA PRO B 190 9.33 18.33 26.56
C PRO B 190 10.15 17.71 27.70
N ALA B 191 9.81 16.48 28.09
CA ALA B 191 10.58 15.76 29.10
C ALA B 191 11.99 15.44 28.59
N ARG B 192 12.06 15.05 27.34
CA ARG B 192 13.35 14.69 26.75
C ARG B 192 14.23 15.93 26.56
N ASN B 193 13.62 17.04 26.15
CA ASN B 193 14.36 18.27 25.95
C ASN B 193 14.77 18.92 27.28
N ALA B 194 13.89 18.88 28.27
CA ALA B 194 14.26 19.32 29.61
C ALA B 194 15.44 18.49 30.14
N ALA B 195 15.38 17.17 29.95
CA ALA B 195 16.48 16.31 30.35
C ALA B 195 17.79 16.67 29.62
N ARG B 196 17.69 17.02 28.34
CA ARG B 196 18.85 17.44 27.56
C ARG B 196 19.37 18.81 27.97
N GLY B 197 18.56 19.57 28.68
CA GLY B 197 18.84 20.98 28.89
C GLY B 197 18.54 21.84 27.66
N GLU B 198 17.72 21.33 26.74
CA GLU B 198 17.31 22.09 25.56
C GLU B 198 16.15 23.00 25.90
N THR B 199 15.58 22.81 27.08
CA THR B 199 14.55 23.71 27.58
C THR B 199 14.67 23.65 29.10
N THR B 200 14.08 24.60 29.81
CA THR B 200 14.19 24.61 31.27
C THR B 200 13.03 23.90 31.95
N VAL B 201 11.84 24.11 31.42
CA VAL B 201 10.62 23.52 31.98
C VAL B 201 9.90 22.71 30.91
N GLY B 202 9.57 21.46 31.23
CA GLY B 202 8.72 20.66 30.35
C GLY B 202 7.41 20.43 31.06
N ILE B 203 6.29 20.59 30.35
CA ILE B 203 4.97 20.29 30.88
C ILE B 203 4.52 18.96 30.30
N GLY B 204 4.14 18.01 31.16
CA GLY B 204 3.71 16.71 30.68
C GLY B 204 3.35 15.77 31.81
N PHE B 205 3.57 14.48 31.59
CA PHE B 205 3.26 13.47 32.61
C PHE B 205 4.53 13.11 33.39
N LEU B 206 4.44 13.20 34.71
CA LEU B 206 5.63 13.16 35.56
C LEU B 206 6.44 11.86 35.49
N HIS B 207 5.80 10.73 35.19
CA HIS B 207 6.55 9.47 35.04
C HIS B 207 7.62 9.54 33.94
N ASP B 208 7.38 10.33 32.91
CA ASP B 208 8.38 10.44 31.83
C ASP B 208 9.59 11.21 32.35
N TYR B 209 9.33 12.21 33.19
CA TYR B 209 10.42 12.99 33.80
C TYR B 209 11.15 12.14 34.84
N ALA B 210 10.40 11.31 35.57
CA ALA B 210 10.98 10.49 36.63
C ALA B 210 12.01 9.53 36.04
N LEU B 211 11.68 9.00 34.87
CA LEU B 211 12.59 8.10 34.20
C LEU B 211 13.90 8.81 33.81
N GLU B 212 13.81 10.01 33.25
CA GLU B 212 15.01 10.75 32.85
C GLU B 212 15.82 11.14 34.07
N LYS B 213 15.12 11.54 35.12
CA LYS B 213 15.77 11.91 36.38
C LYS B 213 16.52 10.70 36.94
N GLU B 214 15.86 9.54 36.93
CA GLU B 214 16.49 8.32 37.44
C GLU B 214 17.75 7.95 36.64
N GLN B 215 17.80 8.36 35.38
CA GLN B 215 18.97 8.04 34.57
C GLN B 215 20.00 9.18 34.48
N GLY B 216 19.82 10.24 35.27
CA GLY B 216 20.86 11.23 35.38
C GLY B 216 20.49 12.68 35.12
N ALA B 217 19.30 12.92 34.58
CA ALA B 217 18.93 14.30 34.24
C ALA B 217 18.70 15.15 35.50
N PRO B 218 19.21 16.40 35.50
CA PRO B 218 19.06 17.27 36.66
C PRO B 218 17.67 17.89 36.72
N LEU B 219 16.66 17.08 37.01
CA LEU B 219 15.27 17.52 36.95
C LEU B 219 14.61 17.53 38.32
N GLU B 220 13.84 18.57 38.57
CA GLU B 220 13.00 18.65 39.76
C GLU B 220 11.54 18.54 39.33
N MET B 221 10.90 17.45 39.72
CA MET B 221 9.50 17.25 39.35
C MET B 221 8.57 18.05 40.24
N VAL B 222 7.54 18.62 39.66
CA VAL B 222 6.64 19.49 40.40
C VAL B 222 5.19 19.08 40.19
N VAL B 223 4.48 18.84 41.30
CA VAL B 223 3.04 18.77 41.30
C VAL B 223 2.54 20.17 41.61
N PRO B 224 2.03 20.88 40.60
CA PRO B 224 1.77 22.32 40.77
C PRO B 224 0.86 22.61 41.95
N CYS B 225 1.12 23.72 42.65
CA CYS B 225 0.49 23.98 43.93
C CYS B 225 -1.03 24.21 43.82
N GLU B 226 -1.51 24.64 42.66
CA GLU B 226 -2.95 24.87 42.51
C GLU B 226 -3.73 23.55 42.46
N GLY B 227 -3.03 22.46 42.17
CA GLY B 227 -3.68 21.19 41.93
C GLY B 227 -3.45 20.83 40.47
N THR B 228 -3.75 19.60 40.10
CA THR B 228 -3.48 19.18 38.74
C THR B 228 -4.32 17.97 38.37
N GLY B 229 -4.24 17.57 37.10
CA GLY B 229 -5.02 16.46 36.60
C GLY B 229 -4.16 15.24 36.30
N TYR B 230 -4.68 14.33 35.50
CA TYR B 230 -3.96 13.12 35.16
C TYR B 230 -4.58 12.49 33.92
N GLU B 231 -3.80 11.68 33.21
CA GLU B 231 -4.34 10.80 32.16
C GLU B 231 -4.72 9.44 32.73
N LEU B 232 -5.74 8.83 32.16
CA LEU B 232 -5.84 7.36 32.15
C LEU B 232 -5.31 6.92 30.79
N GLY B 233 -4.35 6.00 30.79
CA GLY B 233 -3.94 5.36 29.55
C GLY B 233 -5.07 4.48 29.06
N GLY B 234 -5.40 4.56 27.78
CA GLY B 234 -6.51 3.78 27.27
C GLY B 234 -6.14 2.56 26.46
N VAL B 235 -7.02 1.55 26.45
CA VAL B 235 -6.94 0.50 25.44
C VAL B 235 -8.35 0.30 24.91
N SER B 236 -8.47 0.27 23.58
CA SER B 236 -9.76 0.20 22.91
C SER B 236 -9.65 -0.64 21.65
N ILE B 237 -10.63 -1.52 21.42
CA ILE B 237 -10.72 -2.29 20.19
C ILE B 237 -11.46 -1.49 19.12
N LEU B 238 -10.95 -1.50 17.89
CA LEU B 238 -11.57 -0.77 16.79
C LEU B 238 -12.81 -1.46 16.24
N LYS B 239 -13.85 -0.68 15.96
CA LYS B 239 -15.03 -1.20 15.30
C LYS B 239 -14.65 -1.74 13.93
N GLY B 240 -15.00 -3.00 13.67
CA GLY B 240 -14.62 -3.61 12.40
C GLY B 240 -13.22 -4.19 12.37
N ALA B 241 -12.58 -4.35 13.53
CA ALA B 241 -11.26 -4.96 13.61
C ALA B 241 -11.23 -6.33 12.91
N ARG B 242 -10.27 -6.51 12.00
CA ARG B 242 -10.16 -7.77 11.26
C ARG B 242 -9.79 -8.93 12.19
N ASN B 243 -8.87 -8.65 13.10
CA ASN B 243 -8.46 -9.62 14.11
C ASN B 243 -9.10 -9.34 15.47
N LEU B 244 -10.43 -9.28 15.48
CA LEU B 244 -11.18 -8.90 16.68
C LEU B 244 -10.90 -9.79 17.90
N ASP B 245 -10.83 -11.09 17.68
CA ASP B 245 -10.69 -12.04 18.78
C ASP B 245 -9.32 -11.90 19.45
N ASN B 246 -8.27 -11.67 18.65
CA ASN B 246 -6.95 -11.44 19.23
C ASN B 246 -6.88 -10.07 19.90
N ALA B 247 -7.67 -9.12 19.40
CA ALA B 247 -7.79 -7.81 20.03
C ALA B 247 -8.37 -7.93 21.44
N LYS B 248 -9.36 -8.82 21.60
CA LYS B 248 -9.92 -9.06 22.91
C LYS B 248 -8.88 -9.68 23.84
N LEU B 249 -8.09 -10.63 23.31
CA LEU B 249 -7.02 -11.22 24.11
C LEU B 249 -6.00 -10.16 24.50
N PHE B 250 -5.71 -9.23 23.58
CA PHE B 250 -4.76 -8.17 23.93
C PHE B 250 -5.31 -7.25 25.04
N VAL B 251 -6.61 -6.98 24.99
CA VAL B 251 -7.25 -6.18 26.05
C VAL B 251 -7.11 -6.91 27.39
N ASP B 252 -7.40 -8.22 27.40
CA ASP B 252 -7.20 -9.01 28.63
C ASP B 252 -5.78 -8.79 29.15
N PHE B 253 -4.81 -8.91 28.23
CA PHE B 253 -3.41 -8.84 28.59
C PHE B 253 -3.02 -7.47 29.13
N ALA B 254 -3.49 -6.43 28.46
CA ALA B 254 -3.22 -5.05 28.86
C ALA B 254 -3.78 -4.71 30.23
N LEU B 255 -4.84 -5.40 30.62
CA LEU B 255 -5.52 -5.18 31.90
C LEU B 255 -5.03 -6.18 32.96
N SER B 256 -4.15 -7.08 32.55
CA SER B 256 -3.69 -8.15 33.44
C SER B 256 -2.55 -7.69 34.35
N LYS B 257 -2.36 -8.44 35.43
CA LYS B 257 -1.25 -8.22 36.35
C LYS B 257 0.09 -8.23 35.60
N GLU B 258 0.32 -9.28 34.81
CA GLU B 258 1.58 -9.44 34.09
C GLU B 258 1.77 -8.38 33.01
N GLY B 259 0.69 -8.07 32.30
CA GLY B 259 0.78 -7.11 31.21
C GLY B 259 1.09 -5.72 31.72
N GLN B 260 0.52 -5.35 32.86
CA GLN B 260 0.81 -4.04 33.40
C GLN B 260 2.18 -3.99 34.11
N GLU B 261 2.53 -5.03 34.86
CA GLU B 261 3.84 -5.04 35.52
C GLU B 261 5.00 -4.96 34.52
N THR B 262 4.86 -5.57 33.36
CA THR B 262 5.98 -5.59 32.42
C THR B 262 6.27 -4.19 31.87
N ALA B 263 5.29 -3.30 31.94
CA ALA B 263 5.46 -1.92 31.50
C ALA B 263 6.65 -1.26 32.21
N TRP B 264 6.74 -1.40 33.54
CA TRP B 264 7.85 -0.79 34.25
C TRP B 264 9.00 -1.77 34.41
N LYS B 265 8.73 -3.07 34.43
CA LYS B 265 9.81 -4.06 34.59
C LYS B 265 10.69 -4.18 33.34
N LYS B 266 10.09 -4.08 32.17
CA LYS B 266 10.82 -4.28 30.93
C LYS B 266 10.55 -3.19 29.90
N GLY B 267 9.43 -2.49 30.04
CA GLY B 267 9.03 -1.53 29.03
C GLY B 267 9.51 -0.11 29.26
N GLN B 268 10.30 0.11 30.32
CA GLN B 268 10.82 1.43 30.66
C GLN B 268 9.75 2.51 30.70
N ALA B 269 8.64 2.19 31.38
CA ALA B 269 7.49 3.08 31.47
C ALA B 269 6.97 3.05 32.89
N LEU B 270 6.99 4.21 33.56
CA LEU B 270 6.76 4.27 34.99
C LEU B 270 5.40 4.81 35.39
N GLN B 271 4.41 4.61 34.52
CA GLN B 271 3.06 5.00 34.88
C GLN B 271 2.56 4.19 36.08
N THR B 272 1.52 4.70 36.72
CA THR B 272 0.92 4.01 37.83
C THR B 272 -0.09 3.01 37.28
N LEU B 273 -0.06 1.78 37.78
CA LEU B 273 -0.89 0.71 37.22
C LEU B 273 -2.31 0.71 37.79
N THR B 274 -3.29 0.43 36.94
CA THR B 274 -4.71 0.38 37.36
C THR B 274 -5.17 -0.98 37.90
N ASN B 275 -4.38 -2.04 37.65
CA ASN B 275 -4.74 -3.36 38.16
C ASN B 275 -4.32 -3.44 39.63
N THR B 276 -5.31 -3.61 40.52
CA THR B 276 -5.09 -3.55 41.96
C THR B 276 -4.24 -4.71 42.51
N THR B 277 -3.96 -5.71 41.68
CA THR B 277 -3.18 -6.85 42.15
C THR B 277 -1.77 -6.81 41.60
N ALA B 278 -1.45 -5.75 40.85
CA ALA B 278 -0.15 -5.62 40.23
C ALA B 278 0.83 -4.91 41.17
N GLU B 279 2.08 -5.34 41.12
CA GLU B 279 3.16 -4.64 41.81
C GLU B 279 3.48 -3.36 41.05
N GLN B 280 3.46 -2.23 41.77
CA GLN B 280 3.81 -0.93 41.21
C GLN B 280 5.32 -0.73 41.20
N SER B 281 5.83 -0.01 40.19
CA SER B 281 7.21 0.46 40.25
C SER B 281 7.42 1.32 41.49
N PRO B 282 8.59 1.22 42.14
CA PRO B 282 8.95 2.06 43.29
C PRO B 282 8.93 3.55 42.94
N LEU B 283 9.03 3.85 41.66
CA LEU B 283 9.09 5.22 41.18
C LEU B 283 7.73 5.75 40.73
N ALA B 284 6.71 4.88 40.71
CA ALA B 284 5.39 5.31 40.29
C ALA B 284 4.77 6.24 41.33
N PHE B 285 3.95 7.18 40.89
CA PHE B 285 3.24 8.06 41.82
C PHE B 285 2.03 7.36 42.45
N ASP B 286 1.74 7.75 43.68
CA ASP B 286 0.57 7.26 44.40
C ASP B 286 -0.51 8.35 44.38
N LEU B 287 -1.62 8.10 43.67
CA LEU B 287 -2.66 9.11 43.52
C LEU B 287 -3.17 9.65 44.84
N THR B 288 -3.31 8.77 45.82
CA THR B 288 -3.90 9.18 47.10
C THR B 288 -3.01 10.16 47.87
N LYS B 289 -1.78 10.38 47.40
CA LYS B 289 -0.88 11.27 48.11
C LYS B 289 -0.68 12.59 47.36
N LEU B 290 -1.52 12.85 46.36
CA LEU B 290 -1.32 13.99 45.49
C LEU B 290 -2.53 14.90 45.42
N LYS B 291 -2.30 16.18 45.15
CA LYS B 291 -3.39 17.13 45.07
C LYS B 291 -4.05 17.07 43.69
N LEU B 292 -4.95 16.12 43.49
CA LEU B 292 -5.52 15.92 42.15
C LEU B 292 -6.97 16.30 42.07
N ILE B 293 -7.35 16.96 40.97
CA ILE B 293 -8.75 17.14 40.66
C ILE B 293 -9.39 15.79 40.34
N ASP B 294 -10.71 15.74 40.37
CA ASP B 294 -11.45 14.58 39.93
C ASP B 294 -11.71 14.76 38.44
N TYR B 295 -10.71 14.40 37.63
CA TYR B 295 -10.73 14.68 36.19
C TYR B 295 -11.93 14.01 35.56
N ASP B 296 -12.72 14.81 34.86
CA ASP B 296 -14.00 14.34 34.34
C ASP B 296 -13.82 13.76 32.94
N PHE B 297 -13.52 12.46 32.88
CA PHE B 297 -13.28 11.83 31.60
C PHE B 297 -14.53 11.79 30.72
N GLU B 298 -15.70 11.69 31.34
CA GLU B 298 -16.95 11.60 30.58
C GLU B 298 -17.22 12.90 29.85
N LYS B 299 -16.88 14.02 30.50
CA LYS B 299 -17.06 15.35 29.88
C LYS B 299 -15.99 15.65 28.82
N TYR B 300 -14.71 15.52 29.20
CA TYR B 300 -13.64 15.95 28.30
C TYR B 300 -13.26 14.90 27.28
N GLY B 301 -13.73 13.68 27.47
CA GLY B 301 -13.59 12.66 26.44
C GLY B 301 -14.81 12.65 25.52
N ALA B 302 -15.29 13.83 25.15
CA ALA B 302 -16.42 13.96 24.23
C ALA B 302 -16.05 14.87 23.07
N SER B 303 -16.68 14.63 21.91
CA SER B 303 -16.38 15.40 20.70
C SER B 303 -16.53 16.91 20.89
N ASP B 304 -17.61 17.34 21.54
CA ASP B 304 -17.85 18.77 21.75
C ASP B 304 -16.67 19.43 22.46
N GLU B 305 -16.29 18.86 23.60
CA GLU B 305 -15.20 19.42 24.39
C GLU B 305 -13.86 19.35 23.66
N ARG B 306 -13.58 18.20 23.04
CA ARG B 306 -12.34 18.02 22.32
C ARG B 306 -12.18 19.08 21.25
N LYS B 307 -13.22 19.23 20.45
CA LYS B 307 -13.22 20.22 19.37
C LYS B 307 -13.03 21.65 19.88
N ARG B 308 -13.77 22.04 20.90
CA ARG B 308 -13.71 23.45 21.27
C ARG B 308 -12.44 23.80 22.06
N LEU B 309 -11.97 22.92 22.93
CA LEU B 309 -10.72 23.23 23.64
C LEU B 309 -9.54 23.33 22.65
N ILE B 310 -9.47 22.44 21.66
CA ILE B 310 -8.38 22.52 20.69
C ILE B 310 -8.51 23.74 19.80
N ASN B 311 -9.73 24.04 19.38
CA ASN B 311 -10.03 25.25 18.61
C ASN B 311 -9.66 26.53 19.38
N LYS B 312 -9.98 26.57 20.67
CA LYS B 312 -9.66 27.74 21.49
C LYS B 312 -8.15 27.88 21.70
N TRP B 313 -7.44 26.75 21.75
CA TRP B 313 -5.99 26.79 21.90
C TRP B 313 -5.37 27.34 20.62
N VAL B 314 -5.82 26.82 19.48
CA VAL B 314 -5.34 27.29 18.18
C VAL B 314 -5.54 28.80 18.02
N ASP B 315 -6.69 29.28 18.47
CA ASP B 315 -6.98 30.72 18.56
C ASP B 315 -5.94 31.50 19.36
N GLU B 316 -5.54 30.98 20.52
CA GLU B 316 -4.59 31.69 21.38
C GLU B 316 -3.19 31.77 20.78
N ILE B 317 -2.77 30.72 20.10
CA ILE B 317 -1.36 30.57 19.77
C ILE B 317 -1.08 31.12 18.38
N LYS B 318 -2.12 31.59 17.71
CA LYS B 318 -1.92 32.24 16.42
C LYS B 318 -2.70 33.54 16.33
N LEU B 319 -2.04 34.56 15.83
CA LEU B 319 -2.67 35.85 15.61
C LEU B 319 -3.50 35.75 14.32
N ALA B 320 -4.76 36.15 14.40
CA ALA B 320 -5.65 36.11 13.24
C ALA B 320 -6.83 37.05 13.43
N GLY C 1 2.45 22.21 -14.54
CA GLY C 1 1.89 21.18 -13.69
C GLY C 1 0.39 21.33 -13.50
N SER C 2 -0.31 20.19 -13.41
CA SER C 2 -1.76 20.16 -13.30
C SER C 2 -2.42 20.99 -14.41
N LYS C 3 -2.47 20.43 -15.61
CA LYS C 3 -3.14 21.08 -16.73
C LYS C 3 -4.40 20.29 -17.09
N GLY C 4 -5.33 20.22 -16.14
CA GLY C 4 -6.57 19.50 -16.34
C GLY C 4 -6.40 18.00 -16.22
N ARG C 5 -7.39 17.27 -16.72
CA ARG C 5 -7.37 15.82 -16.58
C ARG C 5 -7.86 15.12 -17.85
N LEU C 6 -7.68 13.80 -17.87
CA LEU C 6 -8.12 12.99 -19.01
C LEU C 6 -8.59 11.64 -18.49
N VAL C 7 -9.76 11.20 -18.93
CA VAL C 7 -10.23 9.85 -18.60
C VAL C 7 -10.26 8.99 -19.86
N ILE C 8 -9.51 7.88 -19.83
CA ILE C 8 -9.39 6.99 -21.00
C ILE C 8 -10.14 5.67 -20.78
N TYR C 9 -10.97 5.29 -21.73
CA TYR C 9 -11.44 3.91 -21.79
C TYR C 9 -10.44 3.15 -22.67
N CYS C 10 -9.68 2.22 -22.08
CA CYS C 10 -8.63 1.53 -22.82
C CYS C 10 -9.05 0.09 -23.11
N SER C 11 -8.73 -0.41 -24.31
CA SER C 11 -9.08 -1.77 -24.71
C SER C 11 -7.86 -2.57 -25.15
N ALA C 12 -6.66 -2.04 -24.90
CA ALA C 12 -5.44 -2.81 -25.11
C ALA C 12 -5.11 -3.53 -23.79
N THR C 13 -3.94 -4.14 -23.70
CA THR C 13 -3.54 -4.79 -22.45
C THR C 13 -3.28 -3.75 -21.36
N ASN C 14 -3.45 -4.16 -20.11
CA ASN C 14 -3.23 -3.23 -19.02
C ASN C 14 -1.82 -2.60 -19.05
N VAL C 15 -0.80 -3.40 -19.32
CA VAL C 15 0.57 -2.87 -19.32
C VAL C 15 0.72 -1.78 -20.40
N MET C 16 0.15 -2.01 -21.58
CA MET C 16 0.23 -1.02 -22.65
CA MET C 16 0.22 -1.03 -22.66
C MET C 16 -0.52 0.26 -22.28
N CYS C 17 -1.74 0.10 -21.78
CA CYS C 17 -2.59 1.23 -21.39
C CYS C 17 -1.92 2.10 -20.31
N GLU C 18 -1.38 1.44 -19.30
CA GLU C 18 -0.75 2.12 -18.17
C GLU C 18 0.46 2.93 -18.59
N ASN C 19 1.30 2.32 -19.43
CA ASN C 19 2.47 3.01 -19.97
C ASN C 19 2.09 4.23 -20.82
N ALA C 20 1.06 4.08 -21.63
CA ALA C 20 0.60 5.17 -22.48
C ALA C 20 0.07 6.32 -21.63
N ALA C 21 -0.75 5.98 -20.64
CA ALA C 21 -1.34 6.98 -19.76
C ALA C 21 -0.26 7.67 -18.91
N LYS C 22 0.69 6.89 -18.41
CA LYS C 22 1.76 7.45 -17.59
C LYS C 22 2.64 8.37 -18.42
N THR C 23 3.00 7.92 -19.61
CA THR C 23 3.86 8.68 -20.51
C THR C 23 3.17 9.99 -20.93
N PHE C 24 1.89 9.90 -21.24
CA PHE C 24 1.10 11.09 -21.58
C PHE C 24 1.05 12.08 -20.41
N GLU C 25 0.79 11.58 -19.21
CA GLU C 25 0.71 12.42 -18.02
C GLU C 25 2.05 13.14 -17.78
N GLN C 26 3.14 12.40 -17.92
CA GLN C 26 4.48 12.93 -17.70
C GLN C 26 4.85 13.96 -18.75
N LYS C 27 4.36 13.78 -19.98
CA LYS C 27 4.72 14.67 -21.08
C LYS C 27 3.88 15.95 -21.12
N TYR C 28 2.68 15.93 -20.55
CA TYR C 28 1.77 17.06 -20.72
C TYR C 28 1.13 17.58 -19.44
N ASP C 29 1.50 17.01 -18.30
CA ASP C 29 0.99 17.42 -16.99
C ASP C 29 -0.51 17.30 -16.87
N VAL C 30 -1.08 16.39 -17.66
CA VAL C 30 -2.50 16.11 -17.59
C VAL C 30 -2.75 14.91 -16.67
N LYS C 31 -3.61 15.07 -15.67
CA LYS C 31 -3.89 13.96 -14.77
C LYS C 31 -4.74 12.92 -15.48
N THR C 32 -4.09 11.81 -15.79
CA THR C 32 -4.64 10.82 -16.70
C THR C 32 -4.93 9.52 -15.98
N SER C 33 -6.15 9.04 -16.11
CA SER C 33 -6.53 7.73 -15.59
C SER C 33 -7.19 6.91 -16.70
N PHE C 34 -7.19 5.60 -16.54
CA PHE C 34 -7.85 4.73 -17.52
C PHE C 34 -8.59 3.57 -16.84
N ILE C 35 -9.61 3.09 -17.53
CA ILE C 35 -10.33 1.89 -17.16
C ILE C 35 -10.22 0.93 -18.34
N ARG C 36 -9.82 -0.31 -18.07
CA ARG C 36 -9.54 -1.28 -19.13
C ARG C 36 -10.70 -2.24 -19.33
N ASN C 37 -11.12 -2.41 -20.57
CA ASN C 37 -12.17 -3.38 -20.89
C ASN C 37 -12.08 -3.80 -22.35
N GLY C 38 -12.72 -4.92 -22.69
CA GLY C 38 -12.69 -5.44 -24.05
C GLY C 38 -13.27 -4.45 -25.05
N SER C 39 -12.92 -4.61 -26.32
CA SER C 39 -13.42 -3.72 -27.36
C SER C 39 -14.95 -3.72 -27.39
N GLY C 40 -15.54 -4.90 -27.43
CA GLY C 40 -16.99 -5.02 -27.49
C GLY C 40 -17.64 -4.53 -26.20
N SER C 41 -17.04 -4.90 -25.07
CA SER C 41 -17.53 -4.45 -23.76
C SER C 41 -17.55 -2.93 -23.65
N THR C 42 -16.48 -2.31 -24.13
CA THR C 42 -16.30 -0.86 -24.04
C THR C 42 -17.35 -0.15 -24.91
N PHE C 43 -17.58 -0.67 -26.11
CA PHE C 43 -18.63 -0.13 -26.97
C PHE C 43 -19.96 -0.08 -26.25
N ALA C 44 -20.32 -1.18 -25.60
CA ALA C 44 -21.61 -1.30 -24.94
C ALA C 44 -21.73 -0.28 -23.81
N LYS C 45 -20.63 -0.08 -23.08
CA LYS C 45 -20.59 0.85 -21.97
C LYS C 45 -20.75 2.28 -22.47
N ILE C 46 -20.04 2.61 -23.55
CA ILE C 46 -20.10 3.94 -24.13
C ILE C 46 -21.51 4.27 -24.65
N GLU C 47 -22.13 3.31 -25.32
CA GLU C 47 -23.50 3.48 -25.81
C GLU C 47 -24.49 3.68 -24.68
N ALA C 48 -24.32 2.90 -23.61
CA ALA C 48 -25.19 3.01 -22.45
C ALA C 48 -25.02 4.36 -21.73
N GLU C 49 -23.86 4.97 -21.88
CA GLU C 49 -23.53 6.20 -21.17
C GLU C 49 -23.63 7.45 -22.04
N LYS C 50 -24.14 7.27 -23.26
CA LYS C 50 -24.06 8.32 -24.29
C LYS C 50 -24.72 9.65 -23.89
N ASN C 51 -25.74 9.59 -23.04
CA ASN C 51 -26.42 10.80 -22.58
C ASN C 51 -25.62 11.55 -21.52
N ASN C 52 -24.59 10.89 -21.00
CA ASN C 52 -23.71 11.52 -20.01
C ASN C 52 -22.35 10.80 -19.98
N PRO C 53 -21.48 11.10 -20.97
CA PRO C 53 -20.25 10.34 -21.19
C PRO C 53 -19.33 10.36 -19.97
N GLN C 54 -18.75 9.21 -19.64
CA GLN C 54 -17.99 9.08 -18.42
C GLN C 54 -16.48 9.06 -18.68
N ALA C 55 -16.11 9.06 -19.96
CA ALA C 55 -14.71 9.13 -20.34
C ALA C 55 -14.55 10.14 -21.45
N ASP C 56 -13.30 10.43 -21.80
CA ASP C 56 -12.98 11.37 -22.86
C ASP C 56 -12.55 10.71 -24.16
N VAL C 57 -11.72 9.66 -24.05
CA VAL C 57 -11.20 8.98 -25.22
C VAL C 57 -11.23 7.48 -25.06
N TRP C 58 -11.30 6.80 -26.20
CA TRP C 58 -11.29 5.35 -26.28
C TRP C 58 -10.01 4.96 -26.99
N TYR C 59 -9.17 4.15 -26.35
CA TYR C 59 -7.82 3.88 -26.84
C TYR C 59 -7.53 2.39 -26.92
N GLY C 60 -7.06 1.94 -28.07
CA GLY C 60 -6.72 0.54 -28.25
C GLY C 60 -7.97 -0.30 -28.44
N GLY C 61 -7.79 -1.61 -28.54
CA GLY C 61 -8.87 -2.47 -28.95
C GLY C 61 -9.03 -2.36 -30.46
N THR C 62 -9.87 -3.21 -31.01
CA THR C 62 -10.05 -3.26 -32.46
C THR C 62 -10.87 -2.07 -32.97
N LEU C 63 -10.68 -1.74 -34.24
CA LEU C 63 -11.35 -0.58 -34.84
C LEU C 63 -12.86 -0.79 -35.05
N ASP C 64 -13.28 -2.00 -35.38
CA ASP C 64 -14.68 -2.24 -35.80
C ASP C 64 -15.74 -1.67 -34.83
N PRO C 65 -15.63 -1.93 -33.51
CA PRO C 65 -16.64 -1.31 -32.63
C PRO C 65 -16.53 0.22 -32.56
N GLN C 66 -15.32 0.76 -32.72
CA GLN C 66 -15.14 2.21 -32.73
C GLN C 66 -15.76 2.80 -34.00
N SER C 67 -15.62 2.08 -35.12
CA SER C 67 -16.34 2.43 -36.34
C SER C 67 -17.87 2.36 -36.12
N GLN C 68 -18.34 1.30 -35.44
CA GLN C 68 -19.76 1.20 -35.13
C GLN C 68 -20.22 2.38 -34.26
N ALA C 69 -19.39 2.75 -33.28
CA ALA C 69 -19.74 3.87 -32.41
C ALA C 69 -19.80 5.18 -33.20
N GLY C 70 -18.86 5.31 -34.14
CA GLY C 70 -18.85 6.46 -35.04
C GLY C 70 -20.15 6.54 -35.82
N GLU C 71 -20.59 5.39 -36.33
CA GLU C 71 -21.84 5.28 -37.09
C GLU C 71 -23.06 5.70 -36.27
N LEU C 72 -23.07 5.35 -34.99
CA LEU C 72 -24.24 5.58 -34.16
C LEU C 72 -24.20 6.93 -33.44
N GLY C 73 -23.25 7.77 -33.80
CA GLY C 73 -23.21 9.13 -33.26
C GLY C 73 -22.59 9.26 -31.87
N LEU C 74 -21.86 8.23 -31.44
CA LEU C 74 -21.27 8.21 -30.11
C LEU C 74 -19.90 8.91 -30.04
N LEU C 75 -19.39 9.33 -31.19
CA LEU C 75 -18.04 9.88 -31.22
C LEU C 75 -17.98 11.32 -31.69
N GLU C 76 -16.80 11.91 -31.54
CA GLU C 76 -16.52 13.30 -31.89
C GLU C 76 -15.39 13.35 -32.92
N ALA C 77 -15.69 13.87 -34.11
CA ALA C 77 -14.70 13.92 -35.18
C ALA C 77 -13.52 14.85 -34.87
N TYR C 78 -12.31 14.35 -35.12
CA TYR C 78 -11.09 15.16 -34.96
C TYR C 78 -9.96 14.56 -35.75
N ARG C 79 -9.48 15.29 -36.76
CA ARG C 79 -8.33 14.82 -37.53
C ARG C 79 -7.03 15.46 -37.02
N SER C 80 -6.18 14.63 -36.41
CA SER C 80 -4.89 15.09 -35.94
C SER C 80 -3.97 15.41 -37.11
N PRO C 81 -3.11 16.42 -36.94
CA PRO C 81 -2.07 16.67 -37.94
C PRO C 81 -1.17 15.45 -38.12
N ASN C 82 -1.07 14.62 -37.08
CA ASN C 82 -0.21 13.45 -37.14
C ASN C 82 -0.76 12.40 -38.09
N ILE C 83 -2.02 12.55 -38.51
CA ILE C 83 -2.63 11.67 -39.51
C ILE C 83 -1.81 11.70 -40.80
N ASP C 84 -1.11 12.80 -41.06
CA ASP C 84 -0.23 12.92 -42.23
C ASP C 84 0.93 11.92 -42.23
N GLN C 85 1.26 11.39 -41.06
CA GLN C 85 2.38 10.46 -40.92
C GLN C 85 1.91 9.01 -40.88
N ILE C 86 0.60 8.81 -40.85
CA ILE C 86 0.03 7.48 -40.80
C ILE C 86 0.00 6.90 -42.22
N MET C 87 0.26 5.60 -42.34
CA MET C 87 0.15 4.87 -43.61
C MET C 87 -1.10 5.29 -44.36
N PRO C 88 -0.95 5.80 -45.60
CA PRO C 88 -2.07 6.33 -46.38
C PRO C 88 -3.29 5.44 -46.40
N LYS C 89 -3.08 4.13 -46.55
CA LYS C 89 -4.18 3.17 -46.63
C LYS C 89 -5.06 3.23 -45.38
N PHE C 90 -4.45 3.61 -44.25
CA PHE C 90 -5.11 3.54 -42.95
C PHE C 90 -5.35 4.91 -42.28
N GLN C 91 -5.37 5.98 -43.08
CA GLN C 91 -5.47 7.34 -42.49
C GLN C 91 -6.88 7.70 -42.00
N ASP C 92 -7.90 7.16 -42.64
CA ASP C 92 -9.29 7.41 -42.25
C ASP C 92 -10.15 6.20 -42.64
N PRO C 93 -9.97 5.08 -41.93
CA PRO C 93 -10.47 3.79 -42.43
C PRO C 93 -11.87 3.39 -41.95
N ALA C 94 -12.44 4.08 -40.98
CA ALA C 94 -13.73 3.63 -40.44
C ALA C 94 -14.88 3.96 -41.41
N LYS C 95 -16.08 3.50 -41.07
CA LYS C 95 -17.25 3.67 -41.93
C LYS C 95 -17.59 5.15 -42.15
N VAL C 96 -17.64 5.92 -41.07
CA VAL C 96 -17.94 7.35 -41.18
C VAL C 96 -16.65 8.15 -41.27
N LYS C 97 -16.43 8.80 -42.40
CA LYS C 97 -15.15 9.48 -42.63
C LYS C 97 -15.08 10.78 -41.88
N GLY C 98 -13.88 11.34 -41.77
CA GLY C 98 -13.64 12.54 -41.00
C GLY C 98 -12.96 12.27 -39.67
N ASN C 99 -12.34 11.10 -39.57
CA ASN C 99 -11.61 10.70 -38.36
C ASN C 99 -12.37 10.85 -37.04
N LEU C 100 -13.51 10.18 -36.97
CA LEU C 100 -14.19 9.92 -35.71
C LEU C 100 -13.37 8.86 -34.98
N SER C 101 -12.64 8.06 -35.76
CA SER C 101 -11.70 7.06 -35.27
C SER C 101 -10.41 7.10 -36.09
N SER C 102 -9.27 6.82 -35.47
CA SER C 102 -7.97 6.72 -36.17
C SER C 102 -7.24 5.42 -35.82
N ALA C 103 -6.26 5.05 -36.65
CA ALA C 103 -5.53 3.77 -36.50
C ALA C 103 -4.17 3.97 -35.86
N VAL C 104 -3.97 3.34 -34.69
CA VAL C 104 -2.75 3.53 -33.93
C VAL C 104 -1.83 2.31 -34.00
N TYR C 105 -2.37 1.17 -34.42
CA TYR C 105 -1.54 0.01 -34.67
C TYR C 105 -2.25 -1.04 -35.52
N ILE C 106 -1.50 -2.07 -35.88
CA ILE C 106 -2.02 -3.19 -36.67
C ILE C 106 -1.73 -4.51 -35.97
N GLY C 107 -2.72 -5.39 -35.87
CA GLY C 107 -2.52 -6.68 -35.26
C GLY C 107 -2.93 -7.80 -36.21
N ILE C 108 -2.04 -8.74 -36.47
CA ILE C 108 -2.32 -9.82 -37.42
C ILE C 108 -3.16 -10.94 -36.79
N LEU C 109 -4.30 -11.27 -37.40
CA LEU C 109 -5.12 -12.41 -36.96
C LEU C 109 -4.50 -13.73 -37.36
N GLY C 110 -4.43 -14.67 -36.43
CA GLY C 110 -3.92 -15.99 -36.75
C GLY C 110 -4.15 -16.89 -35.59
N PHE C 111 -3.36 -17.96 -35.51
CA PHE C 111 -3.38 -18.76 -34.29
C PHE C 111 -1.96 -19.22 -33.97
N ALA C 112 -1.77 -19.71 -32.75
CA ALA C 112 -0.49 -20.28 -32.37
C ALA C 112 -0.72 -21.62 -31.66
N VAL C 113 0.29 -22.48 -31.75
CA VAL C 113 0.20 -23.85 -31.28
C VAL C 113 1.24 -24.10 -30.21
N ASN C 114 0.81 -24.56 -29.04
CA ASN C 114 1.77 -25.03 -28.05
C ASN C 114 2.26 -26.40 -28.48
N THR C 115 3.47 -26.45 -29.05
CA THR C 115 3.94 -27.67 -29.68
C THR C 115 4.34 -28.73 -28.66
N GLU C 116 4.57 -28.32 -27.42
CA GLU C 116 4.89 -29.27 -26.37
C GLU C 116 3.62 -30.01 -25.96
N ARG C 117 2.52 -29.28 -25.84
CA ARG C 117 1.24 -29.88 -25.48
C ARG C 117 0.74 -30.75 -26.61
N LEU C 118 0.92 -30.27 -27.84
CA LEU C 118 0.53 -31.01 -29.03
C LEU C 118 1.17 -32.41 -29.02
N LYS C 119 2.47 -32.46 -28.74
CA LYS C 119 3.15 -33.76 -28.70
C LYS C 119 2.73 -34.60 -27.49
N LYS C 120 2.54 -33.96 -26.34
CA LYS C 120 2.05 -34.68 -25.16
C LYS C 120 0.72 -35.35 -25.47
N LEU C 121 -0.07 -34.73 -26.32
CA LEU C 121 -1.39 -35.23 -26.66
C LEU C 121 -1.35 -36.32 -27.74
N GLY C 122 -0.17 -36.54 -28.33
CA GLY C 122 -0.04 -37.53 -29.38
C GLY C 122 -0.60 -37.07 -30.71
N ILE C 123 -0.96 -35.80 -30.80
CA ILE C 123 -1.44 -35.24 -32.06
C ILE C 123 -0.26 -35.02 -33.02
N GLU C 124 -0.37 -35.60 -34.20
CA GLU C 124 0.75 -35.70 -35.15
C GLU C 124 1.10 -34.37 -35.83
N LYS C 125 0.06 -33.70 -36.30
CA LYS C 125 0.20 -32.55 -37.19
C LYS C 125 -0.03 -31.20 -36.52
N ILE C 126 0.91 -30.27 -36.73
CA ILE C 126 0.71 -28.87 -36.36
C ILE C 126 -0.22 -28.24 -37.39
N PRO C 127 -1.37 -27.72 -36.95
CA PRO C 127 -2.26 -27.09 -37.94
C PRO C 127 -1.60 -25.86 -38.58
N GLN C 128 -1.85 -25.70 -39.88
CA GLN C 128 -1.18 -24.67 -40.66
C GLN C 128 -2.23 -23.80 -41.35
N CYS C 129 -3.48 -24.27 -41.30
CA CYS C 129 -4.59 -23.64 -42.02
C CYS C 129 -5.81 -23.45 -41.10
N TRP C 130 -6.69 -22.52 -41.45
CA TRP C 130 -7.96 -22.38 -40.74
C TRP C 130 -8.70 -23.72 -40.77
N ASN C 131 -8.70 -24.33 -41.94
CA ASN C 131 -9.39 -25.60 -42.14
C ASN C 131 -8.85 -26.73 -41.26
N ASP C 132 -7.55 -26.69 -40.96
CA ASP C 132 -6.95 -27.68 -40.07
C ASP C 132 -7.54 -27.68 -38.66
N LEU C 133 -8.07 -26.54 -38.22
CA LEU C 133 -8.57 -26.45 -36.84
C LEU C 133 -9.86 -27.28 -36.63
N THR C 134 -10.46 -27.77 -37.71
CA THR C 134 -11.71 -28.53 -37.57
C THR C 134 -11.44 -30.03 -37.52
N ASP C 135 -10.16 -30.40 -37.63
CA ASP C 135 -9.74 -31.79 -37.45
C ASP C 135 -10.21 -32.27 -36.08
N PRO C 136 -10.98 -33.37 -36.05
CA PRO C 136 -11.54 -33.87 -34.79
C PRO C 136 -10.48 -34.22 -33.75
N LYS C 137 -9.24 -34.43 -34.20
CA LYS C 137 -8.15 -34.73 -33.27
C LYS C 137 -7.78 -33.53 -32.36
N LEU C 138 -8.23 -32.34 -32.74
CA LEU C 138 -8.00 -31.14 -31.93
C LEU C 138 -9.18 -30.87 -30.98
N LYS C 139 -10.04 -31.87 -30.81
CA LYS C 139 -11.17 -31.81 -29.89
C LYS C 139 -10.81 -31.23 -28.52
N GLY C 140 -11.49 -30.16 -28.13
CA GLY C 140 -11.29 -29.56 -26.82
C GLY C 140 -9.93 -28.93 -26.58
N GLU C 141 -9.22 -28.61 -27.66
CA GLU C 141 -7.84 -28.12 -27.54
C GLU C 141 -7.61 -26.75 -28.19
N ILE C 142 -8.70 -26.09 -28.55
CA ILE C 142 -8.65 -24.77 -29.18
C ILE C 142 -9.44 -23.78 -28.34
N GLN C 143 -8.97 -22.53 -28.28
CA GLN C 143 -9.72 -21.47 -27.61
C GLN C 143 -9.75 -20.21 -28.43
N ILE C 144 -10.86 -19.47 -28.29
CA ILE C 144 -11.00 -18.18 -28.93
C ILE C 144 -11.91 -17.34 -28.03
N ALA C 145 -11.85 -16.02 -28.17
CA ALA C 145 -12.70 -15.18 -27.33
C ALA C 145 -14.14 -15.14 -27.83
N ASP C 146 -15.00 -14.51 -27.03
CA ASP C 146 -16.43 -14.36 -27.30
C ASP C 146 -16.67 -12.96 -27.90
N PRO C 147 -17.31 -12.89 -29.07
CA PRO C 147 -17.48 -11.59 -29.72
C PRO C 147 -18.50 -10.67 -29.03
N GLN C 148 -19.21 -11.17 -28.02
CA GLN C 148 -20.06 -10.29 -27.24
C GLN C 148 -19.20 -9.27 -26.49
N SER C 149 -18.02 -9.70 -26.04
CA SER C 149 -17.11 -8.82 -25.31
C SER C 149 -15.87 -8.44 -26.12
N SER C 150 -15.34 -9.39 -26.89
CA SER C 150 -14.01 -9.26 -27.50
C SER C 150 -14.02 -8.78 -28.95
N GLY C 151 -13.20 -7.77 -29.24
CA GLY C 151 -13.02 -7.32 -30.60
C GLY C 151 -12.30 -8.36 -31.45
N THR C 152 -11.37 -9.09 -30.83
CA THR C 152 -10.57 -10.08 -31.53
C THR C 152 -11.45 -11.14 -32.18
N ALA C 153 -12.45 -11.60 -31.42
CA ALA C 153 -13.38 -12.61 -31.92
C ALA C 153 -14.19 -12.09 -33.09
N TYR C 154 -14.56 -10.81 -33.06
CA TYR C 154 -15.32 -10.25 -34.18
C TYR C 154 -14.44 -10.18 -35.42
N THR C 155 -13.20 -9.71 -35.25
CA THR C 155 -12.23 -9.65 -36.35
C THR C 155 -12.12 -11.01 -37.02
N ALA C 156 -12.16 -12.07 -36.22
CA ALA C 156 -12.11 -13.42 -36.75
C ALA C 156 -13.34 -13.74 -37.61
N ILE C 157 -14.54 -13.58 -37.07
CA ILE C 157 -15.74 -13.94 -37.86
C ILE C 157 -15.78 -13.12 -39.15
N ALA C 158 -15.47 -11.83 -39.02
CA ALA C 158 -15.47 -10.93 -40.18
C ALA C 158 -14.40 -11.32 -41.20
N THR C 159 -13.26 -11.78 -40.72
CA THR C 159 -12.21 -12.27 -41.61
C THR C 159 -12.72 -13.49 -42.39
N PHE C 160 -13.33 -14.44 -41.66
CA PHE C 160 -13.87 -15.66 -42.27
C PHE C 160 -14.91 -15.30 -43.33
N ALA C 161 -15.83 -14.39 -42.97
CA ALA C 161 -16.83 -13.91 -43.93
C ALA C 161 -16.18 -13.27 -45.16
N GLN C 162 -15.08 -12.53 -44.96
CA GLN C 162 -14.40 -11.90 -46.09
C GLN C 162 -13.61 -12.88 -46.94
N LEU C 163 -13.11 -13.95 -46.31
CA LEU C 163 -12.36 -14.99 -47.02
C LEU C 163 -13.25 -15.84 -47.92
N TRP C 164 -14.38 -16.28 -47.38
CA TRP C 164 -15.18 -17.34 -48.01
C TRP C 164 -16.63 -16.95 -48.29
N GLY C 165 -17.03 -15.76 -47.84
CA GLY C 165 -18.44 -15.40 -47.90
C GLY C 165 -19.10 -15.79 -46.59
N GLU C 166 -20.21 -15.14 -46.27
CA GLU C 166 -20.80 -15.26 -44.93
C GLU C 166 -21.31 -16.66 -44.60
N ASP C 167 -22.03 -17.30 -45.52
CA ASP C 167 -22.57 -18.63 -45.25
C ASP C 167 -21.45 -19.66 -45.02
N LYS C 168 -20.45 -19.64 -45.90
CA LYS C 168 -19.31 -20.53 -45.76
C LYS C 168 -18.57 -20.26 -44.46
N ALA C 169 -18.49 -18.99 -44.07
CA ALA C 169 -17.87 -18.64 -42.79
C ALA C 169 -18.57 -19.31 -41.62
N PHE C 170 -19.89 -19.32 -41.64
CA PHE C 170 -20.63 -19.90 -40.53
C PHE C 170 -20.66 -21.42 -40.61
N ASP C 171 -20.50 -21.99 -41.82
CA ASP C 171 -20.32 -23.42 -41.96
CA ASP C 171 -20.34 -23.43 -41.91
C ASP C 171 -18.99 -23.80 -41.31
N TYR C 172 -17.98 -22.98 -41.56
CA TYR C 172 -16.66 -23.20 -40.96
C TYR C 172 -16.80 -23.16 -39.44
N PHE C 173 -17.41 -22.10 -38.94
CA PHE C 173 -17.56 -21.96 -37.50
C PHE C 173 -18.36 -23.13 -36.89
N LYS C 174 -19.37 -23.61 -37.59
CA LYS C 174 -20.10 -24.81 -37.14
C LYS C 174 -19.17 -26.01 -36.93
N HIS C 175 -18.14 -26.12 -37.75
CA HIS C 175 -17.24 -27.26 -37.60
C HIS C 175 -16.03 -26.94 -36.73
N LEU C 176 -15.82 -25.65 -36.45
CA LEU C 176 -14.78 -25.24 -35.52
C LEU C 176 -15.25 -25.29 -34.06
N HIS C 177 -16.46 -24.79 -33.84
CA HIS C 177 -17.08 -24.77 -32.52
C HIS C 177 -16.97 -26.09 -31.73
N PRO C 178 -17.17 -27.25 -32.39
CA PRO C 178 -17.05 -28.49 -31.61
C PRO C 178 -15.68 -28.73 -30.96
N ASN C 179 -14.61 -28.09 -31.48
CA ASN C 179 -13.26 -28.25 -30.93
C ASN C 179 -12.88 -27.20 -29.87
N ILE C 180 -13.68 -26.15 -29.76
CA ILE C 180 -13.41 -25.09 -28.79
C ILE C 180 -13.73 -25.57 -27.38
N SER C 181 -12.75 -25.48 -26.49
CA SER C 181 -12.97 -25.92 -25.12
C SER C 181 -13.80 -24.87 -24.40
N GLN C 182 -13.37 -23.61 -24.47
CA GLN C 182 -14.09 -22.50 -23.85
C GLN C 182 -13.93 -21.24 -24.65
N TYR C 183 -14.99 -20.47 -24.75
CA TYR C 183 -14.91 -19.12 -25.27
C TYR C 183 -14.55 -18.18 -24.12
N THR C 184 -13.54 -17.35 -24.36
CA THR C 184 -13.02 -16.49 -23.31
C THR C 184 -13.62 -15.08 -23.40
N LYS C 185 -13.67 -14.39 -22.28
CA LYS C 185 -14.17 -13.02 -22.28
C LYS C 185 -13.19 -12.09 -23.00
N SER C 186 -11.91 -12.19 -22.68
CA SER C 186 -10.89 -11.32 -23.27
C SER C 186 -10.23 -11.94 -24.51
N GLY C 187 -9.92 -11.10 -25.49
CA GLY C 187 -9.31 -11.58 -26.72
C GLY C 187 -7.96 -12.28 -26.49
N ILE C 188 -7.24 -11.84 -25.47
CA ILE C 188 -5.86 -12.31 -25.23
C ILE C 188 -5.79 -13.58 -24.39
N THR C 189 -6.89 -13.95 -23.75
CA THR C 189 -6.85 -15.13 -22.88
C THR C 189 -6.44 -16.42 -23.63
N PRO C 190 -6.90 -16.62 -24.88
CA PRO C 190 -6.37 -17.82 -25.55
C PRO C 190 -4.84 -17.82 -25.70
N ALA C 191 -4.23 -16.65 -25.93
CA ALA C 191 -2.76 -16.59 -25.94
C ALA C 191 -2.17 -17.01 -24.60
N ARG C 192 -2.78 -16.52 -23.52
CA ARG C 192 -2.27 -16.86 -22.20
C ARG C 192 -2.44 -18.34 -21.92
N ASN C 193 -3.60 -18.90 -22.27
CA ASN C 193 -3.82 -20.31 -22.00
C ASN C 193 -2.94 -21.23 -22.88
N ALA C 194 -2.69 -20.83 -24.12
CA ALA C 194 -1.75 -21.60 -24.95
C ALA C 194 -0.34 -21.52 -24.36
N ALA C 195 0.05 -20.35 -23.90
CA ALA C 195 1.37 -20.18 -23.29
C ALA C 195 1.51 -21.09 -22.06
N ARG C 196 0.45 -21.15 -21.25
CA ARG C 196 0.40 -21.98 -20.04
C ARG C 196 0.29 -23.47 -20.32
N GLY C 197 0.01 -23.85 -21.56
CA GLY C 197 -0.29 -25.23 -21.86
C GLY C 197 -1.65 -25.67 -21.33
N GLU C 198 -2.53 -24.71 -21.05
CA GLU C 198 -3.90 -25.02 -20.68
C GLU C 198 -4.71 -25.38 -21.92
N THR C 199 -4.25 -24.90 -23.08
CA THR C 199 -4.86 -25.27 -24.34
CA THR C 199 -4.85 -25.27 -24.35
C THR C 199 -3.75 -25.45 -25.38
N THR C 200 -4.07 -26.09 -26.49
CA THR C 200 -3.05 -26.35 -27.50
C THR C 200 -3.02 -25.26 -28.55
N VAL C 201 -4.19 -24.77 -28.92
CA VAL C 201 -4.28 -23.77 -29.98
C VAL C 201 -5.05 -22.57 -29.46
N GLY C 202 -4.44 -21.39 -29.57
CA GLY C 202 -5.13 -20.15 -29.27
C GLY C 202 -5.33 -19.37 -30.55
N ILE C 203 -6.54 -18.85 -30.77
CA ILE C 203 -6.81 -17.99 -31.92
C ILE C 203 -6.88 -16.54 -31.47
N GLY C 204 -6.12 -15.66 -32.12
CA GLY C 204 -6.13 -14.26 -31.76
C GLY C 204 -5.15 -13.44 -32.57
N PHE C 205 -4.65 -12.36 -31.99
CA PHE C 205 -3.65 -11.52 -32.67
C PHE C 205 -2.21 -11.92 -32.32
N LEU C 206 -1.42 -12.13 -33.36
CA LEU C 206 -0.16 -12.84 -33.23
C LEU C 206 0.88 -12.11 -32.36
N HIS C 207 0.79 -10.78 -32.25
CA HIS C 207 1.74 -10.06 -31.40
C HIS C 207 1.58 -10.45 -29.93
N ASP C 208 0.39 -10.88 -29.53
CA ASP C 208 0.23 -11.33 -28.15
C ASP C 208 0.97 -12.65 -27.95
N TYR C 209 0.87 -13.53 -28.92
CA TYR C 209 1.60 -14.80 -28.88
C TYR C 209 3.12 -14.59 -29.02
N ALA C 210 3.53 -13.61 -29.83
CA ALA C 210 4.93 -13.25 -29.96
C ALA C 210 5.54 -12.83 -28.62
N LEU C 211 4.79 -12.05 -27.84
CA LEU C 211 5.28 -11.64 -26.53
C LEU C 211 5.39 -12.85 -25.59
N GLU C 212 4.40 -13.75 -25.64
CA GLU C 212 4.47 -14.96 -24.82
C GLU C 212 5.69 -15.80 -25.18
N LYS C 213 5.97 -15.93 -26.48
CA LYS C 213 7.18 -16.63 -26.94
C LYS C 213 8.44 -16.02 -26.35
N GLU C 214 8.51 -14.69 -26.43
CA GLU C 214 9.65 -13.94 -25.93
C GLU C 214 9.81 -14.16 -24.42
N GLN C 215 8.73 -14.52 -23.73
CA GLN C 215 8.82 -14.72 -22.30
C GLN C 215 8.97 -16.19 -21.97
N GLY C 216 9.09 -17.03 -22.99
CA GLY C 216 9.37 -18.43 -22.76
C GLY C 216 8.39 -19.48 -23.26
N ALA C 217 7.24 -19.06 -23.79
CA ALA C 217 6.21 -20.02 -24.21
C ALA C 217 6.62 -20.81 -25.47
N PRO C 218 6.43 -22.15 -25.43
CA PRO C 218 6.75 -23.04 -26.55
C PRO C 218 5.66 -23.00 -27.64
N LEU C 219 5.54 -21.84 -28.29
CA LEU C 219 4.46 -21.60 -29.23
C LEU C 219 4.99 -21.44 -30.64
N GLU C 220 4.29 -22.06 -31.59
CA GLU C 220 4.55 -21.79 -32.99
C GLU C 220 3.42 -20.92 -33.55
N MET C 221 3.76 -19.71 -33.99
CA MET C 221 2.78 -18.79 -34.54
C MET C 221 2.44 -19.18 -35.98
N VAL C 222 1.17 -19.12 -36.33
CA VAL C 222 0.75 -19.46 -37.68
C VAL C 222 -0.04 -18.34 -38.33
N VAL C 223 0.39 -17.94 -39.52
CA VAL C 223 -0.46 -17.15 -40.41
C VAL C 223 -1.14 -18.15 -41.35
N PRO C 224 -2.44 -18.43 -41.13
CA PRO C 224 -3.10 -19.58 -41.78
C PRO C 224 -3.01 -19.55 -43.31
N CYS C 225 -2.86 -20.73 -43.92
CA CYS C 225 -2.51 -20.82 -45.34
C CYS C 225 -3.55 -20.23 -46.28
N GLU C 226 -4.82 -20.22 -45.89
CA GLU C 226 -5.86 -19.61 -46.73
C GLU C 226 -5.74 -18.10 -46.79
N GLY C 227 -4.97 -17.52 -45.87
CA GLY C 227 -4.93 -16.07 -45.74
C GLY C 227 -5.61 -15.65 -44.46
N THR C 228 -5.49 -14.37 -44.13
CA THR C 228 -6.08 -13.91 -42.87
C THR C 228 -6.31 -12.41 -42.87
N GLY C 229 -6.94 -11.93 -41.79
CA GLY C 229 -7.17 -10.52 -41.64
C GLY C 229 -6.31 -9.90 -40.54
N TYR C 230 -6.76 -8.76 -40.05
CA TYR C 230 -6.04 -8.00 -39.05
C TYR C 230 -6.98 -7.01 -38.40
N GLU C 231 -6.65 -6.59 -37.17
CA GLU C 231 -7.25 -5.42 -36.57
C GLU C 231 -6.43 -4.18 -36.91
N LEU C 232 -7.10 -3.03 -36.94
CA LEU C 232 -6.43 -1.77 -36.68
C LEU C 232 -6.79 -1.40 -35.24
N GLY C 233 -5.81 -1.04 -34.43
CA GLY C 233 -6.10 -0.54 -33.10
C GLY C 233 -6.66 0.86 -33.28
N GLY C 234 -7.72 1.21 -32.56
CA GLY C 234 -8.36 2.49 -32.78
C GLY C 234 -8.15 3.47 -31.64
N VAL C 235 -8.18 4.76 -31.97
CA VAL C 235 -8.39 5.77 -30.94
C VAL C 235 -9.50 6.73 -31.41
N SER C 236 -10.42 7.01 -30.51
CA SER C 236 -11.63 7.79 -30.78
C SER C 236 -11.95 8.69 -29.59
N ILE C 237 -12.39 9.91 -29.88
CA ILE C 237 -12.89 10.83 -28.86
C ILE C 237 -14.39 10.65 -28.69
N LEU C 238 -14.86 10.56 -27.45
CA LEU C 238 -16.28 10.37 -27.22
C LEU C 238 -17.04 11.66 -27.46
N LYS C 239 -18.22 11.54 -28.08
CA LYS C 239 -19.11 12.68 -28.24
C LYS C 239 -19.54 13.18 -26.85
N GLY C 240 -19.22 14.44 -26.56
CA GLY C 240 -19.59 15.02 -25.28
C GLY C 240 -18.52 14.84 -24.23
N ALA C 241 -17.31 14.47 -24.67
CA ALA C 241 -16.15 14.37 -23.79
C ALA C 241 -15.99 15.62 -22.93
N ARG C 242 -15.94 15.42 -21.62
CA ARG C 242 -15.78 16.53 -20.70
C ARG C 242 -14.46 17.24 -20.98
N ASN C 243 -13.40 16.46 -21.09
CA ASN C 243 -12.08 17.02 -21.32
C ASN C 243 -11.67 16.97 -22.79
N LEU C 244 -12.38 17.72 -23.63
CA LEU C 244 -12.22 17.65 -25.09
C LEU C 244 -10.82 18.00 -25.57
N ASP C 245 -10.26 19.07 -25.05
CA ASP C 245 -8.96 19.53 -25.52
C ASP C 245 -7.85 18.53 -25.20
N ASN C 246 -7.91 17.97 -23.99
CA ASN C 246 -6.95 16.95 -23.59
C ASN C 246 -7.19 15.67 -24.37
N ALA C 247 -8.44 15.43 -24.79
CA ALA C 247 -8.75 14.29 -25.64
C ALA C 247 -8.04 14.39 -27.00
N LYS C 248 -8.12 15.57 -27.62
CA LYS C 248 -7.47 15.81 -28.89
C LYS C 248 -5.95 15.70 -28.74
N LEU C 249 -5.44 16.20 -27.62
CA LEU C 249 -4.03 16.08 -27.33
C LEU C 249 -3.60 14.60 -27.26
N PHE C 250 -4.40 13.80 -26.58
CA PHE C 250 -4.09 12.40 -26.47
C PHE C 250 -4.12 11.68 -27.84
N VAL C 251 -5.09 12.04 -28.68
CA VAL C 251 -5.14 11.47 -30.02
C VAL C 251 -3.84 11.80 -30.76
N ASP C 252 -3.42 13.06 -30.68
CA ASP C 252 -2.12 13.48 -31.22
C ASP C 252 -0.98 12.56 -30.74
N PHE C 253 -0.91 12.39 -29.43
CA PHE C 253 0.10 11.54 -28.82
C PHE C 253 0.01 10.09 -29.31
N ALA C 254 -1.21 9.56 -29.31
CA ALA C 254 -1.46 8.18 -29.71
C ALA C 254 -1.03 7.90 -31.16
N LEU C 255 -1.13 8.93 -32.00
CA LEU C 255 -0.75 8.83 -33.41
C LEU C 255 0.68 9.29 -33.69
N SER C 256 1.39 9.74 -32.67
CA SER C 256 2.76 10.25 -32.82
C SER C 256 3.79 9.14 -32.82
N LYS C 257 4.96 9.44 -33.38
CA LYS C 257 6.09 8.53 -33.40
C LYS C 257 6.46 8.05 -31.99
N GLU C 258 6.52 8.98 -31.05
CA GLU C 258 6.92 8.63 -29.69
C GLU C 258 5.83 7.83 -28.95
N GLY C 259 4.57 8.20 -29.13
CA GLY C 259 3.47 7.50 -28.49
C GLY C 259 3.33 6.06 -28.99
N GLN C 260 3.64 5.84 -30.27
CA GLN C 260 3.52 4.51 -30.82
C GLN C 260 4.76 3.67 -30.48
N GLU C 261 5.94 4.29 -30.54
CA GLU C 261 7.17 3.58 -30.18
C GLU C 261 7.20 3.13 -28.72
N THR C 262 6.66 3.92 -27.81
CA THR C 262 6.70 3.54 -26.40
C THR C 262 5.88 2.27 -26.14
N ALA C 263 4.91 1.98 -27.01
CA ALA C 263 4.09 0.77 -26.87
C ALA C 263 4.96 -0.49 -26.82
N TRP C 264 5.93 -0.60 -27.71
CA TRP C 264 6.80 -1.77 -27.65
C TRP C 264 8.08 -1.53 -26.85
N LYS C 265 8.54 -0.29 -26.76
CA LYS C 265 9.75 -0.02 -26.01
C LYS C 265 9.51 -0.19 -24.51
N LYS C 266 8.36 0.28 -24.03
CA LYS C 266 8.08 0.22 -22.60
C LYS C 266 6.73 -0.42 -22.25
N GLY C 267 5.79 -0.40 -23.21
CA GLY C 267 4.44 -0.89 -22.93
C GLY C 267 4.19 -2.38 -23.17
N GLN C 268 5.25 -3.12 -23.48
CA GLN C 268 5.20 -4.57 -23.71
C GLN C 268 4.08 -4.98 -24.66
N ALA C 269 3.96 -4.24 -25.74
CA ALA C 269 2.94 -4.53 -26.74
C ALA C 269 3.56 -4.46 -28.11
N LEU C 270 3.46 -5.56 -28.85
CA LEU C 270 4.26 -5.75 -30.06
C LEU C 270 3.46 -5.61 -31.36
N GLN C 271 2.37 -4.84 -31.33
CA GLN C 271 1.66 -4.56 -32.57
C GLN C 271 2.56 -3.83 -33.57
N THR C 272 2.22 -3.93 -34.85
CA THR C 272 2.94 -3.19 -35.89
C THR C 272 2.44 -1.75 -35.89
N LEU C 273 3.36 -0.79 -35.94
CA LEU C 273 2.96 0.61 -35.79
C LEU C 273 2.46 1.20 -37.12
N THR C 274 1.48 2.11 -37.04
CA THR C 274 0.90 2.73 -38.25
C THR C 274 1.59 4.04 -38.66
N ASN C 275 2.32 4.66 -37.73
CA ASN C 275 3.08 5.86 -38.05
C ASN C 275 4.34 5.49 -38.82
N THR C 276 4.44 5.88 -40.08
CA THR C 276 5.55 5.43 -40.91
C THR C 276 6.90 6.05 -40.53
N THR C 277 6.92 6.93 -39.53
CA THR C 277 8.19 7.50 -39.08
C THR C 277 8.66 6.81 -37.79
N ALA C 278 7.80 5.98 -37.23
CA ALA C 278 8.15 5.26 -36.02
C ALA C 278 9.02 4.04 -36.33
N GLU C 279 9.97 3.77 -35.44
CA GLU C 279 10.74 2.53 -35.50
C GLU C 279 9.87 1.35 -35.06
N GLN C 280 9.90 0.25 -35.79
CA GLN C 280 9.13 -0.93 -35.39
C GLN C 280 9.91 -1.82 -34.42
N SER C 281 9.18 -2.51 -33.55
CA SER C 281 9.77 -3.62 -32.81
C SER C 281 10.36 -4.66 -33.77
N PRO C 282 11.53 -5.23 -33.43
CA PRO C 282 12.10 -6.34 -34.21
C PRO C 282 11.15 -7.52 -34.25
N LEU C 283 10.22 -7.56 -33.30
CA LEU C 283 9.28 -8.69 -33.21
C LEU C 283 7.97 -8.40 -33.94
N ALA C 284 7.78 -7.18 -34.42
CA ALA C 284 6.53 -6.83 -35.09
C ALA C 284 6.40 -7.54 -36.44
N PHE C 285 5.16 -7.84 -36.84
CA PHE C 285 4.92 -8.41 -38.15
C PHE C 285 5.02 -7.40 -39.28
N ASP C 286 5.57 -7.86 -40.40
CA ASP C 286 5.70 -7.08 -41.62
C ASP C 286 4.57 -7.42 -42.58
N LEU C 287 3.65 -6.49 -42.78
CA LEU C 287 2.45 -6.77 -43.59
C LEU C 287 2.77 -7.20 -45.03
N THR C 288 3.90 -6.74 -45.57
CA THR C 288 4.25 -7.00 -46.95
C THR C 288 4.76 -8.43 -47.16
N LYS C 289 4.91 -9.16 -46.06
CA LYS C 289 5.37 -10.54 -46.11
C LYS C 289 4.21 -11.52 -45.99
N LEU C 290 3.02 -11.00 -45.71
CA LEU C 290 1.92 -11.85 -45.28
C LEU C 290 0.78 -11.91 -46.29
N LYS C 291 0.13 -13.06 -46.32
CA LYS C 291 -1.07 -13.26 -47.15
C LYS C 291 -2.29 -12.68 -46.42
N LEU C 292 -2.60 -11.42 -46.69
CA LEU C 292 -3.65 -10.72 -45.98
C LEU C 292 -4.80 -10.39 -46.93
N ILE C 293 -6.03 -10.45 -46.43
CA ILE C 293 -7.15 -9.88 -47.16
C ILE C 293 -7.09 -8.36 -47.01
N ASP C 294 -7.79 -7.65 -47.90
CA ASP C 294 -7.98 -6.23 -47.74
C ASP C 294 -9.18 -6.02 -46.83
N TYR C 295 -8.94 -5.99 -45.51
CA TYR C 295 -10.02 -6.03 -44.53
C TYR C 295 -10.93 -4.81 -44.65
N ASP C 296 -12.22 -5.05 -44.83
CA ASP C 296 -13.20 -3.98 -45.11
C ASP C 296 -13.79 -3.38 -43.84
N PHE C 297 -13.14 -2.36 -43.30
CA PHE C 297 -13.59 -1.80 -42.03
C PHE C 297 -14.86 -0.99 -42.20
N GLU C 298 -15.08 -0.45 -43.39
CA GLU C 298 -16.31 0.28 -43.67
C GLU C 298 -17.51 -0.64 -43.63
N LYS C 299 -17.34 -1.86 -44.13
CA LYS C 299 -18.46 -2.80 -44.13
C LYS C 299 -18.64 -3.42 -42.76
N TYR C 300 -17.55 -3.86 -42.15
CA TYR C 300 -17.67 -4.64 -40.93
C TYR C 300 -17.62 -3.77 -39.66
N GLY C 301 -17.17 -2.53 -39.78
CA GLY C 301 -17.33 -1.59 -38.68
C GLY C 301 -18.65 -0.85 -38.75
N ALA C 302 -19.75 -1.61 -38.72
CA ALA C 302 -21.11 -1.09 -38.87
C ALA C 302 -22.09 -1.97 -38.10
N SER C 303 -23.18 -1.38 -37.61
CA SER C 303 -24.07 -2.09 -36.69
C SER C 303 -24.72 -3.36 -37.26
N ASP C 304 -25.00 -3.40 -38.55
CA ASP C 304 -25.80 -4.53 -39.04
C ASP C 304 -24.96 -5.81 -39.12
N GLU C 305 -23.71 -5.66 -39.54
CA GLU C 305 -22.76 -6.78 -39.55
C GLU C 305 -22.45 -7.21 -38.12
N ARG C 306 -22.11 -6.23 -37.28
CA ARG C 306 -21.81 -6.47 -35.87
C ARG C 306 -22.91 -7.28 -35.18
N LYS C 307 -24.15 -6.82 -35.29
CA LYS C 307 -25.22 -7.51 -34.59
C LYS C 307 -25.49 -8.89 -35.20
N ARG C 308 -25.53 -8.97 -36.53
CA ARG C 308 -25.88 -10.21 -37.20
C ARG C 308 -24.84 -11.29 -36.91
N LEU C 309 -23.58 -10.98 -37.21
CA LEU C 309 -22.50 -11.94 -37.00
C LEU C 309 -22.44 -12.38 -35.55
N ILE C 310 -22.56 -11.43 -34.62
CA ILE C 310 -22.45 -11.77 -33.21
C ILE C 310 -23.65 -12.64 -32.79
N ASN C 311 -24.85 -12.30 -33.27
CA ASN C 311 -26.06 -13.10 -32.98
C ASN C 311 -25.99 -14.54 -33.51
N LYS C 312 -25.62 -14.69 -34.78
CA LYS C 312 -25.52 -16.00 -35.42
C LYS C 312 -24.47 -16.81 -34.68
N TRP C 313 -23.46 -16.09 -34.24
CA TRP C 313 -22.38 -16.69 -33.51
C TRP C 313 -22.86 -17.23 -32.17
N VAL C 314 -23.64 -16.41 -31.47
CA VAL C 314 -24.14 -16.79 -30.14
C VAL C 314 -25.12 -17.95 -30.27
N ASP C 315 -25.91 -17.92 -31.33
CA ASP C 315 -26.81 -19.04 -31.66
C ASP C 315 -26.06 -20.35 -31.87
N GLU C 316 -24.87 -20.25 -32.47
CA GLU C 316 -24.06 -21.42 -32.74
C GLU C 316 -23.50 -22.06 -31.47
N ILE C 317 -23.12 -21.24 -30.50
CA ILE C 317 -22.44 -21.74 -29.32
C ILE C 317 -23.42 -22.12 -28.22
N LYS C 318 -24.65 -21.63 -28.34
CA LYS C 318 -25.75 -22.00 -27.46
C LYS C 318 -26.73 -22.88 -28.24
N LEU C 319 -27.92 -23.08 -27.71
CA LEU C 319 -28.93 -23.87 -28.43
C LEU C 319 -30.31 -23.27 -28.24
N SER D 2 16.81 4.94 24.41
CA SER D 2 17.24 6.32 24.44
C SER D 2 16.07 7.30 24.28
N LYS D 3 16.39 8.55 23.96
CA LYS D 3 15.36 9.59 23.83
C LYS D 3 14.76 9.67 22.43
N GLY D 4 14.22 8.54 21.96
CA GLY D 4 13.58 8.50 20.65
C GLY D 4 14.53 8.11 19.52
N ARG D 5 14.06 8.24 18.29
CA ARG D 5 14.84 7.86 17.12
C ARG D 5 14.70 8.85 15.96
N LEU D 6 15.51 8.65 14.92
CA LEU D 6 15.52 9.51 13.74
C LEU D 6 15.99 8.73 12.51
N VAL D 7 15.24 8.85 11.42
CA VAL D 7 15.64 8.26 10.15
C VAL D 7 15.99 9.37 9.16
N ILE D 8 17.18 9.29 8.59
CA ILE D 8 17.69 10.33 7.69
C ILE D 8 17.84 9.84 6.27
N TYR D 9 17.23 10.53 5.32
CA TYR D 9 17.62 10.39 3.92
C TYR D 9 18.76 11.36 3.66
N CYS D 10 19.96 10.84 3.42
CA CYS D 10 21.14 11.66 3.23
C CYS D 10 21.52 11.71 1.75
N SER D 11 21.99 12.87 1.28
CA SER D 11 22.35 13.00 -0.13
C SER D 11 23.79 13.51 -0.29
N ALA D 12 24.50 13.65 0.83
CA ALA D 12 25.91 13.95 0.82
C ALA D 12 26.71 12.64 0.71
N THR D 13 28.04 12.69 0.86
CA THR D 13 28.81 11.46 0.80
C THR D 13 28.54 10.61 2.03
N ASN D 14 28.67 9.29 1.88
CA ASN D 14 28.46 8.37 2.99
C ASN D 14 29.31 8.70 4.21
N VAL D 15 30.57 9.08 4.00
CA VAL D 15 31.44 9.43 5.13
C VAL D 15 30.90 10.64 5.94
N MET D 16 30.34 11.64 5.27
CA MET D 16 29.81 12.82 5.95
CA MET D 16 29.87 12.79 6.02
C MET D 16 28.50 12.48 6.64
N CYS D 17 27.67 11.72 5.93
CA CYS D 17 26.39 11.26 6.44
C CYS D 17 26.59 10.47 7.73
N GLU D 18 27.49 9.48 7.66
CA GLU D 18 27.80 8.63 8.80
C GLU D 18 28.24 9.43 10.02
N ASN D 19 29.17 10.36 9.81
CA ASN D 19 29.69 11.16 10.90
C ASN D 19 28.63 12.08 11.53
N ALA D 20 27.77 12.65 10.69
CA ALA D 20 26.70 13.54 11.18
C ALA D 20 25.69 12.75 12.02
N ALA D 21 25.27 11.62 11.49
CA ALA D 21 24.36 10.73 12.18
C ALA D 21 24.93 10.29 13.53
N LYS D 22 26.21 9.89 13.52
CA LYS D 22 26.86 9.45 14.75
C LYS D 22 26.99 10.55 15.78
N THR D 23 27.43 11.73 15.33
CA THR D 23 27.65 12.85 16.23
C THR D 23 26.31 13.30 16.82
N PHE D 24 25.27 13.34 15.98
CA PHE D 24 23.93 13.70 16.43
C PHE D 24 23.42 12.74 17.48
N GLU D 25 23.50 11.44 17.19
CA GLU D 25 23.07 10.40 18.10
C GLU D 25 23.77 10.51 19.47
N GLN D 26 25.08 10.75 19.46
CA GLN D 26 25.83 10.88 20.70
C GLN D 26 25.47 12.16 21.46
N LYS D 27 25.30 13.27 20.73
CA LYS D 27 25.07 14.56 21.36
C LYS D 27 23.67 14.66 21.95
N TYR D 28 22.69 14.10 21.26
CA TYR D 28 21.28 14.30 21.62
C TYR D 28 20.61 13.06 22.17
N ASP D 29 21.34 11.96 22.19
CA ASP D 29 20.83 10.70 22.73
C ASP D 29 19.59 10.26 21.94
N VAL D 30 19.79 10.07 20.64
CA VAL D 30 18.72 9.70 19.72
C VAL D 30 19.15 8.53 18.82
N LYS D 31 18.33 7.50 18.71
CA LYS D 31 18.68 6.35 17.88
C LYS D 31 18.62 6.72 16.40
N THR D 32 19.77 7.01 15.83
CA THR D 32 19.86 7.61 14.50
C THR D 32 20.39 6.68 13.43
N SER D 33 19.72 6.65 12.28
CA SER D 33 20.16 5.85 11.14
C SER D 33 19.98 6.65 9.84
N PHE D 34 20.65 6.25 8.78
CA PHE D 34 20.52 6.97 7.52
C PHE D 34 20.58 6.06 6.30
N ILE D 35 19.98 6.54 5.21
CA ILE D 35 20.08 5.90 3.91
C ILE D 35 20.57 6.95 2.93
N ARG D 36 21.57 6.59 2.13
CA ARG D 36 22.21 7.54 1.22
C ARG D 36 21.77 7.34 -0.23
N ASN D 37 21.45 8.44 -0.91
CA ASN D 37 21.14 8.45 -2.34
C ASN D 37 21.29 9.86 -2.90
N GLY D 38 21.34 9.99 -4.22
CA GLY D 38 21.55 11.27 -4.88
C GLY D 38 20.40 12.23 -4.61
N SER D 39 20.58 13.52 -4.90
CA SER D 39 19.56 14.52 -4.59
C SER D 39 18.27 14.28 -5.37
N GLY D 40 18.39 14.05 -6.68
CA GLY D 40 17.22 13.82 -7.53
C GLY D 40 16.56 12.48 -7.25
N SER D 41 17.39 11.47 -6.98
CA SER D 41 16.87 10.15 -6.63
C SER D 41 16.09 10.20 -5.32
N THR D 42 16.61 10.94 -4.36
CA THR D 42 15.98 11.06 -3.06
C THR D 42 14.64 11.81 -3.18
N PHE D 43 14.60 12.82 -4.04
CA PHE D 43 13.33 13.49 -4.28
C PHE D 43 12.28 12.50 -4.77
N ALA D 44 12.64 11.68 -5.76
CA ALA D 44 11.68 10.75 -6.36
C ALA D 44 11.18 9.71 -5.34
N LYS D 45 12.09 9.27 -4.48
CA LYS D 45 11.75 8.36 -3.40
C LYS D 45 10.79 9.02 -2.41
N ILE D 46 11.08 10.26 -2.02
CA ILE D 46 10.23 10.96 -1.05
C ILE D 46 8.85 11.21 -1.65
N GLU D 47 8.82 11.59 -2.92
CA GLU D 47 7.55 11.78 -3.62
C GLU D 47 6.76 10.47 -3.75
N ALA D 48 7.47 9.37 -3.95
CA ALA D 48 6.82 8.08 -4.09
C ALA D 48 6.23 7.65 -2.75
N GLU D 49 6.93 7.96 -1.66
CA GLU D 49 6.52 7.52 -0.33
C GLU D 49 5.64 8.52 0.40
N LYS D 50 5.07 9.49 -0.33
CA LYS D 50 4.42 10.64 0.30
C LYS D 50 3.18 10.31 1.15
N ASN D 51 2.49 9.22 0.83
CA ASN D 51 1.30 8.85 1.60
C ASN D 51 1.63 7.98 2.80
N ASN D 52 2.91 7.59 2.91
CA ASN D 52 3.40 6.89 4.09
C ASN D 52 4.91 7.08 4.27
N PRO D 53 5.33 8.30 4.66
CA PRO D 53 6.75 8.67 4.67
C PRO D 53 7.65 7.74 5.47
N GLN D 54 8.83 7.44 4.93
CA GLN D 54 9.71 6.43 5.50
C GLN D 54 10.92 7.03 6.18
N ALA D 55 11.14 8.33 6.01
CA ALA D 55 12.22 9.01 6.70
C ALA D 55 11.68 10.25 7.39
N ASP D 56 12.48 10.84 8.27
CA ASP D 56 12.04 12.03 8.99
C ASP D 56 12.63 13.30 8.39
N VAL D 57 13.88 13.21 7.97
CA VAL D 57 14.61 14.41 7.56
C VAL D 57 15.50 14.08 6.37
N TRP D 58 15.65 15.08 5.50
CA TRP D 58 16.46 14.98 4.30
C TRP D 58 17.68 15.86 4.50
N TYR D 59 18.89 15.28 4.50
CA TYR D 59 20.12 16.00 4.81
C TYR D 59 21.12 15.94 3.67
N GLY D 60 21.62 17.10 3.25
CA GLY D 60 22.64 17.14 2.23
C GLY D 60 22.07 16.98 0.84
N GLY D 61 22.96 16.89 -0.14
CA GLY D 61 22.53 17.05 -1.53
C GLY D 61 22.16 18.50 -1.80
N THR D 62 21.86 18.80 -3.05
CA THR D 62 21.61 20.16 -3.47
C THR D 62 20.22 20.64 -3.03
N LEU D 63 20.08 21.96 -2.89
CA LEU D 63 18.84 22.55 -2.41
C LEU D 63 17.69 22.47 -3.45
N ASP D 64 18.00 22.52 -4.74
CA ASP D 64 16.94 22.62 -5.76
C ASP D 64 15.83 21.55 -5.63
N PRO D 65 16.19 20.25 -5.55
CA PRO D 65 15.15 19.24 -5.35
C PRO D 65 14.39 19.37 -4.01
N GLN D 66 15.06 19.86 -2.97
CA GLN D 66 14.39 20.04 -1.68
C GLN D 66 13.40 21.19 -1.79
N SER D 67 13.81 22.24 -2.47
CA SER D 67 12.92 23.35 -2.75
C SER D 67 11.68 22.90 -3.55
N GLN D 68 11.90 22.02 -4.52
CA GLN D 68 10.82 21.46 -5.31
C GLN D 68 9.85 20.69 -4.41
N ALA D 69 10.41 19.87 -3.52
CA ALA D 69 9.63 19.08 -2.58
C ALA D 69 8.79 19.98 -1.68
N GLY D 70 9.36 21.12 -1.31
CA GLY D 70 8.64 22.10 -0.51
C GLY D 70 7.43 22.63 -1.25
N GLU D 71 7.64 22.92 -2.53
CA GLU D 71 6.58 23.46 -3.38
C GLU D 71 5.46 22.44 -3.56
N LEU D 72 5.82 21.16 -3.52
CA LEU D 72 4.84 20.09 -3.75
C LEU D 72 4.18 19.56 -2.48
N GLY D 73 4.39 20.26 -1.36
CA GLY D 73 3.79 19.87 -0.11
C GLY D 73 4.37 18.60 0.51
N LEU D 74 5.61 18.27 0.13
CA LEU D 74 6.25 17.07 0.66
C LEU D 74 7.01 17.34 1.96
N LEU D 75 7.10 18.61 2.35
CA LEU D 75 7.93 18.99 3.51
C LEU D 75 7.14 19.62 4.65
N GLU D 76 7.77 19.71 5.81
CA GLU D 76 7.18 20.30 7.00
C GLU D 76 7.99 21.50 7.40
N ALA D 77 7.35 22.67 7.42
CA ALA D 77 8.05 23.92 7.71
C ALA D 77 8.58 23.94 9.13
N TYR D 78 9.82 24.38 9.29
CA TYR D 78 10.39 24.56 10.62
C TYR D 78 11.61 25.47 10.57
N ARG D 79 11.56 26.57 11.31
CA ARG D 79 12.67 27.50 11.35
C ARG D 79 13.44 27.36 12.65
N SER D 80 14.63 26.78 12.54
CA SER D 80 15.51 26.60 13.68
C SER D 80 15.95 27.96 14.24
N PRO D 81 16.10 28.06 15.57
CA PRO D 81 16.71 29.27 16.14
C PRO D 81 18.10 29.52 15.54
N ASN D 82 18.77 28.45 15.12
CA ASN D 82 20.09 28.56 14.53
C ASN D 82 20.12 29.26 13.16
N ILE D 83 18.95 29.43 12.55
CA ILE D 83 18.86 30.23 11.33
C ILE D 83 19.41 31.64 11.60
N ASP D 84 19.23 32.12 12.82
CA ASP D 84 19.80 33.41 13.25
C ASP D 84 21.29 33.55 12.92
N GLN D 85 22.04 32.45 13.00
CA GLN D 85 23.49 32.47 12.78
C GLN D 85 23.90 32.18 11.31
N ILE D 86 22.93 31.88 10.47
CA ILE D 86 23.22 31.57 9.07
C ILE D 86 23.43 32.85 8.27
N MET D 87 24.37 32.82 7.32
CA MET D 87 24.58 33.94 6.40
C MET D 87 23.25 34.48 5.91
N PRO D 88 23.00 35.78 6.14
CA PRO D 88 21.68 36.37 5.85
C PRO D 88 21.13 36.07 4.47
N LYS D 89 21.98 36.09 3.43
CA LYS D 89 21.53 35.81 2.07
C LYS D 89 20.96 34.39 1.91
N PHE D 90 21.39 33.47 2.76
CA PHE D 90 20.99 32.07 2.65
C PHE D 90 20.09 31.54 3.78
N GLN D 91 19.47 32.45 4.55
CA GLN D 91 18.66 32.02 5.69
C GLN D 91 17.34 31.34 5.31
N ASP D 92 16.74 31.76 4.20
CA ASP D 92 15.48 31.18 3.75
C ASP D 92 15.38 31.17 2.21
N PRO D 93 16.30 30.44 1.55
CA PRO D 93 16.55 30.64 0.11
C PRO D 93 15.62 29.92 -0.87
N ALA D 94 14.82 28.97 -0.41
CA ALA D 94 14.02 28.16 -1.33
C ALA D 94 12.80 28.90 -1.88
N LYS D 95 12.14 28.24 -2.81
CA LYS D 95 10.97 28.77 -3.51
C LYS D 95 9.84 29.12 -2.53
N VAL D 96 9.44 28.17 -1.69
CA VAL D 96 8.42 28.41 -0.67
C VAL D 96 9.07 28.88 0.63
N LYS D 97 8.76 30.08 1.07
CA LYS D 97 9.42 30.65 2.25
C LYS D 97 8.84 30.08 3.56
N GLY D 98 9.58 30.24 4.65
CA GLY D 98 9.18 29.67 5.94
C GLY D 98 10.02 28.47 6.38
N ASN D 99 11.18 28.31 5.74
CA ASN D 99 12.11 27.24 6.04
C ASN D 99 11.49 25.84 6.02
N LEU D 100 10.89 25.51 4.89
CA LEU D 100 10.61 24.13 4.56
C LEU D 100 11.99 23.45 4.30
N SER D 101 12.95 24.26 3.88
CA SER D 101 14.35 23.82 3.65
C SER D 101 15.31 24.87 4.17
N SER D 102 16.46 24.44 4.68
CA SER D 102 17.49 25.36 5.14
C SER D 102 18.86 25.02 4.54
N ALA D 103 19.77 26.01 4.52
CA ALA D 103 21.08 25.85 3.85
C ALA D 103 22.19 25.49 4.84
N VAL D 104 22.78 24.29 4.69
CA VAL D 104 23.76 23.81 5.67
C VAL D 104 25.20 23.92 5.19
N TYR D 105 25.37 24.11 3.88
CA TYR D 105 26.70 24.34 3.31
C TYR D 105 26.61 24.90 1.88
N ILE D 106 27.76 25.34 1.36
CA ILE D 106 27.89 25.83 0.00
C ILE D 106 28.93 25.02 -0.74
N GLY D 107 28.63 24.60 -1.96
CA GLY D 107 29.62 23.90 -2.77
C GLY D 107 29.78 24.64 -4.09
N ILE D 108 31.02 24.92 -4.47
CA ILE D 108 31.32 25.65 -5.70
C ILE D 108 31.34 24.76 -6.91
N LEU D 109 30.55 25.10 -7.92
CA LEU D 109 30.59 24.39 -9.19
C LEU D 109 31.84 24.77 -9.99
N GLY D 110 32.56 23.78 -10.50
CA GLY D 110 33.71 24.06 -11.34
C GLY D 110 34.07 22.78 -12.06
N PHE D 111 35.32 22.68 -12.51
CA PHE D 111 35.82 21.40 -12.99
C PHE D 111 37.25 21.25 -12.51
N ALA D 112 37.77 20.03 -12.56
CA ALA D 112 39.16 19.82 -12.24
C ALA D 112 39.78 18.91 -13.28
N VAL D 113 41.09 19.06 -13.45
CA VAL D 113 41.84 18.37 -14.49
C VAL D 113 42.87 17.44 -13.85
N ASN D 114 42.94 16.20 -14.30
CA ASN D 114 44.03 15.34 -13.92
C ASN D 114 45.25 15.69 -14.79
N THR D 115 46.24 16.33 -14.19
CA THR D 115 47.37 16.86 -14.95
C THR D 115 48.26 15.77 -15.56
N GLU D 116 48.25 14.57 -14.99
CA GLU D 116 48.98 13.46 -15.57
C GLU D 116 48.37 13.04 -16.90
N ARG D 117 47.05 12.83 -16.91
CA ARG D 117 46.37 12.47 -18.15
C ARG D 117 46.41 13.58 -19.18
N LEU D 118 46.33 14.83 -18.72
CA LEU D 118 46.43 15.97 -19.63
C LEU D 118 47.79 15.94 -20.34
N LYS D 119 48.85 15.69 -19.57
CA LYS D 119 50.19 15.58 -20.15
C LYS D 119 50.26 14.40 -21.12
N LYS D 120 49.85 13.24 -20.65
CA LYS D 120 49.80 12.03 -21.46
C LYS D 120 48.90 12.21 -22.68
N LEU D 121 48.01 13.19 -22.62
CA LEU D 121 47.15 13.53 -23.77
C LEU D 121 47.89 14.43 -24.74
N GLY D 122 49.03 14.95 -24.32
CA GLY D 122 49.77 15.90 -25.13
C GLY D 122 49.18 17.30 -25.12
N ILE D 123 48.29 17.59 -24.18
CA ILE D 123 47.74 18.93 -24.04
C ILE D 123 48.51 19.72 -22.99
N GLU D 124 49.03 20.88 -23.39
CA GLU D 124 49.97 21.62 -22.55
C GLU D 124 49.32 22.59 -21.57
N LYS D 125 48.25 23.26 -22.01
CA LYS D 125 47.59 24.26 -21.17
C LYS D 125 46.43 23.64 -20.41
N ILE D 126 46.36 23.92 -19.11
CA ILE D 126 45.21 23.48 -18.32
C ILE D 126 44.01 24.36 -18.68
N PRO D 127 42.91 23.73 -19.14
CA PRO D 127 41.70 24.47 -19.52
C PRO D 127 41.26 25.40 -18.40
N GLN D 128 40.79 26.60 -18.75
CA GLN D 128 40.55 27.65 -17.76
C GLN D 128 39.11 28.16 -17.78
N CYS D 129 38.41 27.86 -18.87
CA CYS D 129 37.06 28.34 -19.09
C CYS D 129 36.12 27.19 -19.38
N TRP D 130 34.83 27.39 -19.09
CA TRP D 130 33.80 26.46 -19.52
C TRP D 130 33.94 26.22 -21.02
N ASN D 131 34.23 27.31 -21.74
CA ASN D 131 34.38 27.29 -23.18
C ASN D 131 35.45 26.30 -23.66
N ASP D 132 36.46 26.04 -22.83
CA ASP D 132 37.54 25.12 -23.20
C ASP D 132 37.10 23.66 -23.29
N LEU D 133 36.02 23.31 -22.61
CA LEU D 133 35.67 21.89 -22.46
C LEU D 133 35.03 21.31 -23.72
N THR D 134 34.71 22.17 -24.68
CA THR D 134 34.11 21.71 -25.92
C THR D 134 35.15 21.44 -27.01
N ASP D 135 36.42 21.67 -26.72
CA ASP D 135 37.49 21.40 -27.67
C ASP D 135 37.51 19.93 -28.09
N PRO D 136 37.57 19.66 -29.41
CA PRO D 136 37.61 18.29 -29.91
C PRO D 136 38.71 17.44 -29.31
N LYS D 137 39.83 18.05 -28.90
CA LYS D 137 40.90 17.27 -28.29
C LYS D 137 40.46 16.58 -26.99
N LEU D 138 39.34 17.00 -26.41
CA LEU D 138 38.89 16.39 -25.15
C LEU D 138 37.81 15.34 -25.38
N LYS D 139 37.66 14.89 -26.62
CA LYS D 139 36.67 13.86 -26.91
C LYS D 139 36.93 12.64 -26.03
N GLY D 140 35.88 12.19 -25.35
CA GLY D 140 35.96 11.05 -24.45
C GLY D 140 36.73 11.29 -23.16
N GLU D 141 37.04 12.54 -22.82
CA GLU D 141 37.93 12.77 -21.69
C GLU D 141 37.29 13.55 -20.53
N ILE D 142 35.97 13.66 -20.55
CA ILE D 142 35.26 14.46 -19.57
C ILE D 142 34.10 13.67 -18.99
N GLN D 143 33.82 13.86 -17.70
CA GLN D 143 32.64 13.27 -17.11
C GLN D 143 31.85 14.27 -16.30
N ILE D 144 30.54 14.10 -16.33
CA ILE D 144 29.66 14.93 -15.51
C ILE D 144 28.48 14.04 -15.16
N ALA D 145 27.79 14.35 -14.06
CA ALA D 145 26.67 13.50 -13.67
C ALA D 145 25.43 13.71 -14.55
N ASP D 146 24.46 12.84 -14.34
CA ASP D 146 23.16 12.83 -15.03
C ASP D 146 22.12 13.49 -14.11
N PRO D 147 21.41 14.52 -14.61
CA PRO D 147 20.48 15.30 -13.78
C PRO D 147 19.20 14.56 -13.42
N GLN D 148 19.01 13.37 -13.99
CA GLN D 148 17.85 12.58 -13.60
C GLN D 148 18.03 12.04 -12.20
N SER D 149 19.28 11.89 -11.77
CA SER D 149 19.56 11.40 -10.42
C SER D 149 20.28 12.45 -9.57
N SER D 150 21.20 13.17 -10.20
CA SER D 150 22.18 14.03 -9.54
C SER D 150 21.76 15.49 -9.40
N GLY D 151 21.88 16.04 -8.19
CA GLY D 151 21.60 17.45 -8.00
C GLY D 151 22.70 18.30 -8.63
N THR D 152 23.93 17.78 -8.56
CA THR D 152 25.10 18.46 -9.12
C THR D 152 24.92 18.79 -10.60
N ALA D 153 24.40 17.84 -11.35
CA ALA D 153 24.21 18.00 -12.77
C ALA D 153 23.18 19.08 -13.04
N TYR D 154 22.13 19.12 -12.22
CA TYR D 154 21.09 20.14 -12.36
C TYR D 154 21.64 21.52 -12.00
N THR D 155 22.46 21.55 -10.95
CA THR D 155 23.11 22.80 -10.56
C THR D 155 23.95 23.33 -11.74
N ALA D 156 24.57 22.42 -12.48
CA ALA D 156 25.32 22.83 -13.67
C ALA D 156 24.39 23.39 -14.76
N ILE D 157 23.34 22.65 -15.09
CA ILE D 157 22.37 23.12 -16.08
C ILE D 157 21.81 24.51 -15.74
N ALA D 158 21.39 24.70 -14.49
CA ALA D 158 20.79 25.97 -14.07
C ALA D 158 21.82 27.11 -14.07
N THR D 159 23.04 26.78 -13.69
CA THR D 159 24.14 27.75 -13.68
C THR D 159 24.39 28.25 -15.10
N PHE D 160 24.50 27.31 -16.04
CA PHE D 160 24.75 27.64 -17.44
C PHE D 160 23.60 28.47 -18.00
N ALA D 161 22.37 28.09 -17.64
CA ALA D 161 21.19 28.84 -18.06
C ALA D 161 21.26 30.28 -17.54
N GLN D 162 21.74 30.45 -16.31
CA GLN D 162 21.82 31.77 -15.69
C GLN D 162 22.98 32.61 -16.19
N LEU D 163 24.09 31.96 -16.51
CA LEU D 163 25.26 32.62 -17.06
C LEU D 163 25.00 33.18 -18.45
N TRP D 164 24.47 32.32 -19.31
CA TRP D 164 24.43 32.61 -20.73
C TRP D 164 23.03 32.78 -21.31
N GLY D 165 22.01 32.41 -20.54
CA GLY D 165 20.66 32.31 -21.09
C GLY D 165 20.40 30.85 -21.45
N GLU D 166 19.14 30.43 -21.41
CA GLU D 166 18.83 29.01 -21.57
C GLU D 166 19.23 28.45 -22.93
N ASP D 167 18.97 29.20 -24.00
CA ASP D 167 19.30 28.73 -25.35
C ASP D 167 20.77 28.37 -25.49
N LYS D 168 21.63 29.29 -25.07
CA LYS D 168 23.05 29.09 -25.22
C LYS D 168 23.55 28.03 -24.26
N ALA D 169 22.88 27.88 -23.12
CA ALA D 169 23.23 26.82 -22.17
C ALA D 169 23.03 25.45 -22.81
N PHE D 170 21.91 25.27 -23.51
CA PHE D 170 21.67 23.98 -24.16
C PHE D 170 22.52 23.79 -25.41
N ASP D 171 22.86 24.88 -26.09
CA ASP D 171 23.83 24.77 -27.17
C ASP D 171 25.17 24.30 -26.60
N TYR D 172 25.63 24.95 -25.51
CA TYR D 172 26.85 24.52 -24.83
C TYR D 172 26.81 23.03 -24.49
N PHE D 173 25.71 22.57 -23.91
CA PHE D 173 25.58 21.14 -23.61
C PHE D 173 25.69 20.26 -24.85
N LYS D 174 25.10 20.71 -25.96
CA LYS D 174 25.14 19.92 -27.19
C LYS D 174 26.59 19.70 -27.64
N HIS D 175 27.44 20.72 -27.45
CA HIS D 175 28.82 20.63 -27.92
C HIS D 175 29.78 20.07 -26.88
N LEU D 176 29.32 19.98 -25.63
CA LEU D 176 30.07 19.30 -24.59
C LEU D 176 29.82 17.80 -24.69
N HIS D 177 28.60 17.46 -25.11
CA HIS D 177 28.11 16.08 -25.16
C HIS D 177 29.11 15.09 -25.80
N PRO D 178 29.67 15.41 -26.98
CA PRO D 178 30.59 14.43 -27.57
C PRO D 178 31.89 14.20 -26.78
N ASN D 179 32.24 15.09 -25.84
CA ASN D 179 33.45 14.90 -25.05
C ASN D 179 33.18 14.12 -23.78
N ILE D 180 31.90 13.92 -23.49
CA ILE D 180 31.48 13.21 -22.29
C ILE D 180 31.58 11.71 -22.51
N SER D 181 32.46 11.04 -21.76
CA SER D 181 32.57 9.59 -21.88
C SER D 181 31.43 8.89 -21.14
N GLN D 182 31.02 9.45 -20.00
CA GLN D 182 29.94 8.88 -19.19
C GLN D 182 29.15 9.95 -18.44
N TYR D 183 27.82 9.87 -18.52
CA TYR D 183 26.97 10.61 -17.60
C TYR D 183 26.75 9.76 -16.35
N THR D 184 27.37 10.16 -15.24
CA THR D 184 27.38 9.30 -14.07
C THR D 184 26.12 9.45 -13.23
N LYS D 185 25.76 8.41 -12.49
CA LYS D 185 24.58 8.49 -11.64
C LYS D 185 24.83 9.46 -10.47
N SER D 186 26.01 9.39 -9.86
CA SER D 186 26.32 10.21 -8.70
C SER D 186 27.13 11.45 -9.08
N GLY D 187 26.84 12.57 -8.42
CA GLY D 187 27.53 13.82 -8.67
C GLY D 187 29.03 13.71 -8.50
N ILE D 188 29.46 12.97 -7.49
CA ILE D 188 30.85 12.90 -7.10
C ILE D 188 31.69 11.98 -8.01
N THR D 189 31.04 11.14 -8.78
CA THR D 189 31.79 10.11 -9.51
C THR D 189 32.83 10.70 -10.47
N PRO D 190 32.50 11.79 -11.20
CA PRO D 190 33.57 12.36 -12.03
C PRO D 190 34.81 12.79 -11.22
N ALA D 191 34.62 13.22 -9.97
CA ALA D 191 35.78 13.56 -9.16
C ALA D 191 36.63 12.34 -8.83
N ARG D 192 35.98 11.22 -8.51
CA ARG D 192 36.72 10.04 -8.14
C ARG D 192 37.39 9.44 -9.38
N ASN D 193 36.69 9.50 -10.49
CA ASN D 193 37.26 8.95 -11.72
C ASN D 193 38.45 9.77 -12.18
N ALA D 194 38.33 11.10 -12.11
CA ALA D 194 39.48 11.95 -12.44
C ALA D 194 40.62 11.68 -11.46
N ALA D 195 40.30 11.51 -10.19
CA ALA D 195 41.33 11.23 -9.19
C ALA D 195 42.05 9.91 -9.52
N ARG D 196 41.30 8.96 -10.06
CA ARG D 196 41.82 7.65 -10.42
C ARG D 196 42.59 7.65 -11.76
N GLY D 197 42.54 8.76 -12.48
CA GLY D 197 43.12 8.82 -13.82
C GLY D 197 42.30 8.08 -14.86
N GLU D 198 41.01 7.91 -14.60
CA GLU D 198 40.11 7.21 -15.52
C GLU D 198 39.35 8.20 -16.42
N THR D 199 39.56 9.48 -16.17
CA THR D 199 39.06 10.53 -17.06
C THR D 199 39.98 11.73 -16.83
N THR D 200 39.96 12.70 -17.75
CA THR D 200 40.87 13.84 -17.63
C THR D 200 40.25 15.04 -16.94
N VAL D 201 38.98 15.30 -17.25
CA VAL D 201 38.25 16.40 -16.63
C VAL D 201 36.99 15.90 -15.94
N GLY D 202 36.78 16.36 -14.72
CA GLY D 202 35.56 16.06 -13.99
C GLY D 202 34.86 17.37 -13.73
N ILE D 203 33.58 17.42 -14.04
CA ILE D 203 32.75 18.58 -13.70
C ILE D 203 31.93 18.25 -12.45
N GLY D 204 32.04 19.08 -11.41
CA GLY D 204 31.24 18.85 -10.22
C GLY D 204 31.52 19.91 -9.18
N PHE D 205 31.42 19.55 -7.90
CA PHE D 205 31.61 20.55 -6.86
C PHE D 205 33.05 20.46 -6.37
N LEU D 206 33.72 21.60 -6.32
CA LEU D 206 35.17 21.62 -6.18
C LEU D 206 35.67 21.03 -4.87
N HIS D 207 34.87 21.11 -3.80
CA HIS D 207 35.30 20.53 -2.52
C HIS D 207 35.55 19.03 -2.64
N ASP D 208 34.83 18.34 -3.51
CA ASP D 208 35.08 16.91 -3.68
C ASP D 208 36.46 16.68 -4.33
N TYR D 209 36.83 17.56 -5.26
CA TYR D 209 38.12 17.45 -5.93
C TYR D 209 39.23 17.85 -4.96
N ALA D 210 38.95 18.86 -4.12
CA ALA D 210 39.90 19.31 -3.12
C ALA D 210 40.27 18.18 -2.15
N LEU D 211 39.30 17.35 -1.78
CA LEU D 211 39.59 16.21 -0.89
C LEU D 211 40.51 15.19 -1.56
N GLU D 212 40.23 14.87 -2.83
CA GLU D 212 41.06 13.91 -3.56
C GLU D 212 42.48 14.46 -3.69
N LYS D 213 42.58 15.74 -4.02
CA LYS D 213 43.86 16.44 -4.14
C LYS D 213 44.65 16.40 -2.83
N GLU D 214 43.98 16.65 -1.71
CA GLU D 214 44.65 16.64 -0.40
C GLU D 214 45.23 15.27 -0.11
N GLN D 215 44.58 14.24 -0.64
CA GLN D 215 45.04 12.88 -0.47
C GLN D 215 46.06 12.46 -1.54
N GLY D 216 46.43 13.40 -2.42
CA GLY D 216 47.49 13.14 -3.37
C GLY D 216 47.11 12.87 -4.83
N ALA D 217 45.84 13.06 -5.19
CA ALA D 217 45.46 12.91 -6.59
C ALA D 217 46.05 14.08 -7.37
N PRO D 218 46.59 13.82 -8.56
CA PRO D 218 47.20 14.88 -9.39
C PRO D 218 46.15 15.76 -10.06
N LEU D 219 45.43 16.54 -9.26
CA LEU D 219 44.31 17.33 -9.76
C LEU D 219 44.54 18.82 -9.63
N GLU D 220 44.21 19.54 -10.69
CA GLU D 220 44.21 20.99 -10.68
C GLU D 220 42.78 21.47 -10.74
N MET D 221 42.37 22.23 -9.74
CA MET D 221 40.99 22.70 -9.66
C MET D 221 40.80 24.03 -10.38
N VAL D 222 39.67 24.16 -11.08
CA VAL D 222 39.39 25.35 -11.85
C VAL D 222 38.03 25.97 -11.55
N VAL D 223 38.06 27.23 -11.10
CA VAL D 223 36.87 28.08 -11.12
C VAL D 223 36.85 28.79 -12.47
N PRO D 224 35.97 28.35 -13.39
CA PRO D 224 36.05 28.75 -14.79
C PRO D 224 35.98 30.26 -15.01
N CYS D 225 36.69 30.74 -16.03
CA CYS D 225 36.92 32.16 -16.22
C CYS D 225 35.65 32.96 -16.42
N GLU D 226 34.60 32.36 -16.99
CA GLU D 226 33.35 33.09 -17.22
C GLU D 226 32.56 33.36 -15.94
N GLY D 227 32.91 32.66 -14.87
CA GLY D 227 32.12 32.68 -13.66
C GLY D 227 31.40 31.35 -13.48
N THR D 228 30.83 31.13 -12.31
CA THR D 228 30.19 29.85 -12.07
C THR D 228 29.12 29.96 -10.99
N GLY D 229 28.45 28.85 -10.68
CA GLY D 229 27.43 28.84 -9.65
C GLY D 229 27.83 27.96 -8.47
N TYR D 230 26.83 27.52 -7.71
CA TYR D 230 27.07 26.75 -6.49
C TYR D 230 25.79 26.05 -6.05
N GLU D 231 25.96 24.96 -5.30
CA GLU D 231 24.85 24.39 -4.55
C GLU D 231 24.77 25.06 -3.19
N LEU D 232 23.57 25.11 -2.64
CA LEU D 232 23.40 25.16 -1.21
C LEU D 232 23.05 23.73 -0.79
N GLY D 233 23.73 23.21 0.24
CA GLY D 233 23.36 21.91 0.76
C GLY D 233 22.08 22.15 1.54
N GLY D 234 21.09 21.26 1.39
CA GLY D 234 19.81 21.45 2.04
C GLY D 234 19.54 20.52 3.21
N VAL D 235 18.76 21.00 4.16
CA VAL D 235 18.15 20.09 5.14
C VAL D 235 16.67 20.43 5.23
N SER D 236 15.84 19.40 5.14
CA SER D 236 14.39 19.55 5.13
C SER D 236 13.72 18.43 5.92
N ILE D 237 12.73 18.78 6.72
CA ILE D 237 11.89 17.79 7.41
C ILE D 237 10.76 17.31 6.51
N LEU D 238 10.52 16.00 6.49
CA LEU D 238 9.45 15.43 5.67
C LEU D 238 8.08 15.63 6.32
N LYS D 239 7.09 16.01 5.52
CA LYS D 239 5.70 16.06 5.97
C LYS D 239 5.26 14.64 6.31
N GLY D 240 4.75 14.44 7.52
CA GLY D 240 4.36 13.10 7.96
C GLY D 240 5.51 12.33 8.58
N ALA D 241 6.53 13.05 9.03
CA ALA D 241 7.68 12.44 9.68
C ALA D 241 7.27 11.69 10.94
N ARG D 242 7.66 10.43 11.04
CA ARG D 242 7.30 9.63 12.20
C ARG D 242 7.93 10.22 13.46
N ASN D 243 9.10 10.83 13.31
CA ASN D 243 9.82 11.39 14.43
C ASN D 243 10.06 12.89 14.27
N LEU D 244 8.98 13.64 14.17
CA LEU D 244 9.04 15.06 13.85
C LEU D 244 9.90 15.85 14.84
N ASP D 245 9.71 15.64 16.14
CA ASP D 245 10.42 16.45 17.12
C ASP D 245 11.95 16.23 17.04
N ASN D 246 12.36 14.99 16.81
CA ASN D 246 13.79 14.73 16.64
C ASN D 246 14.30 15.23 15.28
N ALA D 247 13.42 15.25 14.27
CA ALA D 247 13.79 15.85 12.98
C ALA D 247 14.12 17.33 13.19
N LYS D 248 13.32 18.01 13.99
CA LYS D 248 13.58 19.39 14.33
C LYS D 248 14.89 19.59 15.07
N LEU D 249 15.20 18.67 15.99
CA LEU D 249 16.46 18.72 16.73
C LEU D 249 17.62 18.50 15.76
N PHE D 250 17.43 17.63 14.78
CA PHE D 250 18.48 17.41 13.79
C PHE D 250 18.73 18.66 12.93
N VAL D 251 17.66 19.28 12.44
CA VAL D 251 17.79 20.55 11.73
C VAL D 251 18.61 21.54 12.54
N ASP D 252 18.27 21.72 13.83
CA ASP D 252 19.07 22.57 14.72
C ASP D 252 20.54 22.16 14.65
N PHE D 253 20.77 20.86 14.79
CA PHE D 253 22.13 20.33 14.78
C PHE D 253 22.83 20.60 13.45
N ALA D 254 22.16 20.27 12.35
CA ALA D 254 22.67 20.51 10.99
C ALA D 254 23.05 21.97 10.74
N LEU D 255 22.35 22.89 11.41
CA LEU D 255 22.60 24.32 11.26
C LEU D 255 23.46 24.90 12.38
N SER D 256 23.96 24.06 13.28
CA SER D 256 24.75 24.55 14.41
C SER D 256 26.23 24.62 14.08
N LYS D 257 26.97 25.41 14.86
CA LYS D 257 28.42 25.48 14.72
C LYS D 257 29.08 24.10 14.80
N GLU D 258 28.66 23.29 15.77
CA GLU D 258 29.23 21.96 15.92
C GLU D 258 28.86 21.03 14.77
N GLY D 259 27.60 21.08 14.37
CA GLY D 259 27.11 20.23 13.32
C GLY D 259 27.83 20.49 12.00
N GLN D 260 28.10 21.75 11.70
CA GLN D 260 28.74 22.08 10.44
C GLN D 260 30.26 21.89 10.49
N GLU D 261 30.88 22.25 11.60
CA GLU D 261 32.32 22.08 11.72
C GLU D 261 32.72 20.61 11.64
N THR D 262 31.91 19.72 12.20
CA THR D 262 32.27 18.32 12.21
C THR D 262 32.28 17.70 10.80
N ALA D 263 31.60 18.33 9.85
CA ALA D 263 31.66 17.91 8.46
C ALA D 263 33.09 17.84 7.94
N TRP D 264 33.88 18.89 8.18
CA TRP D 264 35.26 18.85 7.73
C TRP D 264 36.23 18.33 8.79
N LYS D 265 35.90 18.47 10.07
CA LYS D 265 36.79 17.99 11.13
CA LYS D 265 36.79 18.00 11.13
C LYS D 265 36.82 16.47 11.20
N LYS D 266 35.67 15.84 11.02
CA LYS D 266 35.59 14.38 11.14
C LYS D 266 34.90 13.73 9.95
N GLY D 267 34.07 14.47 9.23
CA GLY D 267 33.25 13.87 8.20
C GLY D 267 33.86 13.86 6.81
N GLN D 268 35.11 14.30 6.68
CA GLN D 268 35.83 14.30 5.40
C GLN D 268 35.04 14.98 4.29
N ALA D 269 34.44 16.11 4.61
CA ALA D 269 33.60 16.83 3.68
C ALA D 269 33.98 18.29 3.77
N LEU D 270 34.47 18.85 2.67
CA LEU D 270 35.15 20.13 2.69
C LEU D 270 34.32 21.28 2.11
N GLN D 271 32.99 21.17 2.18
CA GLN D 271 32.13 22.27 1.76
C GLN D 271 32.35 23.53 2.62
N THR D 272 31.98 24.68 2.07
CA THR D 272 32.01 25.93 2.81
C THR D 272 30.76 26.03 3.69
N LEU D 273 30.97 26.36 4.97
CA LEU D 273 29.88 26.36 5.95
C LEU D 273 29.04 27.65 5.97
N THR D 274 27.74 27.51 6.19
CA THR D 274 26.82 28.64 6.16
C THR D 274 26.62 29.31 7.52
N ASN D 275 27.00 28.62 8.59
CA ASN D 275 26.93 29.21 9.92
C ASN D 275 28.08 30.20 10.10
N THR D 276 27.75 31.47 10.22
CA THR D 276 28.76 32.54 10.29
C THR D 276 29.69 32.45 11.49
N THR D 277 29.35 31.61 12.47
CA THR D 277 30.15 31.49 13.67
C THR D 277 31.03 30.25 13.63
N ALA D 278 30.92 29.47 12.55
CA ALA D 278 31.69 28.24 12.41
C ALA D 278 33.09 28.48 11.84
N GLU D 279 34.03 27.66 12.27
CA GLU D 279 35.38 27.68 11.70
C GLU D 279 35.37 26.92 10.38
N GLN D 280 35.83 27.57 9.32
CA GLN D 280 35.91 26.92 8.00
C GLN D 280 37.15 26.05 7.89
N SER D 281 37.05 24.95 7.14
CA SER D 281 38.23 24.17 6.78
C SER D 281 39.24 25.06 6.06
N PRO D 282 40.54 24.83 6.29
CA PRO D 282 41.59 25.55 5.54
C PRO D 282 41.47 25.29 4.03
N LEU D 283 40.89 24.16 3.68
CA LEU D 283 40.72 23.78 2.28
C LEU D 283 39.39 24.21 1.68
N ALA D 284 38.51 24.79 2.50
CA ALA D 284 37.21 25.23 2.00
C ALA D 284 37.36 26.43 1.09
N PHE D 285 36.46 26.55 0.11
CA PHE D 285 36.49 27.71 -0.78
C PHE D 285 35.92 28.95 -0.08
N ASP D 286 36.55 30.09 -0.34
CA ASP D 286 36.14 31.37 0.22
C ASP D 286 35.31 32.10 -0.82
N LEU D 287 34.04 32.27 -0.53
CA LEU D 287 33.14 32.86 -1.51
C LEU D 287 33.54 34.29 -1.88
N THR D 288 34.28 34.97 -1.00
CA THR D 288 34.68 36.35 -1.27
C THR D 288 35.79 36.48 -2.31
N LYS D 289 36.47 35.38 -2.60
CA LYS D 289 37.50 35.39 -3.65
C LYS D 289 36.96 34.98 -5.03
N LEU D 290 35.70 34.57 -5.11
CA LEU D 290 35.20 33.90 -6.33
C LEU D 290 34.21 34.71 -7.17
N LYS D 291 34.24 34.47 -8.48
CA LYS D 291 33.29 35.07 -9.41
C LYS D 291 32.04 34.21 -9.53
N LEU D 292 31.06 34.48 -8.67
CA LEU D 292 29.84 33.67 -8.60
C LEU D 292 28.61 34.41 -9.12
N ILE D 293 27.75 33.72 -9.86
CA ILE D 293 26.46 34.28 -10.20
C ILE D 293 25.63 34.36 -8.93
N ASP D 294 24.57 35.18 -8.96
CA ASP D 294 23.58 35.18 -7.89
C ASP D 294 22.58 34.08 -8.17
N TYR D 295 22.88 32.86 -7.71
CA TYR D 295 22.08 31.70 -8.08
C TYR D 295 20.66 31.83 -7.57
N ASP D 296 19.71 31.69 -8.48
CA ASP D 296 18.29 31.94 -8.20
C ASP D 296 17.61 30.64 -7.81
N PHE D 297 17.63 30.31 -6.51
CA PHE D 297 17.05 29.05 -6.05
C PHE D 297 15.54 29.10 -6.14
N GLU D 298 14.97 30.30 -6.00
CA GLU D 298 13.53 30.46 -6.10
C GLU D 298 13.02 30.07 -7.50
N LYS D 299 13.76 30.45 -8.54
CA LYS D 299 13.39 30.06 -9.90
C LYS D 299 13.74 28.60 -10.19
N TYR D 300 14.97 28.20 -9.91
CA TYR D 300 15.43 26.89 -10.34
C TYR D 300 15.09 25.77 -9.36
N GLY D 301 14.68 26.15 -8.15
CA GLY D 301 14.17 25.18 -7.20
C GLY D 301 12.66 25.14 -7.23
N ALA D 302 12.07 25.41 -8.39
CA ALA D 302 10.62 25.32 -8.56
C ALA D 302 10.32 24.07 -9.39
N SER D 303 9.20 23.41 -9.10
CA SER D 303 8.95 22.10 -9.69
C SER D 303 8.81 22.10 -11.20
N ASP D 304 8.00 23.01 -11.74
CA ASP D 304 7.78 23.03 -13.18
C ASP D 304 9.06 23.35 -13.96
N GLU D 305 9.81 24.32 -13.45
CA GLU D 305 11.07 24.70 -14.08
C GLU D 305 12.07 23.55 -14.04
N ARG D 306 12.16 22.88 -12.90
CA ARG D 306 13.13 21.82 -12.77
C ARG D 306 12.77 20.63 -13.65
N LYS D 307 11.49 20.27 -13.70
CA LYS D 307 11.04 19.18 -14.56
C LYS D 307 11.29 19.52 -16.04
N ARG D 308 11.01 20.77 -16.39
CA ARG D 308 11.18 21.21 -17.76
C ARG D 308 12.64 21.11 -18.22
N LEU D 309 13.55 21.67 -17.44
CA LEU D 309 14.98 21.66 -17.80
C LEU D 309 15.55 20.25 -17.91
N ILE D 310 15.16 19.37 -16.99
CA ILE D 310 15.73 18.04 -16.96
C ILE D 310 15.23 17.20 -18.15
N ASN D 311 13.95 17.26 -18.48
CA ASN D 311 13.51 16.42 -19.59
C ASN D 311 13.97 17.03 -20.91
N LYS D 312 14.18 18.33 -20.93
CA LYS D 312 14.79 18.99 -22.09
C LYS D 312 16.22 18.51 -22.31
N TRP D 313 16.97 18.38 -21.22
CA TRP D 313 18.32 17.81 -21.29
C TRP D 313 18.28 16.37 -21.76
N VAL D 314 17.34 15.59 -21.24
CA VAL D 314 17.21 14.20 -21.67
C VAL D 314 16.85 14.10 -23.16
N ASP D 315 15.80 14.81 -23.57
CA ASP D 315 15.34 14.79 -24.95
C ASP D 315 16.40 15.27 -25.95
N GLU D 316 17.06 16.38 -25.64
CA GLU D 316 17.89 17.05 -26.63
C GLU D 316 19.39 16.77 -26.50
N ILE D 317 19.84 16.41 -25.31
CA ILE D 317 21.28 16.18 -25.11
C ILE D 317 21.61 14.70 -25.01
N LYS D 318 20.94 13.98 -24.12
CA LYS D 318 21.31 12.59 -23.89
C LYS D 318 20.70 11.65 -24.93
N LEU D 319 19.47 11.92 -25.34
CA LEU D 319 18.75 11.03 -26.25
C LEU D 319 19.02 11.33 -27.72
N ALA D 320 19.31 12.59 -28.03
CA ALA D 320 19.50 12.99 -29.42
C ALA D 320 20.33 14.26 -29.51
O1 F6P E . -10.45 -22.09 10.10
O1 F6P E . -10.06 -24.17 8.55
C1 F6P E . -10.80 -22.81 8.97
C1 F6P E . -10.74 -22.99 8.75
C2 F6P E . -12.25 -23.13 8.83
C2 F6P E . -12.22 -23.11 8.67
O2 F6P E . -12.58 -24.15 9.73
O2 F6P E . -12.66 -24.02 9.64
C3 F6P E . -12.60 -23.57 7.49
C3 F6P E . -12.63 -23.52 7.32
O3 F6P E . -12.69 -24.93 7.43
O3 F6P E . -12.55 -24.88 7.06
C4 F6P E . -13.92 -22.93 7.27
C4 F6P E . -14.01 -23.04 7.32
O4 F6P E . -14.12 -22.79 5.91
O4 F6P E . -14.47 -23.02 6.02
C5 F6P E . -13.71 -21.62 7.93
C5 F6P E . -13.81 -21.65 7.84
O5 F6P E . -13.04 -21.91 9.10
O5 F6P E . -12.87 -21.78 8.86
C6 F6P E . -14.94 -20.83 8.22
C6 F6P E . -15.01 -20.92 8.35
O6 F6P E . -14.67 -19.65 8.90
O6 F6P E . -14.69 -19.70 8.94
P F6P E . -15.78 -18.80 9.60
P F6P E . -15.73 -18.81 9.65
O1P F6P E . -16.71 -18.24 8.56
O1P F6P E . -16.66 -18.25 8.59
O2P F6P E . -16.55 -19.65 10.57
O2P F6P E . -16.53 -19.57 10.66
O3P F6P E . -15.11 -17.67 10.34
O3P F6P E . -14.95 -17.69 10.32
C1 GOL F . -24.18 -34.22 30.70
O1 GOL F . -23.24 -35.18 31.13
C2 GOL F . -24.62 -33.35 31.87
O2 GOL F . -23.53 -33.15 32.74
C3 GOL F . -25.06 -32.00 31.32
O3 GOL F . -25.78 -31.33 32.32
C1 GOL G . -0.86 -13.19 -1.76
O1 GOL G . -0.77 -12.13 -0.84
C2 GOL G . 0.06 -12.92 -2.94
O2 GOL G . 1.33 -12.55 -2.48
C3 GOL G . 0.19 -14.19 -3.77
O3 GOL G . 1.18 -14.02 -4.75
C1 GOL H . -23.14 -5.06 -12.63
O1 GOL H . -23.66 -4.64 -11.39
C2 GOL H . -22.57 -6.47 -12.49
O2 GOL H . -23.18 -7.34 -13.44
C3 GOL H . -22.89 -6.98 -11.10
O3 GOL H . -24.28 -6.83 -10.88
C1 GOL I . -9.65 -13.14 12.10
O1 GOL I . -9.29 -12.46 10.92
C2 GOL I . -9.11 -14.57 12.01
O2 GOL I . -8.84 -15.04 13.31
C3 GOL I . -7.81 -14.49 11.23
O3 GOL I . -6.80 -15.16 11.92
O1 F6P J . 5.51 9.32 26.90
O1 F6P J . 4.99 7.74 28.79
C1 F6P J . 4.58 8.54 27.55
C1 F6P J . 4.56 8.31 27.62
C2 F6P J . 3.24 9.19 27.74
C2 F6P J . 3.25 9.03 27.70
O2 F6P J . 3.32 10.15 28.73
O2 F6P J . 3.34 10.04 28.66
C3 F6P J . 2.21 8.23 28.11
C3 F6P J . 2.15 8.11 28.05
O3 F6P J . 2.05 8.18 29.47
O3 F6P J . 2.01 7.83 29.40
C4 F6P J . 1.01 8.80 27.47
C4 F6P J . 1.00 8.87 27.54
O4 F6P J . 0.07 7.80 27.30
O4 F6P J . -0.12 8.07 27.47
C5 F6P J . 1.56 9.25 26.16
C5 F6P J . 1.52 9.24 26.18
O5 F6P J . 2.81 9.79 26.46
O5 F6P J . 2.88 9.58 26.37
C6 F6P J . 0.75 10.24 25.40
C6 F6P J . 0.78 10.35 25.51
O6 F6P J . 1.38 10.68 24.26
O6 F6P J . 1.36 10.70 24.30
P F6P J . 0.88 11.92 23.45
P F6P J . 0.92 11.91 23.43
O1P F6P J . -0.46 11.63 22.84
O1P F6P J . -0.45 11.67 22.87
O2P F6P J . 0.78 13.13 24.35
O2P F6P J . 0.87 13.15 24.30
O3P F6P J . 1.89 12.20 22.35
O3P F6P J . 1.95 12.06 22.33
C1 GOL K . 7.27 9.67 21.09
O1 GOL K . 7.33 8.29 21.44
C2 GOL K . 7.64 9.82 19.63
O2 GOL K . 8.16 11.10 19.34
C3 GOL K . 8.68 8.76 19.28
O3 GOL K . 9.77 8.89 20.18
C1 GOL L . 5.63 2.82 13.62
O1 GOL L . 4.59 3.73 13.86
C2 GOL L . 6.17 2.29 14.94
O2 GOL L . 6.66 0.97 14.76
C3 GOL L . 7.28 3.20 15.42
O3 GOL L . 8.38 2.40 15.81
C1 GOL M . 22.48 19.51 23.42
O1 GOL M . 21.22 19.05 23.86
C2 GOL M . 23.48 19.61 24.57
O2 GOL M . 23.00 20.50 25.55
C3 GOL M . 23.68 18.22 25.17
O3 GOL M . 22.56 17.89 25.97
C TRS N . -21.35 17.53 26.52
C1 TRS N . -22.81 17.99 26.61
C2 TRS N . -21.24 16.12 25.95
C3 TRS N . -20.67 17.53 27.90
N TRS N . -20.67 18.48 25.63
O1 TRS N . -23.59 17.11 27.38
O2 TRS N . -21.68 16.05 24.61
O3 TRS N . -20.65 18.85 28.42
C TRS O . 7.38 -7.50 16.71
C1 TRS O . 7.01 -7.20 15.25
C2 TRS O . 6.94 -8.91 17.09
C3 TRS O . 6.71 -6.48 17.62
N TRS O . 8.83 -7.43 16.87
O1 TRS O . 6.85 -8.41 14.52
O2 TRS O . 6.47 -8.91 18.42
O3 TRS O . 6.90 -5.16 17.14
C TRS P . -23.83 17.07 20.93
C1 TRS P . -23.28 17.98 19.84
C2 TRS P . -22.96 15.84 21.08
C3 TRS P . -25.26 16.70 20.54
N TRS P . -23.84 17.78 22.21
O1 TRS P . -23.72 17.54 18.58
O2 TRS P . -21.77 15.97 20.34
O3 TRS P . -25.94 16.11 21.62
MG MG Q . -8.34 -12.97 15.57
O1 F6P R . -3.98 -8.15 -26.03
O1 F6P R . -2.53 -6.77 -27.41
C1 F6P R . -3.82 -7.11 -26.93
C1 F6P R . -3.82 -6.93 -26.93
C2 F6P R . -4.83 -7.08 -28.04
C2 F6P R . -4.85 -6.91 -28.01
O2 F6P R . -4.55 -8.13 -28.92
O2 F6P R . -4.63 -7.98 -28.87
C3 F6P R . -4.78 -5.84 -28.80
C3 F6P R . -4.82 -5.67 -28.79
O3 F6P R . -3.97 -5.97 -29.90
O3 F6P R . -3.85 -5.66 -29.80
C4 F6P R . -6.19 -5.67 -29.20
C4 F6P R . -6.20 -5.69 -29.32
O4 F6P R . -6.45 -4.34 -29.46
O4 F6P R . -6.55 -4.46 -29.83
C5 F6P R . -6.90 -6.11 -27.97
C5 F6P R . -6.96 -6.05 -28.08
O5 F6P R . -6.19 -7.20 -27.49
O5 F6P R . -6.21 -7.02 -27.42
C6 F6P R . -8.34 -6.48 -28.16
C6 F6P R . -8.35 -6.58 -28.27
O6 F6P R . -8.94 -6.99 -27.02
O6 F6P R . -8.92 -7.01 -27.08
P F6P R . -10.33 -7.67 -27.07
P F6P R . -10.31 -7.70 -27.05
O1P F6P R . -10.31 -8.80 -28.07
O1P F6P R . -10.35 -8.84 -28.05
O2P F6P R . -10.66 -8.21 -25.70
O2P F6P R . -10.62 -8.17 -25.66
O3P F6P R . -11.38 -6.66 -27.48
O3P F6P R . -11.35 -6.67 -27.47
C1 GOL S . -8.66 -9.40 -18.62
O1 GOL S . -8.35 -10.74 -18.97
C2 GOL S . -7.42 -8.55 -18.94
O2 GOL S . -6.29 -9.07 -18.26
C3 GOL S . -7.21 -8.59 -20.44
O3 GOL S . -6.00 -7.90 -20.71
C1 GOL T . 0.82 -25.25 -45.72
O1 GOL T . 1.51 -25.53 -44.53
C2 GOL T . 0.37 -26.55 -46.37
O2 GOL T . 0.09 -27.49 -45.35
C3 GOL T . -0.93 -26.26 -47.12
O3 GOL T . -1.13 -27.20 -48.15
C1 GOL U . -0.80 6.20 -12.96
O1 GOL U . 0.37 5.80 -13.62
C2 GOL U . -1.66 7.04 -13.88
O2 GOL U . -2.87 7.32 -13.23
C3 GOL U . -1.92 6.30 -15.19
O3 GOL U . -2.64 5.11 -14.93
C1 GOL V . -6.08 24.05 -13.53
O1 GOL V . -5.09 23.79 -12.56
C2 GOL V . -6.26 22.86 -14.44
O2 GOL V . -5.92 21.65 -13.78
C3 GOL V . -7.70 22.81 -14.97
O3 GOL V . -8.18 24.08 -15.34
C1 GOL W . -12.66 -23.40 -46.49
O1 GOL W . -13.61 -23.34 -47.53
C2 GOL W . -13.33 -24.09 -45.31
O2 GOL W . -12.37 -24.33 -44.30
C3 GOL W . -14.42 -23.16 -44.79
O3 GOL W . -15.50 -23.94 -44.31
C1 GOL X . -2.23 -5.49 -47.02
O1 GOL X . -2.01 -4.36 -46.20
C2 GOL X . -3.72 -5.80 -47.04
O2 GOL X . -4.42 -4.65 -46.65
C3 GOL X . -4.15 -6.18 -48.45
O3 GOL X . -4.71 -5.04 -49.09
C1 GOL Y . 6.14 -25.97 -38.60
O1 GOL Y . 6.51 -27.12 -37.87
C2 GOL Y . 5.49 -26.32 -39.93
O2 GOL Y . 4.27 -25.60 -40.04
C3 GOL Y . 6.43 -25.92 -41.07
O3 GOL Y . 6.47 -24.52 -41.21
O1 F6P Z . 29.91 14.54 -3.16
O1 F6P Z . 30.31 16.16 -1.28
C1 F6P Z . 29.45 15.54 -2.34
C1 F6P Z . 29.38 15.51 -2.04
C2 F6P Z . 28.56 16.56 -3.01
C2 F6P Z . 28.45 16.41 -2.81
O2 F6P Z . 29.35 17.42 -3.77
O2 F6P Z . 29.20 17.20 -3.69
C3 F6P Z . 27.82 17.35 -2.04
C3 F6P Z . 27.69 17.28 -1.92
O3 F6P Z . 28.38 18.60 -1.88
O3 F6P Z . 28.33 18.47 -1.61
C4 F6P Z . 26.49 17.47 -2.66
C4 F6P Z . 26.50 17.52 -2.76
O4 F6P Z . 25.55 17.68 -1.69
O4 F6P Z . 25.48 18.07 -2.01
C5 F6P Z . 26.34 16.12 -3.28
C5 F6P Z . 26.22 16.13 -3.22
O5 F6P Z . 27.57 15.86 -3.85
O5 F6P Z . 27.46 15.60 -3.57
C6 F6P Z . 25.27 15.99 -4.31
C6 F6P Z . 25.28 16.02 -4.38
O6 F6P Z . 25.16 14.72 -4.85
O6 F6P Z . 25.18 14.74 -4.89
P F6P Z . 24.40 14.42 -6.16
P F6P Z . 24.40 14.42 -6.21
O1P F6P Z . 24.61 12.97 -6.53
O1P F6P Z . 24.60 12.96 -6.51
O2P F6P Z . 22.91 14.66 -5.96
O2P F6P Z . 22.93 14.70 -6.00
O3P F6P Z . 24.90 15.31 -7.27
O3P F6P Z . 24.91 15.26 -7.36
C1 GOL AA . 20.31 10.16 29.54
O1 GOL AA . 19.17 9.39 29.23
C2 GOL AA . 19.91 11.53 30.06
O2 GOL AA . 18.59 11.48 30.59
C3 GOL AA . 20.90 12.03 31.09
O3 GOL AA . 20.91 13.44 31.10
C1 GOL BA . 39.16 25.79 -26.74
O1 GOL BA . 39.63 25.25 -27.95
C2 GOL BA . 39.24 27.31 -26.82
O2 GOL BA . 38.82 27.73 -28.10
C3 GOL BA . 40.67 27.77 -26.58
O3 GOL BA . 41.19 27.20 -25.39
C1 GOL CA . 28.83 7.33 -3.79
O1 GOL CA . 29.51 6.19 -3.34
C2 GOL CA . 27.84 6.84 -4.83
O2 GOL CA . 26.95 7.90 -5.07
C3 GOL CA . 28.64 6.48 -6.07
O3 GOL CA . 29.51 5.40 -5.77
C1 GOL DA . 26.28 36.47 -3.60
O1 GOL DA . 26.66 36.08 -2.31
C2 GOL DA . 27.12 35.72 -4.62
O2 GOL DA . 27.04 34.34 -4.34
C3 GOL DA . 26.59 35.97 -6.02
O3 GOL DA . 26.31 37.35 -6.23
MG MG EA . 16.10 34.19 17.18
MG MG FA . 10.66 12.56 18.05
#